data_4QRP
#
_entry.id   4QRP
#
_cell.length_a   74.160
_cell.length_b   252.190
_cell.length_c   79.450
_cell.angle_alpha   90.00
_cell.angle_beta   101.97
_cell.angle_gamma   90.00
#
_symmetry.space_group_name_H-M   'P 1 21 1'
#
loop_
_entity.id
_entity.type
_entity.pdbx_description
1 polymer 'HLA class I histocompatibility antigen, B-8 alpha chain'
2 polymer Beta-2-microglobulin
3 polymer 'NS3-4A protein'
4 polymer 'DD31 TCR alpha chain'
5 polymer 'DD31 TCR beta chain'
6 non-polymer 'IODIDE ION'
7 non-polymer 'SODIUM ION'
8 water water
#
loop_
_entity_poly.entity_id
_entity_poly.type
_entity_poly.pdbx_seq_one_letter_code
_entity_poly.pdbx_strand_id
1 'polypeptide(L)'
;GSHSMRYFDTAMSRPGRGEPRFISVGYVDDTQFVRFDSDAASPREEPRAPWIEQEGPEYWDRNTQIFKTNTQTDRESLRN
LRGYYNQSEAGSHTLQSMYGCDVGPDGRLLRGHNQYAYDGKDYIALNEDLRSWTAADTAAQITQRKWEAARVAEQDRAYL
EGTCVEWLRRYLENGKDTLERADPPKTHVTHHPISDHEATLRCWALGFYPAEITLTWQRDGEDQTQDTELVETRPAGDRT
FQKWAAVVVPSGEEQRYTCHVQHEGLPKPLTLRWEP
;
A,F
2 'polypeptide(L)'
;MIQRTPKIQVYSRHPAENGKSNFLNCYVSGFHPSDIEVDLLKNGERIEKVEHSDLSFSKDWSFYLLYYTEFTPTEKDEYA
CRVNHVTLSQPKIVKWDRDM
;
B,G
3 'polypeptide(L)' HSKKKCDEL C,H
4 'polypeptide(L)'
;MGDSVTQMEGPVTLSEEAFLTINCTYTATGYPSLFWYVQYPGEGLQLLLKATKADDKGSNKGFEATYRKETTSFHLEKGS
VQVSDSAVYFCALSDPVNDMRFGAGTRLTVKPNIQNPDPAVYQLRDSKSSDKSVCLFTDFDSQTNVSQSKDSDVYITDKC
VLDMRSMDFKSNSAVAWSNKSDFACANAFNNSIIPEDTFFPSPESS
;
D,J,K
5 'polypeptide(L)'
;EAGVAQSPRYKIIEKRQSVAFWCNPISGHATLYWYQQILGQGPKLLIQFQNNGVVDDSQLPKDRFSAERLKGVDSTLKIQ
PAKLEDSAVYLCASSLRGRGDQPQHFGDGTRLSILEDLKNVFPPEVAVFEPSEAEISHTQKATLVCLATGFYPDHVELSW
WVNGKEVHSGVCTDPQPLKEQPALNDSRYALSSRLRVSATFWQNPRNHFRCQVQFYGLSENDEWTQDRAKPVTQIVSAEA
WGRAD
;
E,I,L
#
# COMPACT_ATOMS: atom_id res chain seq x y z
N GLY A 1 -15.42 47.39 -35.06
CA GLY A 1 -14.51 46.31 -35.40
C GLY A 1 -14.34 45.29 -34.29
N SER A 2 -14.92 44.09 -34.49
CA SER A 2 -14.84 42.96 -33.55
C SER A 2 -13.50 42.25 -33.69
N HIS A 3 -12.98 41.70 -32.58
CA HIS A 3 -11.69 41.01 -32.58
C HIS A 3 -11.72 39.61 -31.95
N SER A 4 -10.77 38.75 -32.35
CA SER A 4 -10.67 37.37 -31.85
C SER A 4 -9.25 36.81 -31.89
N MET A 5 -8.88 36.08 -30.83
CA MET A 5 -7.58 35.41 -30.72
C MET A 5 -7.78 33.91 -30.84
N ARG A 6 -6.88 33.22 -31.56
CA ARG A 6 -6.98 31.77 -31.75
C ARG A 6 -5.60 31.14 -31.82
N TYR A 7 -5.44 30.01 -31.11
CA TYR A 7 -4.21 29.24 -31.09
C TYR A 7 -4.42 27.93 -31.81
N PHE A 8 -3.51 27.60 -32.74
CA PHE A 8 -3.56 26.39 -33.56
C PHE A 8 -2.35 25.51 -33.23
N ASP A 9 -2.59 24.39 -32.51
CA ASP A 9 -1.53 23.46 -32.13
C ASP A 9 -1.66 22.07 -32.77
N THR A 10 -0.51 21.47 -33.14
CA THR A 10 -0.46 20.13 -33.72
C THR A 10 0.54 19.25 -32.97
N ALA A 11 0.18 17.98 -32.77
CA ALA A 11 1.04 16.97 -32.15
C ALA A 11 1.21 15.88 -33.19
N MET A 12 2.46 15.57 -33.56
CA MET A 12 2.75 14.59 -34.59
C MET A 12 3.55 13.39 -34.15
N SER A 13 2.92 12.20 -34.27
CA SER A 13 3.53 10.91 -33.99
C SER A 13 4.40 10.51 -35.18
N ARG A 14 5.41 9.67 -34.92
CA ARG A 14 6.31 9.14 -35.95
C ARG A 14 6.43 7.62 -35.72
N PRO A 15 6.73 6.79 -36.75
CA PRO A 15 6.83 5.33 -36.50
C PRO A 15 8.01 4.92 -35.61
N GLY A 16 8.99 5.82 -35.41
CA GLY A 16 10.15 5.63 -34.53
C GLY A 16 9.69 5.87 -33.08
N ARG A 17 9.11 7.05 -32.81
CA ARG A 17 8.57 7.47 -31.52
C ARG A 17 7.33 8.34 -31.74
N GLY A 18 6.25 8.04 -31.02
CA GLY A 18 4.99 8.76 -31.11
C GLY A 18 5.02 10.11 -30.40
N GLU A 19 5.96 11.00 -30.83
CA GLU A 19 6.18 12.35 -30.28
C GLU A 19 6.98 13.37 -31.14
N PRO A 20 8.24 13.09 -31.62
CA PRO A 20 9.01 14.10 -32.37
C PRO A 20 8.54 15.52 -32.72
N ARG A 21 7.44 15.70 -33.48
CA ARG A 21 7.00 17.05 -33.86
C ARG A 21 5.81 17.65 -33.10
N PHE A 22 5.99 18.91 -32.62
CA PHE A 22 4.99 19.71 -31.90
C PHE A 22 5.05 21.16 -32.40
N ILE A 23 3.90 21.67 -32.88
CA ILE A 23 3.78 23.02 -33.44
C ILE A 23 2.65 23.78 -32.74
N SER A 24 2.92 25.02 -32.32
CA SER A 24 1.94 25.91 -31.70
C SER A 24 2.00 27.27 -32.40
N VAL A 25 0.89 27.68 -33.03
CA VAL A 25 0.80 28.94 -33.76
C VAL A 25 -0.31 29.83 -33.18
N GLY A 26 0.05 31.08 -32.86
CA GLY A 26 -0.86 32.07 -32.30
C GLY A 26 -1.28 33.09 -33.33
N TYR A 27 -2.60 33.37 -33.38
CA TYR A 27 -3.18 34.33 -34.32
C TYR A 27 -4.17 35.28 -33.66
N VAL A 28 -4.09 36.56 -34.07
CA VAL A 28 -5.03 37.63 -33.67
C VAL A 28 -5.71 37.97 -35.01
N ASP A 29 -7.02 37.66 -35.11
CA ASP A 29 -7.85 37.84 -36.31
C ASP A 29 -7.30 37.02 -37.49
N ASP A 30 -6.22 37.52 -38.16
CA ASP A 30 -5.57 36.88 -39.32
C ASP A 30 -4.06 37.01 -39.31
N THR A 31 -3.50 37.87 -38.44
CA THR A 31 -2.05 38.06 -38.33
C THR A 31 -1.45 37.18 -37.25
N GLN A 32 -0.32 36.59 -37.58
CA GLN A 32 0.45 35.72 -36.70
C GLN A 32 1.29 36.55 -35.74
N PHE A 33 1.44 36.08 -34.49
CA PHE A 33 2.24 36.77 -33.49
C PHE A 33 3.23 35.86 -32.76
N VAL A 34 2.88 34.56 -32.62
CA VAL A 34 3.73 33.58 -31.94
C VAL A 34 3.76 32.21 -32.63
N ARG A 35 4.95 31.61 -32.72
CA ARG A 35 5.16 30.29 -33.29
C ARG A 35 6.16 29.51 -32.45
N PHE A 36 5.71 28.35 -31.94
CA PHE A 36 6.52 27.43 -31.14
C PHE A 36 6.72 26.14 -31.91
N ASP A 37 7.97 25.67 -32.00
CA ASP A 37 8.31 24.45 -32.73
C ASP A 37 9.35 23.60 -31.98
N SER A 38 9.09 22.29 -31.87
CA SER A 38 9.96 21.33 -31.19
C SER A 38 11.22 21.02 -32.02
N ASP A 39 11.08 20.93 -33.36
CA ASP A 39 12.17 20.65 -34.31
C ASP A 39 13.12 21.85 -34.48
N ALA A 40 12.69 23.06 -34.06
CA ALA A 40 13.48 24.30 -34.16
C ALA A 40 14.63 24.31 -33.16
N ALA A 41 15.81 24.78 -33.60
CA ALA A 41 17.03 24.87 -32.78
C ALA A 41 17.44 26.33 -32.48
N SER A 42 17.58 26.72 -31.18
CA SER A 42 17.39 25.84 -30.01
C SER A 42 16.40 26.34 -28.89
N PRO A 43 15.39 27.23 -29.11
CA PRO A 43 14.95 27.90 -30.35
C PRO A 43 15.56 29.29 -30.58
N ARG A 44 16.03 29.53 -31.82
CA ARG A 44 16.68 30.78 -32.26
C ARG A 44 15.71 31.86 -32.72
N GLU A 45 14.61 31.46 -33.40
CA GLU A 45 13.57 32.36 -33.93
C GLU A 45 12.61 32.84 -32.82
N GLU A 46 13.11 32.90 -31.57
CA GLU A 46 12.36 33.31 -30.37
C GLU A 46 13.06 34.48 -29.66
N PRO A 47 12.43 35.69 -29.49
CA PRO A 47 11.08 36.11 -29.89
C PRO A 47 10.84 36.17 -31.41
N ARG A 48 9.55 36.26 -31.83
CA ARG A 48 9.19 36.27 -33.25
C ARG A 48 8.62 37.61 -33.77
N ALA A 49 7.38 37.99 -33.36
CA ALA A 49 6.72 39.23 -33.79
C ALA A 49 7.36 40.49 -33.20
N PRO A 50 7.22 41.69 -33.85
CA PRO A 50 7.86 42.90 -33.29
C PRO A 50 7.20 43.49 -32.04
N TRP A 51 5.85 43.48 -31.98
CA TRP A 51 5.08 44.03 -30.85
C TRP A 51 4.90 43.04 -29.69
N ILE A 52 5.47 41.83 -29.81
CA ILE A 52 5.41 40.81 -28.76
C ILE A 52 6.69 40.84 -27.91
N GLU A 53 7.82 41.28 -28.50
CA GLU A 53 9.11 41.38 -27.81
C GLU A 53 9.23 42.60 -26.88
N GLN A 54 8.18 43.48 -26.85
CA GLN A 54 8.11 44.65 -25.96
C GLN A 54 7.91 44.17 -24.51
N GLU A 55 7.23 43.02 -24.35
CA GLU A 55 6.97 42.36 -23.07
C GLU A 55 8.29 41.77 -22.59
N GLY A 56 8.51 41.83 -21.28
CA GLY A 56 9.74 41.35 -20.63
C GLY A 56 10.09 39.89 -20.86
N PRO A 57 11.31 39.45 -20.46
CA PRO A 57 11.67 38.03 -20.63
C PRO A 57 10.79 37.06 -19.86
N GLU A 58 10.10 37.55 -18.79
CA GLU A 58 9.17 36.77 -17.98
C GLU A 58 7.95 36.29 -18.79
N TYR A 59 7.57 37.04 -19.84
CA TYR A 59 6.47 36.70 -20.74
C TYR A 59 6.87 35.50 -21.59
N TRP A 60 8.04 35.59 -22.24
CA TRP A 60 8.56 34.55 -23.12
C TRP A 60 8.89 33.25 -22.42
N ASP A 61 9.51 33.33 -21.23
CA ASP A 61 9.86 32.16 -20.43
C ASP A 61 8.62 31.38 -19.99
N ARG A 62 7.52 32.10 -19.67
CA ARG A 62 6.23 31.54 -19.29
C ARG A 62 5.64 30.76 -20.47
N ASN A 63 5.57 31.39 -21.66
CA ASN A 63 5.03 30.76 -22.87
C ASN A 63 5.86 29.60 -23.39
N THR A 64 7.18 29.59 -23.09
CA THR A 64 8.10 28.49 -23.43
C THR A 64 7.82 27.34 -22.45
N GLN A 65 7.53 27.68 -21.16
CA GLN A 65 7.16 26.71 -20.12
C GLN A 65 5.81 26.08 -20.47
N ILE A 66 4.82 26.88 -20.94
CA ILE A 66 3.48 26.40 -21.33
C ILE A 66 3.59 25.40 -22.48
N PHE A 67 4.38 25.71 -23.52
CA PHE A 67 4.59 24.85 -24.69
C PHE A 67 5.22 23.52 -24.27
N LYS A 68 6.31 23.56 -23.46
CA LYS A 68 7.01 22.38 -22.93
C LYS A 68 6.08 21.47 -22.12
N THR A 69 5.17 22.06 -21.31
CA THR A 69 4.17 21.35 -20.51
C THR A 69 3.19 20.66 -21.47
N ASN A 70 2.70 21.42 -22.46
CA ASN A 70 1.74 20.96 -23.46
C ASN A 70 2.28 19.80 -24.31
N THR A 71 3.58 19.88 -24.73
CA THR A 71 4.25 18.84 -25.52
C THR A 71 4.32 17.50 -24.78
N GLN A 72 4.55 17.53 -23.44
CA GLN A 72 4.60 16.30 -22.63
C GLN A 72 3.20 15.75 -22.39
N THR A 73 2.18 16.63 -22.35
CA THR A 73 0.76 16.27 -22.20
C THR A 73 0.28 15.63 -23.50
N ASP A 74 0.72 16.18 -24.65
CA ASP A 74 0.38 15.68 -25.98
C ASP A 74 0.95 14.29 -26.22
N ARG A 75 2.18 14.02 -25.70
CA ARG A 75 2.86 12.71 -25.78
C ARG A 75 1.99 11.65 -25.10
N GLU A 76 1.40 12.01 -23.95
CA GLU A 76 0.52 11.15 -23.17
C GLU A 76 -0.78 10.93 -23.90
N SER A 77 -1.29 12.01 -24.54
CA SER A 77 -2.54 12.00 -25.30
C SER A 77 -2.42 11.10 -26.52
N LEU A 78 -1.29 11.17 -27.24
CA LEU A 78 -1.00 10.36 -28.43
C LEU A 78 -0.97 8.86 -28.13
N ARG A 79 -0.55 8.48 -26.89
CA ARG A 79 -0.51 7.10 -26.43
C ARG A 79 -1.92 6.62 -26.13
N ASN A 80 -2.70 7.43 -25.40
CA ASN A 80 -4.07 7.12 -24.98
C ASN A 80 -5.04 6.99 -26.15
N LEU A 81 -4.88 7.83 -27.19
CA LEU A 81 -5.71 7.82 -28.39
C LEU A 81 -5.47 6.55 -29.22
N ARG A 82 -4.21 6.06 -29.23
CA ARG A 82 -3.81 4.83 -29.93
C ARG A 82 -4.54 3.62 -29.37
N GLY A 83 -4.65 3.54 -28.04
CA GLY A 83 -5.34 2.46 -27.34
C GLY A 83 -6.84 2.47 -27.58
N TYR A 84 -7.44 3.68 -27.72
CA TYR A 84 -8.87 3.86 -27.94
C TYR A 84 -9.30 3.31 -29.31
N TYR A 85 -8.49 3.56 -30.36
CA TYR A 85 -8.76 3.11 -31.73
C TYR A 85 -7.99 1.83 -32.08
N ASN A 86 -7.30 1.24 -31.07
CA ASN A 86 -6.49 0.01 -31.16
C ASN A 86 -5.39 0.07 -32.23
N GLN A 87 -4.80 1.26 -32.40
CA GLN A 87 -3.74 1.55 -33.36
C GLN A 87 -2.39 1.03 -32.86
N SER A 88 -1.43 0.88 -33.79
CA SER A 88 -0.09 0.36 -33.53
C SER A 88 0.99 1.45 -33.52
N GLU A 89 2.17 1.12 -32.95
CA GLU A 89 3.36 1.98 -32.86
C GLU A 89 3.96 2.26 -34.26
N ALA A 90 3.63 1.42 -35.25
CA ALA A 90 4.08 1.55 -36.65
C ALA A 90 3.40 2.74 -37.34
N GLY A 91 2.21 3.11 -36.87
CA GLY A 91 1.43 4.22 -37.40
C GLY A 91 1.86 5.59 -36.92
N SER A 92 1.82 6.58 -37.84
CA SER A 92 2.12 7.98 -37.58
C SER A 92 0.80 8.73 -37.58
N HIS A 93 0.46 9.36 -36.46
CA HIS A 93 -0.82 10.05 -36.30
C HIS A 93 -0.69 11.54 -35.95
N THR A 94 -1.81 12.27 -36.05
CA THR A 94 -1.86 13.71 -35.80
C THR A 94 -2.99 14.12 -34.85
N LEU A 95 -2.61 14.79 -33.76
CA LEU A 95 -3.54 15.36 -32.77
C LEU A 95 -3.53 16.86 -32.96
N GLN A 96 -4.71 17.47 -33.08
CA GLN A 96 -4.83 18.92 -33.28
C GLN A 96 -5.71 19.57 -32.24
N SER A 97 -5.28 20.74 -31.75
CA SER A 97 -6.04 21.53 -30.78
C SER A 97 -6.22 22.95 -31.28
N MET A 98 -7.43 23.48 -31.11
CA MET A 98 -7.83 24.82 -31.55
C MET A 98 -8.58 25.53 -30.41
N TYR A 99 -7.91 26.47 -29.73
CA TYR A 99 -8.50 27.21 -28.62
C TYR A 99 -8.38 28.72 -28.79
N GLY A 100 -9.36 29.45 -28.28
CA GLY A 100 -9.38 30.90 -28.34
C GLY A 100 -10.66 31.56 -27.86
N CYS A 101 -10.69 32.90 -27.97
CA CYS A 101 -11.80 33.75 -27.55
C CYS A 101 -12.32 34.65 -28.68
N ASP A 102 -13.59 35.08 -28.56
CA ASP A 102 -14.24 35.98 -29.52
C ASP A 102 -14.80 37.20 -28.77
N VAL A 103 -14.31 38.41 -29.08
CA VAL A 103 -14.79 39.65 -28.46
C VAL A 103 -15.45 40.60 -29.48
N GLY A 104 -16.33 41.46 -28.97
CA GLY A 104 -17.05 42.44 -29.77
C GLY A 104 -16.30 43.73 -30.00
N PRO A 105 -17.02 44.85 -30.26
CA PRO A 105 -16.33 46.13 -30.50
C PRO A 105 -15.72 46.72 -29.22
N ASP A 106 -16.38 46.48 -28.07
CA ASP A 106 -15.98 46.95 -26.74
C ASP A 106 -14.78 46.18 -26.17
N GLY A 107 -14.90 44.85 -26.10
CA GLY A 107 -13.86 43.97 -25.58
C GLY A 107 -14.38 42.85 -24.71
N ARG A 108 -15.72 42.66 -24.69
CA ARG A 108 -16.39 41.61 -23.92
C ARG A 108 -16.53 40.31 -24.71
N LEU A 109 -16.31 39.17 -24.02
CA LEU A 109 -16.39 37.81 -24.57
C LEU A 109 -17.78 37.49 -25.12
N LEU A 110 -17.82 36.76 -26.26
CA LEU A 110 -19.03 36.31 -26.94
C LEU A 110 -19.04 34.79 -27.07
N ARG A 111 -17.91 34.22 -27.52
CA ARG A 111 -17.74 32.78 -27.72
C ARG A 111 -16.34 32.33 -27.28
N GLY A 112 -16.31 31.23 -26.52
CA GLY A 112 -15.10 30.59 -26.04
C GLY A 112 -14.89 29.27 -26.75
N HIS A 113 -13.73 29.14 -27.43
CA HIS A 113 -13.37 27.93 -28.19
C HIS A 113 -12.28 27.14 -27.50
N ASN A 114 -12.42 25.80 -27.56
CA ASN A 114 -11.48 24.80 -27.09
C ASN A 114 -11.89 23.50 -27.78
N GLN A 115 -11.39 23.33 -29.00
CA GLN A 115 -11.70 22.20 -29.86
C GLN A 115 -10.49 21.31 -30.06
N TYR A 116 -10.75 19.99 -30.23
CA TYR A 116 -9.74 18.96 -30.43
C TYR A 116 -10.08 18.08 -31.65
N ALA A 117 -9.04 17.50 -32.28
CA ALA A 117 -9.19 16.62 -33.43
C ALA A 117 -8.11 15.56 -33.52
N TYR A 118 -8.50 14.33 -33.90
CA TYR A 118 -7.57 13.22 -34.07
C TYR A 118 -7.65 12.72 -35.49
N ASP A 119 -6.51 12.80 -36.20
CA ASP A 119 -6.31 12.39 -37.59
C ASP A 119 -7.29 13.05 -38.59
N GLY A 120 -7.46 14.36 -38.46
CA GLY A 120 -8.32 15.16 -39.33
C GLY A 120 -9.77 15.26 -38.92
N LYS A 121 -10.27 14.26 -38.17
CA LYS A 121 -11.67 14.23 -37.72
C LYS A 121 -11.80 14.82 -36.30
N ASP A 122 -12.92 15.56 -36.06
CA ASP A 122 -13.27 16.17 -34.77
C ASP A 122 -13.31 15.14 -33.66
N TYR A 123 -12.72 15.45 -32.50
CA TYR A 123 -12.69 14.54 -31.36
C TYR A 123 -13.62 15.02 -30.24
N ILE A 124 -13.18 16.05 -29.47
CA ILE A 124 -13.97 16.62 -28.37
C ILE A 124 -14.00 18.16 -28.47
N ALA A 125 -15.17 18.76 -28.19
CA ALA A 125 -15.32 20.22 -28.26
C ALA A 125 -16.06 20.79 -27.05
N LEU A 126 -15.57 21.93 -26.55
CA LEU A 126 -16.15 22.65 -25.43
C LEU A 126 -17.37 23.44 -25.91
N ASN A 127 -18.51 23.23 -25.25
CA ASN A 127 -19.78 23.90 -25.56
C ASN A 127 -19.74 25.41 -25.23
N GLU A 128 -20.66 26.20 -25.82
CA GLU A 128 -20.77 27.65 -25.63
C GLU A 128 -20.92 28.07 -24.16
N ASP A 129 -21.64 27.26 -23.35
CA ASP A 129 -21.85 27.49 -21.91
C ASP A 129 -20.56 27.37 -21.07
N LEU A 130 -19.54 26.66 -21.62
CA LEU A 130 -18.21 26.43 -21.05
C LEU A 130 -18.21 25.53 -19.79
N ARG A 131 -19.23 24.66 -19.67
CA ARG A 131 -19.35 23.71 -18.55
C ARG A 131 -19.56 22.26 -19.05
N SER A 132 -20.06 22.10 -20.30
CA SER A 132 -20.29 20.80 -20.93
C SER A 132 -19.40 20.57 -22.17
N TRP A 133 -19.23 19.29 -22.57
CA TRP A 133 -18.42 18.88 -23.72
C TRP A 133 -19.25 18.18 -24.79
N THR A 134 -18.73 18.12 -26.04
CA THR A 134 -19.36 17.47 -27.18
C THR A 134 -18.42 16.41 -27.77
N ALA A 135 -18.78 15.13 -27.59
CA ALA A 135 -18.02 13.99 -28.10
C ALA A 135 -18.46 13.71 -29.54
N ALA A 136 -17.50 13.57 -30.46
CA ALA A 136 -17.78 13.32 -31.87
C ALA A 136 -17.71 11.84 -32.29
N ASP A 137 -17.39 10.94 -31.33
CA ASP A 137 -17.28 9.47 -31.53
C ASP A 137 -17.36 8.69 -30.21
N THR A 138 -17.26 7.33 -30.31
CA THR A 138 -17.31 6.38 -29.18
C THR A 138 -16.12 6.55 -28.23
N ALA A 139 -14.90 6.77 -28.79
CA ALA A 139 -13.66 6.96 -28.02
C ALA A 139 -13.62 8.33 -27.37
N ALA A 140 -14.36 9.30 -27.93
CA ALA A 140 -14.45 10.66 -27.43
C ALA A 140 -15.30 10.72 -26.16
N GLN A 141 -16.19 9.71 -25.98
CA GLN A 141 -17.08 9.57 -24.81
C GLN A 141 -16.24 9.29 -23.56
N ILE A 142 -15.22 8.40 -23.69
CA ILE A 142 -14.33 8.04 -22.58
C ILE A 142 -13.39 9.17 -22.13
N THR A 143 -13.13 10.15 -23.01
CA THR A 143 -12.32 11.33 -22.69
C THR A 143 -13.23 12.31 -21.94
N GLN A 144 -14.52 12.39 -22.33
CA GLN A 144 -15.51 13.27 -21.70
C GLN A 144 -15.72 12.90 -20.23
N ARG A 145 -15.88 11.60 -19.92
CA ARG A 145 -16.05 11.11 -18.55
C ARG A 145 -14.78 11.30 -17.72
N LYS A 146 -13.60 11.20 -18.38
CA LYS A 146 -12.28 11.40 -17.78
C LYS A 146 -12.13 12.88 -17.43
N TRP A 147 -12.57 13.77 -18.34
CA TRP A 147 -12.49 15.22 -18.19
C TRP A 147 -13.53 15.85 -17.28
N GLU A 148 -14.76 15.31 -17.22
CA GLU A 148 -15.79 15.84 -16.34
C GLU A 148 -15.51 15.49 -14.86
N ALA A 149 -14.84 14.35 -14.62
CA ALA A 149 -14.44 13.91 -13.29
C ALA A 149 -13.27 14.77 -12.82
N ALA A 150 -12.32 15.06 -13.74
CA ALA A 150 -11.13 15.89 -13.50
C ALA A 150 -11.47 17.38 -13.44
N ARG A 151 -12.72 17.76 -13.82
CA ARG A 151 -13.28 19.13 -13.83
C ARG A 151 -12.45 20.09 -14.71
N VAL A 152 -12.02 19.60 -15.89
CA VAL A 152 -11.20 20.31 -16.88
C VAL A 152 -11.90 21.58 -17.41
N ALA A 153 -13.24 21.50 -17.61
CA ALA A 153 -14.07 22.60 -18.11
C ALA A 153 -14.01 23.86 -17.23
N GLU A 154 -13.97 23.68 -15.88
CA GLU A 154 -13.87 24.77 -14.89
C GLU A 154 -12.65 25.66 -15.13
N GLN A 155 -11.47 25.03 -15.36
CA GLN A 155 -10.20 25.71 -15.62
C GLN A 155 -10.17 26.32 -17.02
N ASP A 156 -10.75 25.63 -18.01
CA ASP A 156 -10.80 26.09 -19.40
C ASP A 156 -11.66 27.35 -19.53
N ARG A 157 -12.84 27.36 -18.89
CA ARG A 157 -13.76 28.51 -18.83
C ARG A 157 -13.00 29.70 -18.23
N ALA A 158 -12.29 29.47 -17.10
CA ALA A 158 -11.48 30.44 -16.37
C ALA A 158 -10.37 31.07 -17.21
N TYR A 159 -9.75 30.31 -18.13
CA TYR A 159 -8.72 30.84 -19.02
C TYR A 159 -9.35 31.72 -20.10
N LEU A 160 -10.45 31.23 -20.72
CA LEU A 160 -11.14 31.93 -21.81
C LEU A 160 -11.81 33.23 -21.35
N GLU A 161 -12.55 33.18 -20.23
CA GLU A 161 -13.24 34.33 -19.64
C GLU A 161 -12.28 35.36 -19.03
N GLY A 162 -11.13 34.89 -18.55
CA GLY A 162 -10.11 35.72 -17.92
C GLY A 162 -8.93 36.04 -18.80
N THR A 163 -7.83 35.27 -18.65
CA THR A 163 -6.55 35.39 -19.35
C THR A 163 -6.65 35.70 -20.86
N CYS A 164 -7.52 34.99 -21.60
CA CYS A 164 -7.72 35.17 -23.04
C CYS A 164 -8.21 36.57 -23.41
N VAL A 165 -9.32 37.02 -22.77
CA VAL A 165 -9.93 38.34 -22.95
C VAL A 165 -8.93 39.44 -22.55
N GLU A 166 -8.31 39.31 -21.35
CA GLU A 166 -7.32 40.22 -20.77
C GLU A 166 -6.12 40.45 -21.70
N TRP A 167 -5.59 39.37 -22.28
CA TRP A 167 -4.44 39.45 -23.17
C TRP A 167 -4.75 39.98 -24.55
N LEU A 168 -5.90 39.59 -25.14
CA LEU A 168 -6.34 40.05 -26.45
C LEU A 168 -6.53 41.57 -26.48
N ARG A 169 -7.22 42.15 -25.45
CA ARG A 169 -7.41 43.61 -25.36
C ARG A 169 -6.07 44.34 -25.21
N ARG A 170 -5.11 43.72 -24.49
CA ARG A 170 -3.76 44.25 -24.30
C ARG A 170 -2.98 44.17 -25.62
N TYR A 171 -3.14 43.05 -26.37
CA TYR A 171 -2.50 42.82 -27.67
C TYR A 171 -2.95 43.85 -28.70
N LEU A 172 -4.24 44.25 -28.63
CA LEU A 172 -4.87 45.25 -29.47
C LEU A 172 -4.25 46.64 -29.25
N GLU A 173 -4.10 47.05 -27.98
CA GLU A 173 -3.53 48.32 -27.55
C GLU A 173 -2.05 48.49 -27.91
N ASN A 174 -1.25 47.39 -27.78
CA ASN A 174 0.19 47.38 -28.05
C ASN A 174 0.59 47.65 -29.51
N GLY A 175 -0.32 47.37 -30.44
CA GLY A 175 -0.10 47.59 -31.87
C GLY A 175 -1.40 47.78 -32.64
N LYS A 176 -2.12 48.90 -32.36
CA LYS A 176 -3.39 49.27 -33.00
C LYS A 176 -3.23 49.39 -34.52
N ASP A 177 -2.13 50.06 -34.93
CA ASP A 177 -1.72 50.31 -36.32
C ASP A 177 -1.51 49.03 -37.14
N THR A 178 -1.17 47.91 -36.48
CA THR A 178 -0.92 46.62 -37.11
C THR A 178 -2.06 45.60 -36.98
N LEU A 179 -3.03 45.84 -36.06
CA LEU A 179 -4.16 44.93 -35.83
C LEU A 179 -5.53 45.55 -36.09
N GLU A 180 -5.80 46.75 -35.53
CA GLU A 180 -7.09 47.44 -35.70
C GLU A 180 -7.34 47.94 -37.13
N ARG A 181 -6.28 47.95 -37.98
CA ARG A 181 -6.29 48.35 -39.38
C ARG A 181 -7.26 47.50 -40.22
N ALA A 182 -7.84 48.11 -41.26
CA ALA A 182 -8.77 47.47 -42.18
C ALA A 182 -8.53 48.00 -43.59
N ASP A 183 -7.72 47.28 -44.37
CA ASP A 183 -7.34 47.65 -45.73
C ASP A 183 -8.40 47.27 -46.76
N PRO A 184 -8.87 48.22 -47.60
CA PRO A 184 -9.89 47.88 -48.61
C PRO A 184 -9.29 47.18 -49.84
N PRO A 185 -10.09 46.41 -50.62
CA PRO A 185 -9.52 45.74 -51.80
C PRO A 185 -9.48 46.56 -53.08
N LYS A 186 -8.36 46.44 -53.85
CA LYS A 186 -8.20 47.09 -55.15
C LYS A 186 -9.01 46.25 -56.16
N THR A 187 -10.28 46.64 -56.37
CA THR A 187 -11.24 45.92 -57.21
C THR A 187 -11.29 46.36 -58.67
N HIS A 188 -11.42 45.36 -59.58
CA HIS A 188 -11.54 45.52 -61.03
C HIS A 188 -12.17 44.29 -61.68
N VAL A 189 -12.96 44.49 -62.76
CA VAL A 189 -13.64 43.42 -63.50
C VAL A 189 -12.94 43.14 -64.84
N THR A 190 -12.70 41.86 -65.15
CA THR A 190 -12.02 41.43 -66.38
C THR A 190 -12.91 40.55 -67.25
N HIS A 191 -12.76 40.64 -68.59
CA HIS A 191 -13.54 39.86 -69.55
C HIS A 191 -12.67 38.85 -70.29
N HIS A 192 -13.21 37.64 -70.48
CA HIS A 192 -12.56 36.53 -71.18
C HIS A 192 -13.52 36.00 -72.25
N PRO A 193 -13.08 35.88 -73.53
CA PRO A 193 -14.00 35.41 -74.58
C PRO A 193 -14.37 33.93 -74.46
N ILE A 194 -13.38 33.02 -74.51
CA ILE A 194 -13.54 31.55 -74.43
C ILE A 194 -14.34 30.93 -75.60
N SER A 195 -15.63 31.33 -75.75
CA SER A 195 -16.51 30.85 -76.81
C SER A 195 -17.06 32.03 -77.64
N ASP A 196 -17.83 31.73 -78.70
CA ASP A 196 -18.48 32.73 -79.56
C ASP A 196 -19.84 33.09 -78.98
N HIS A 197 -20.50 32.10 -78.35
CA HIS A 197 -21.82 32.19 -77.71
C HIS A 197 -21.72 32.49 -76.21
N GLU A 198 -20.61 32.08 -75.56
CA GLU A 198 -20.37 32.28 -74.13
C GLU A 198 -19.19 33.21 -73.86
N ALA A 199 -19.11 33.74 -72.63
CA ALA A 199 -18.05 34.64 -72.16
C ALA A 199 -17.91 34.54 -70.63
N THR A 200 -16.73 34.87 -70.09
CA THR A 200 -16.48 34.80 -68.65
C THR A 200 -16.13 36.15 -68.03
N LEU A 201 -16.91 36.54 -67.00
CA LEU A 201 -16.72 37.77 -66.25
C LEU A 201 -16.16 37.44 -64.88
N ARG A 202 -14.96 37.96 -64.58
CA ARG A 202 -14.27 37.71 -63.33
C ARG A 202 -14.14 38.99 -62.50
N CYS A 203 -14.59 38.92 -61.24
CA CYS A 203 -14.49 40.04 -60.29
C CYS A 203 -13.29 39.79 -59.39
N TRP A 204 -12.39 40.78 -59.30
CA TRP A 204 -11.15 40.67 -58.53
C TRP A 204 -11.11 41.55 -57.29
N ALA A 205 -10.34 41.11 -56.27
CA ALA A 205 -10.12 41.80 -55.01
C ALA A 205 -8.68 41.52 -54.55
N LEU A 206 -7.86 42.56 -54.42
CA LEU A 206 -6.44 42.46 -54.06
C LEU A 206 -6.04 43.44 -52.96
N GLY A 207 -5.02 43.05 -52.17
CA GLY A 207 -4.46 43.85 -51.09
C GLY A 207 -5.42 44.24 -49.99
N PHE A 208 -6.24 43.28 -49.53
CA PHE A 208 -7.20 43.53 -48.45
C PHE A 208 -6.83 42.82 -47.14
N TYR A 209 -7.34 43.36 -46.02
CA TYR A 209 -7.14 42.83 -44.67
C TYR A 209 -8.29 43.28 -43.76
N PRO A 210 -8.94 42.37 -43.00
CA PRO A 210 -8.73 40.90 -42.90
C PRO A 210 -9.20 40.13 -44.13
N ALA A 211 -8.89 38.82 -44.19
CA ALA A 211 -9.24 37.91 -45.29
C ALA A 211 -10.75 37.77 -45.52
N GLU A 212 -11.55 37.86 -44.46
CA GLU A 212 -13.02 37.73 -44.47
C GLU A 212 -13.73 38.77 -45.35
N ILE A 213 -14.05 38.37 -46.60
CA ILE A 213 -14.75 39.20 -47.60
C ILE A 213 -15.88 38.44 -48.30
N THR A 214 -16.77 39.17 -48.99
CA THR A 214 -17.89 38.59 -49.73
C THR A 214 -17.92 39.12 -51.17
N LEU A 215 -17.94 38.21 -52.15
CA LEU A 215 -18.02 38.48 -53.58
C LEU A 215 -19.21 37.71 -54.15
N THR A 216 -20.20 38.42 -54.72
CA THR A 216 -21.41 37.78 -55.27
C THR A 216 -21.78 38.36 -56.63
N TRP A 217 -21.94 37.49 -57.64
CA TRP A 217 -22.35 37.87 -59.00
C TRP A 217 -23.86 37.75 -59.10
N GLN A 218 -24.50 38.71 -59.80
CA GLN A 218 -25.95 38.72 -59.98
C GLN A 218 -26.40 39.34 -61.29
N ARG A 219 -27.37 38.70 -61.96
CA ARG A 219 -27.96 39.23 -63.18
C ARG A 219 -29.40 39.65 -62.92
N ASP A 220 -29.80 40.85 -63.41
CA ASP A 220 -31.12 41.46 -63.23
C ASP A 220 -31.45 41.74 -61.75
N GLY A 221 -30.40 41.94 -60.95
CA GLY A 221 -30.51 42.20 -59.51
C GLY A 221 -30.77 40.95 -58.67
N GLU A 222 -30.85 39.77 -59.32
CA GLU A 222 -31.11 38.48 -58.68
C GLU A 222 -29.82 37.68 -58.58
N ASP A 223 -29.47 37.24 -57.34
CA ASP A 223 -28.25 36.48 -57.00
C ASP A 223 -28.07 35.21 -57.82
N GLN A 224 -26.89 35.08 -58.45
CA GLN A 224 -26.53 33.93 -59.27
C GLN A 224 -25.54 33.02 -58.52
N THR A 225 -25.81 32.80 -57.22
CA THR A 225 -24.99 31.97 -56.33
C THR A 225 -25.24 30.47 -56.58
N GLN A 226 -24.99 30.04 -57.83
CA GLN A 226 -25.13 28.67 -58.34
C GLN A 226 -24.13 28.46 -59.47
N ASP A 227 -24.11 29.41 -60.44
CA ASP A 227 -23.24 29.41 -61.63
C ASP A 227 -21.91 30.14 -61.37
N THR A 228 -21.67 30.54 -60.11
CA THR A 228 -20.47 31.25 -59.68
C THR A 228 -19.29 30.31 -59.41
N GLU A 229 -18.13 30.64 -59.98
CA GLU A 229 -16.87 29.93 -59.80
C GLU A 229 -16.05 30.76 -58.79
N LEU A 230 -16.41 30.63 -57.51
CA LEU A 230 -15.78 31.34 -56.39
C LEU A 230 -14.52 30.60 -55.95
N VAL A 231 -13.37 31.28 -55.96
CA VAL A 231 -12.11 30.69 -55.54
C VAL A 231 -11.80 31.08 -54.08
N GLU A 232 -11.17 30.18 -53.31
CA GLU A 232 -10.83 30.41 -51.89
C GLU A 232 -9.87 31.59 -51.67
N THR A 233 -10.06 32.32 -50.55
CA THR A 233 -9.23 33.48 -50.18
C THR A 233 -7.77 33.06 -50.01
N ARG A 234 -6.93 33.44 -50.98
CA ARG A 234 -5.50 33.12 -50.97
C ARG A 234 -4.68 34.27 -50.37
N PRO A 235 -3.61 33.98 -49.57
CA PRO A 235 -2.83 35.07 -48.98
C PRO A 235 -1.68 35.58 -49.85
N ALA A 236 -1.14 36.74 -49.49
CA ALA A 236 0.01 37.37 -50.15
C ALA A 236 1.11 37.52 -49.10
N GLY A 237 2.37 37.39 -49.53
CA GLY A 237 3.53 37.48 -48.65
C GLY A 237 3.83 38.85 -48.07
N ASP A 238 2.77 39.66 -47.80
CA ASP A 238 2.88 41.01 -47.23
C ASP A 238 1.66 41.39 -46.34
N ARG A 239 1.12 40.41 -45.59
CA ARG A 239 -0.03 40.54 -44.67
C ARG A 239 -1.32 41.01 -45.37
N THR A 240 -1.46 40.70 -46.67
CA THR A 240 -2.62 41.03 -47.50
C THR A 240 -3.21 39.76 -48.11
N PHE A 241 -4.44 39.84 -48.64
CA PHE A 241 -5.13 38.70 -49.22
C PHE A 241 -5.69 38.97 -50.61
N GLN A 242 -5.98 37.88 -51.36
CA GLN A 242 -6.52 37.90 -52.72
C GLN A 242 -7.68 36.92 -52.84
N LYS A 243 -8.68 37.24 -53.69
CA LYS A 243 -9.86 36.41 -53.96
C LYS A 243 -10.56 36.88 -55.24
N TRP A 244 -10.97 35.92 -56.10
CA TRP A 244 -11.72 36.23 -57.32
C TRP A 244 -12.99 35.39 -57.47
N ALA A 245 -13.96 35.92 -58.22
CA ALA A 245 -15.24 35.25 -58.49
C ALA A 245 -15.60 35.37 -59.98
N ALA A 246 -15.85 34.22 -60.64
CA ALA A 246 -16.18 34.15 -62.06
C ALA A 246 -17.59 33.62 -62.32
N VAL A 247 -18.20 34.02 -63.46
CA VAL A 247 -19.54 33.60 -63.86
C VAL A 247 -19.67 33.43 -65.39
N VAL A 248 -20.30 32.32 -65.83
CA VAL A 248 -20.52 32.03 -67.25
C VAL A 248 -21.68 32.85 -67.78
N VAL A 249 -21.39 33.70 -68.79
CA VAL A 249 -22.40 34.60 -69.37
C VAL A 249 -22.63 34.38 -70.87
N PRO A 250 -23.90 34.45 -71.37
CA PRO A 250 -24.12 34.33 -72.82
C PRO A 250 -23.67 35.63 -73.52
N SER A 251 -23.23 35.53 -74.79
CA SER A 251 -22.73 36.68 -75.56
C SER A 251 -23.79 37.78 -75.75
N GLY A 252 -23.40 39.02 -75.45
CA GLY A 252 -24.25 40.20 -75.55
C GLY A 252 -24.95 40.58 -74.26
N GLU A 253 -25.14 39.59 -73.35
CA GLU A 253 -25.82 39.76 -72.05
C GLU A 253 -24.86 40.21 -70.92
N GLU A 254 -23.66 40.71 -71.25
CA GLU A 254 -22.62 41.16 -70.31
C GLU A 254 -23.12 42.21 -69.33
N GLN A 255 -23.82 43.25 -69.84
CA GLN A 255 -24.32 44.37 -69.04
C GLN A 255 -25.45 44.03 -68.06
N ARG A 256 -26.06 42.83 -68.17
CA ARG A 256 -27.10 42.36 -67.26
C ARG A 256 -26.51 41.96 -65.91
N TYR A 257 -25.26 41.44 -65.93
CA TYR A 257 -24.52 40.96 -64.77
C TYR A 257 -23.82 42.07 -64.01
N THR A 258 -23.92 42.03 -62.67
CA THR A 258 -23.32 42.98 -61.73
C THR A 258 -22.75 42.26 -60.50
N CYS A 259 -21.62 42.76 -59.97
CA CYS A 259 -21.01 42.15 -58.80
C CYS A 259 -21.02 43.03 -57.56
N HIS A 260 -21.31 42.43 -56.40
CA HIS A 260 -21.36 43.10 -55.10
C HIS A 260 -20.15 42.68 -54.24
N VAL A 261 -19.43 43.67 -53.71
CA VAL A 261 -18.25 43.45 -52.86
C VAL A 261 -18.55 43.98 -51.46
N GLN A 262 -18.37 43.13 -50.43
CA GLN A 262 -18.60 43.49 -49.02
C GLN A 262 -17.37 43.19 -48.17
N HIS A 263 -16.88 44.20 -47.46
CA HIS A 263 -15.68 44.13 -46.61
C HIS A 263 -15.78 45.17 -45.49
N GLU A 264 -15.12 44.92 -44.35
CA GLU A 264 -15.07 45.83 -43.20
C GLU A 264 -14.28 47.09 -43.57
N GLY A 265 -13.20 46.89 -44.33
CA GLY A 265 -12.33 47.96 -44.81
C GLY A 265 -12.94 48.87 -45.85
N LEU A 266 -14.18 48.57 -46.29
CA LEU A 266 -14.91 49.36 -47.28
C LEU A 266 -15.94 50.28 -46.60
N PRO A 267 -16.01 51.57 -47.01
CA PRO A 267 -17.00 52.47 -46.39
C PRO A 267 -18.43 52.19 -46.84
N LYS A 268 -18.61 51.90 -48.14
CA LYS A 268 -19.88 51.57 -48.79
C LYS A 268 -19.65 50.36 -49.71
N PRO A 269 -20.52 49.30 -49.66
CA PRO A 269 -20.31 48.14 -50.54
C PRO A 269 -20.32 48.46 -52.03
N LEU A 270 -19.26 48.02 -52.73
CA LEU A 270 -19.06 48.27 -54.17
C LEU A 270 -20.02 47.47 -55.04
N THR A 271 -20.51 48.11 -56.13
CA THR A 271 -21.40 47.48 -57.10
C THR A 271 -20.74 47.62 -58.48
N LEU A 272 -19.71 46.80 -58.72
CA LEU A 272 -18.91 46.76 -59.94
C LEU A 272 -19.66 46.29 -61.19
N ARG A 273 -19.09 46.62 -62.36
CA ARG A 273 -19.64 46.34 -63.70
C ARG A 273 -18.49 46.29 -64.72
N TRP A 274 -18.72 45.62 -65.88
CA TRP A 274 -17.75 45.55 -66.97
C TRP A 274 -17.84 46.85 -67.79
N GLU A 275 -16.84 47.73 -67.63
CA GLU A 275 -16.77 49.03 -68.29
C GLU A 275 -16.31 49.05 -69.78
N PRO A 276 -15.14 48.49 -70.18
CA PRO A 276 -14.78 48.54 -71.60
C PRO A 276 -15.45 47.44 -72.43
N ILE B 2 -9.89 10.32 -43.33
CA ILE B 2 -8.58 10.67 -42.76
C ILE B 2 -7.64 11.35 -43.77
N GLN B 3 -7.72 10.96 -45.06
CA GLN B 3 -6.90 11.53 -46.13
C GLN B 3 -7.63 12.64 -46.90
N ARG B 4 -6.91 13.74 -47.19
CA ARG B 4 -7.42 14.91 -47.91
C ARG B 4 -6.38 15.38 -48.92
N THR B 5 -6.83 15.64 -50.16
CA THR B 5 -5.97 16.07 -51.27
C THR B 5 -5.78 17.61 -51.36
N PRO B 6 -4.53 18.10 -51.63
CA PRO B 6 -4.32 19.56 -51.69
C PRO B 6 -4.98 20.33 -52.82
N LYS B 7 -5.43 21.56 -52.53
CA LYS B 7 -6.05 22.52 -53.45
C LYS B 7 -4.96 23.55 -53.76
N ILE B 8 -4.28 23.37 -54.89
CA ILE B 8 -3.17 24.24 -55.32
C ILE B 8 -3.67 25.49 -56.06
N GLN B 9 -3.01 26.63 -55.79
CA GLN B 9 -3.30 27.93 -56.43
C GLN B 9 -1.98 28.60 -56.77
N VAL B 10 -1.73 28.83 -58.07
CA VAL B 10 -0.50 29.49 -58.53
C VAL B 10 -0.83 30.90 -58.96
N TYR B 11 -0.16 31.89 -58.33
CA TYR B 11 -0.38 33.31 -58.55
C TYR B 11 0.83 34.17 -58.21
N SER B 12 0.71 35.49 -58.43
CA SER B 12 1.74 36.50 -58.17
C SER B 12 1.26 37.48 -57.09
N ARG B 13 2.22 38.17 -56.42
CA ARG B 13 1.97 39.13 -55.34
C ARG B 13 1.08 40.31 -55.79
N HIS B 14 1.35 40.85 -57.00
CA HIS B 14 0.62 41.96 -57.61
C HIS B 14 0.69 41.86 -59.15
N PRO B 15 -0.37 42.21 -59.92
CA PRO B 15 -0.29 42.07 -61.39
C PRO B 15 0.75 42.97 -62.07
N ALA B 16 1.99 42.46 -62.16
CA ALA B 16 3.12 43.16 -62.75
C ALA B 16 3.29 42.77 -64.22
N GLU B 17 3.64 43.75 -65.07
CA GLU B 17 3.86 43.58 -66.50
C GLU B 17 5.22 42.93 -66.80
N ASN B 18 5.44 42.55 -68.08
CA ASN B 18 6.67 41.91 -68.55
C ASN B 18 7.90 42.83 -68.40
N GLY B 19 8.49 42.79 -67.20
CA GLY B 19 9.66 43.58 -66.84
C GLY B 19 9.74 43.95 -65.38
N LYS B 20 8.62 44.47 -64.83
CA LYS B 20 8.50 44.93 -63.44
C LYS B 20 8.63 43.82 -62.39
N SER B 21 9.32 44.14 -61.27
CA SER B 21 9.60 43.26 -60.13
C SER B 21 8.34 42.75 -59.43
N ASN B 22 8.35 41.46 -59.02
CA ASN B 22 7.21 40.80 -58.37
C ASN B 22 7.67 39.61 -57.51
N PHE B 23 6.71 38.87 -56.92
CA PHE B 23 6.92 37.67 -56.12
C PHE B 23 5.95 36.58 -56.58
N LEU B 24 6.50 35.42 -57.02
CA LEU B 24 5.69 34.30 -57.48
C LEU B 24 5.31 33.41 -56.29
N ASN B 25 4.00 33.35 -56.00
CA ASN B 25 3.43 32.59 -54.89
C ASN B 25 2.77 31.27 -55.31
N CYS B 26 2.65 30.33 -54.36
CA CYS B 26 2.02 29.02 -54.51
C CYS B 26 1.41 28.63 -53.16
N TYR B 27 0.07 28.55 -53.12
CA TYR B 27 -0.70 28.25 -51.91
C TYR B 27 -1.39 26.91 -51.98
N VAL B 28 -0.94 25.97 -51.13
CA VAL B 28 -1.48 24.61 -51.02
C VAL B 28 -2.32 24.50 -49.74
N SER B 29 -3.60 24.15 -49.87
CA SER B 29 -4.51 24.03 -48.73
C SER B 29 -5.50 22.87 -48.90
N GLY B 30 -6.18 22.51 -47.81
CA GLY B 30 -7.16 21.43 -47.80
C GLY B 30 -6.55 20.05 -47.81
N PHE B 31 -5.32 19.90 -47.28
CA PHE B 31 -4.61 18.62 -47.26
C PHE B 31 -4.32 18.10 -45.86
N HIS B 32 -4.42 16.77 -45.70
CA HIS B 32 -4.16 16.02 -44.47
C HIS B 32 -3.57 14.65 -44.83
N PRO B 33 -2.42 14.23 -44.24
CA PRO B 33 -1.60 14.88 -43.20
C PRO B 33 -0.73 16.04 -43.69
N SER B 34 0.05 16.63 -42.76
CA SER B 34 0.94 17.76 -42.97
C SER B 34 2.07 17.53 -43.97
N ASP B 35 2.46 16.25 -44.18
CA ASP B 35 3.55 15.85 -45.08
C ASP B 35 3.26 16.22 -46.54
N ILE B 36 4.02 17.18 -47.09
CA ILE B 36 3.89 17.67 -48.46
C ILE B 36 5.24 18.21 -48.98
N GLU B 37 5.52 17.97 -50.28
CA GLU B 37 6.75 18.43 -50.94
C GLU B 37 6.40 19.36 -52.11
N VAL B 38 6.67 20.66 -51.94
CA VAL B 38 6.36 21.70 -52.92
C VAL B 38 7.63 22.47 -53.33
N ASP B 39 7.87 22.59 -54.65
CA ASP B 39 8.98 23.33 -55.24
C ASP B 39 8.55 23.92 -56.59
N LEU B 40 8.27 25.23 -56.60
CA LEU B 40 7.82 25.98 -57.79
C LEU B 40 8.83 26.02 -58.93
N LEU B 41 8.35 25.90 -60.18
CA LEU B 41 9.21 25.86 -61.36
C LEU B 41 8.86 26.82 -62.49
N LYS B 42 9.91 27.40 -63.12
CA LYS B 42 9.87 28.31 -64.28
C LYS B 42 11.23 28.42 -65.02
N ASN B 43 11.55 27.47 -65.94
CA ASN B 43 10.75 26.29 -66.32
C ASN B 43 11.66 25.08 -66.54
N GLY B 44 11.25 23.94 -66.00
CA GLY B 44 12.01 22.69 -66.13
C GLY B 44 12.37 22.04 -64.81
N GLU B 45 13.65 22.14 -64.42
CA GLU B 45 14.17 21.53 -63.19
C GLU B 45 14.54 22.55 -62.11
N ARG B 46 14.24 22.19 -60.85
CA ARG B 46 14.45 22.86 -59.55
C ARG B 46 15.17 24.22 -59.50
N ILE B 47 14.49 25.22 -58.91
CA ILE B 47 15.01 26.57 -58.68
C ILE B 47 15.46 26.64 -57.20
N GLU B 48 16.64 27.25 -56.95
CA GLU B 48 17.17 27.43 -55.60
C GLU B 48 16.53 28.66 -54.92
N LYS B 49 16.95 28.97 -53.66
CA LYS B 49 16.46 30.08 -52.83
C LYS B 49 14.92 30.20 -52.72
N VAL B 50 14.25 29.04 -52.51
CA VAL B 50 12.79 28.96 -52.37
C VAL B 50 12.39 29.13 -50.90
N GLU B 51 11.72 30.26 -50.60
CA GLU B 51 11.24 30.58 -49.25
C GLU B 51 9.85 29.97 -49.07
N HIS B 52 9.50 29.64 -47.81
CA HIS B 52 8.19 29.07 -47.49
C HIS B 52 7.70 29.47 -46.12
N SER B 53 6.38 29.72 -46.01
CA SER B 53 5.73 30.06 -44.74
C SER B 53 5.68 28.80 -43.89
N ASP B 54 5.52 28.94 -42.58
CA ASP B 54 5.50 27.75 -41.72
C ASP B 54 4.09 27.22 -41.45
N LEU B 55 3.96 25.88 -41.42
CA LEU B 55 2.73 25.09 -41.27
C LEU B 55 1.73 25.49 -40.18
N SER B 56 0.45 25.61 -40.58
CA SER B 56 -0.71 25.90 -39.75
C SER B 56 -1.98 25.36 -40.43
N PHE B 57 -3.04 25.14 -39.65
CA PHE B 57 -4.30 24.60 -40.16
C PHE B 57 -5.48 25.57 -40.04
N SER B 58 -6.58 25.26 -40.76
CA SER B 58 -7.81 26.06 -40.78
C SER B 58 -8.93 25.47 -39.90
N LYS B 59 -10.07 26.18 -39.80
CA LYS B 59 -11.27 25.82 -39.02
C LYS B 59 -11.75 24.37 -39.26
N ASP B 60 -11.57 23.84 -40.51
CA ASP B 60 -11.96 22.48 -40.90
C ASP B 60 -10.83 21.44 -40.70
N TRP B 61 -9.79 21.79 -39.93
CA TRP B 61 -8.63 20.95 -39.56
C TRP B 61 -7.56 20.71 -40.64
N SER B 62 -7.87 21.07 -41.89
CA SER B 62 -6.94 20.91 -43.02
C SER B 62 -5.82 21.95 -42.97
N PHE B 63 -4.59 21.51 -43.28
CA PHE B 63 -3.39 22.35 -43.26
C PHE B 63 -3.27 23.28 -44.47
N TYR B 64 -2.38 24.29 -44.37
CA TYR B 64 -2.06 25.25 -45.42
C TYR B 64 -0.60 25.69 -45.38
N LEU B 65 -0.01 25.90 -46.56
CA LEU B 65 1.39 26.33 -46.72
C LEU B 65 1.55 27.23 -47.94
N LEU B 66 2.28 28.35 -47.77
CA LEU B 66 2.57 29.29 -48.86
C LEU B 66 4.05 29.25 -49.23
N TYR B 67 4.33 28.97 -50.50
CA TYR B 67 5.69 28.89 -51.06
C TYR B 67 5.90 30.05 -52.02
N TYR B 68 6.94 30.88 -51.77
CA TYR B 68 7.20 32.07 -52.58
C TYR B 68 8.68 32.36 -52.84
N THR B 69 8.98 33.01 -53.99
CA THR B 69 10.31 33.44 -54.43
C THR B 69 10.20 34.72 -55.29
N GLU B 70 11.31 35.51 -55.38
CA GLU B 70 11.33 36.74 -56.18
C GLU B 70 11.11 36.41 -57.66
N PHE B 71 10.07 37.01 -58.24
CA PHE B 71 9.63 36.77 -59.61
C PHE B 71 10.41 37.59 -60.66
N THR B 72 9.99 38.86 -60.91
CA THR B 72 10.54 39.80 -61.91
C THR B 72 10.50 39.16 -63.34
N PRO B 73 9.30 38.95 -63.93
CA PRO B 73 9.24 38.29 -65.26
C PRO B 73 9.17 39.26 -66.44
N THR B 74 9.79 38.87 -67.59
CA THR B 74 9.78 39.66 -68.82
C THR B 74 9.41 38.73 -69.99
N GLU B 75 8.12 38.31 -70.03
CA GLU B 75 7.53 37.39 -71.03
C GLU B 75 8.28 36.04 -71.11
N LYS B 76 9.15 35.78 -70.11
CA LYS B 76 9.97 34.58 -70.01
C LYS B 76 9.11 33.37 -69.68
N ASP B 77 9.03 32.44 -70.64
CA ASP B 77 8.26 31.20 -70.56
C ASP B 77 8.86 30.24 -69.52
N GLU B 78 8.06 29.62 -68.59
CA GLU B 78 6.61 29.67 -68.36
C GLU B 78 6.30 28.90 -67.05
N TYR B 79 5.01 28.84 -66.63
CA TYR B 79 4.49 28.11 -65.45
C TYR B 79 5.21 28.40 -64.07
N ALA B 80 4.98 27.73 -62.88
CA ALA B 80 4.10 26.68 -62.29
C ALA B 80 4.70 26.23 -60.93
N CYS B 81 4.34 25.01 -60.47
CA CYS B 81 4.82 24.38 -59.23
C CYS B 81 4.67 22.86 -59.29
N ARG B 82 5.52 22.14 -58.53
CA ARG B 82 5.48 20.68 -58.44
C ARG B 82 5.03 20.30 -57.02
N VAL B 83 3.85 19.67 -56.91
CA VAL B 83 3.26 19.28 -55.63
C VAL B 83 3.05 17.77 -55.58
N ASN B 84 3.63 17.10 -54.57
CA ASN B 84 3.47 15.65 -54.36
C ASN B 84 3.01 15.36 -52.93
N HIS B 85 1.92 14.58 -52.81
CA HIS B 85 1.29 14.22 -51.55
C HIS B 85 1.01 12.71 -51.53
N VAL B 86 0.70 12.16 -50.34
CA VAL B 86 0.36 10.76 -50.12
C VAL B 86 -0.95 10.38 -50.88
N THR B 87 -1.83 11.38 -51.10
CA THR B 87 -3.10 11.22 -51.82
C THR B 87 -2.89 11.31 -53.33
N LEU B 88 -1.68 11.72 -53.77
CA LEU B 88 -1.31 11.92 -55.17
C LEU B 88 -0.43 10.80 -55.72
N SER B 89 -0.79 10.29 -56.93
CA SER B 89 -0.07 9.23 -57.64
C SER B 89 1.24 9.76 -58.21
N GLN B 90 1.17 10.82 -59.06
CA GLN B 90 2.31 11.47 -59.70
C GLN B 90 2.27 12.97 -59.37
N PRO B 91 3.44 13.65 -59.14
CA PRO B 91 3.41 15.08 -58.79
C PRO B 91 2.59 15.97 -59.73
N LYS B 92 1.48 16.54 -59.20
CA LYS B 92 0.56 17.43 -59.93
C LYS B 92 1.24 18.77 -60.18
N ILE B 93 1.17 19.25 -61.44
CA ILE B 93 1.76 20.52 -61.85
C ILE B 93 0.68 21.50 -62.33
N VAL B 94 0.44 22.54 -61.53
CA VAL B 94 -0.55 23.58 -61.83
C VAL B 94 0.20 24.75 -62.46
N LYS B 95 -0.13 25.08 -63.72
CA LYS B 95 0.50 26.16 -64.49
C LYS B 95 0.04 27.56 -64.06
N TRP B 96 0.95 28.54 -64.19
CA TRP B 96 0.68 29.95 -63.86
C TRP B 96 0.08 30.69 -65.05
N ASP B 97 -1.16 31.19 -64.89
CA ASP B 97 -1.91 31.93 -65.89
C ASP B 97 -2.16 33.36 -65.42
N ARG B 98 -1.81 34.37 -66.27
CA ARG B 98 -1.94 35.81 -66.00
C ARG B 98 -3.31 36.26 -65.45
N ASP B 99 -4.41 35.75 -66.03
CA ASP B 99 -5.79 36.08 -65.66
C ASP B 99 -6.50 34.96 -64.86
N MET B 100 -5.80 33.81 -64.66
CA MET B 100 -6.24 32.63 -63.92
C MET B 100 -7.54 32.00 -64.44
N HIS C 1 -1.89 34.85 -25.15
CA HIS C 1 -1.19 34.00 -24.19
C HIS C 1 -1.58 32.53 -24.36
N SER C 2 -0.59 31.61 -24.28
CA SER C 2 -0.79 30.17 -24.42
C SER C 2 -1.55 29.59 -23.23
N LYS C 3 -2.57 28.73 -23.50
CA LYS C 3 -3.37 28.05 -22.47
C LYS C 3 -2.61 26.86 -21.95
N LYS C 4 -2.63 26.65 -20.62
CA LYS C 4 -1.97 25.52 -19.97
C LYS C 4 -2.84 24.29 -20.21
N LYS C 5 -2.32 23.32 -20.96
CA LYS C 5 -3.02 22.07 -21.25
C LYS C 5 -2.28 20.98 -20.49
N CYS C 6 -2.80 20.63 -19.31
CA CYS C 6 -2.18 19.67 -18.40
C CYS C 6 -2.91 18.33 -18.39
N ASP C 7 -4.22 18.35 -18.69
CA ASP C 7 -5.05 17.16 -18.73
C ASP C 7 -4.96 16.48 -20.08
N GLU C 8 -4.34 15.30 -20.10
CA GLU C 8 -4.18 14.46 -21.29
C GLU C 8 -5.52 13.89 -21.76
N LEU C 9 -5.59 13.48 -23.04
CA LEU C 9 -6.80 12.90 -23.64
C LEU C 9 -7.11 11.49 -23.14
N MET D 1 -0.46 36.48 -16.70
CA MET D 1 0.64 37.16 -16.02
C MET D 1 0.21 37.84 -14.70
N GLY D 2 1.15 38.57 -14.11
CA GLY D 2 1.06 39.32 -12.88
C GLY D 2 2.48 39.62 -12.43
N ASP D 3 2.99 38.95 -11.39
CA ASP D 3 2.31 38.01 -10.51
C ASP D 3 3.08 38.06 -9.19
N SER D 4 2.44 38.59 -8.13
CA SER D 4 3.09 38.73 -6.83
C SER D 4 2.12 38.61 -5.67
N VAL D 5 2.61 38.04 -4.56
CA VAL D 5 1.91 37.88 -3.28
C VAL D 5 2.73 38.52 -2.19
N THR D 6 2.09 39.36 -1.38
CA THR D 6 2.73 40.04 -0.26
C THR D 6 2.06 39.60 1.04
N GLN D 7 2.86 39.08 1.97
CA GLN D 7 2.42 38.59 3.26
C GLN D 7 2.87 39.49 4.40
N MET D 8 2.05 39.55 5.48
CA MET D 8 2.27 40.34 6.69
C MET D 8 3.69 40.22 7.28
N GLU D 9 4.28 41.38 7.61
CA GLU D 9 5.64 41.52 8.15
C GLU D 9 5.76 41.09 9.62
N GLY D 10 6.96 40.58 9.96
CA GLY D 10 7.38 40.18 11.29
C GLY D 10 6.61 39.07 11.97
N PRO D 11 7.06 38.68 13.20
CA PRO D 11 6.35 37.59 13.90
C PRO D 11 5.15 38.08 14.70
N VAL D 12 3.99 37.44 14.47
CA VAL D 12 2.75 37.75 15.17
C VAL D 12 2.70 37.00 16.48
N THR D 13 2.59 37.73 17.59
CA THR D 13 2.49 37.15 18.92
C THR D 13 1.14 37.52 19.52
N LEU D 14 0.40 36.50 19.93
CA LEU D 14 -0.94 36.66 20.51
C LEU D 14 -1.09 35.84 21.79
N SER D 15 -2.24 35.96 22.43
CA SER D 15 -2.60 35.20 23.61
C SER D 15 -3.63 34.16 23.14
N GLU D 16 -3.82 33.06 23.88
CA GLU D 16 -4.79 32.05 23.49
C GLU D 16 -6.23 32.59 23.59
N GLU D 17 -7.14 32.09 22.73
CA GLU D 17 -8.56 32.49 22.61
C GLU D 17 -8.76 33.86 21.93
N ALA D 18 -7.66 34.53 21.52
CA ALA D 18 -7.69 35.84 20.85
C ALA D 18 -8.01 35.69 19.36
N PHE D 19 -8.44 36.80 18.72
CA PHE D 19 -8.74 36.83 17.29
C PHE D 19 -7.45 36.96 16.48
N LEU D 20 -7.32 36.14 15.42
CA LEU D 20 -6.15 36.16 14.54
C LEU D 20 -6.50 36.74 13.18
N THR D 21 -5.61 37.57 12.62
CA THR D 21 -5.72 38.15 11.29
C THR D 21 -4.33 38.21 10.68
N ILE D 22 -4.08 37.44 9.60
CA ILE D 22 -2.82 37.47 8.87
C ILE D 22 -3.16 38.02 7.49
N ASN D 23 -2.56 39.17 7.14
CA ASN D 23 -2.83 39.87 5.89
C ASN D 23 -2.04 39.35 4.70
N CYS D 24 -2.72 39.32 3.55
CA CYS D 24 -2.20 38.87 2.27
C CYS D 24 -2.91 39.61 1.14
N THR D 25 -2.12 40.18 0.21
CA THR D 25 -2.60 40.89 -0.98
C THR D 25 -1.89 40.34 -2.22
N TYR D 26 -2.58 40.34 -3.36
CA TYR D 26 -2.04 39.79 -4.60
C TYR D 26 -2.28 40.68 -5.82
N THR D 27 -1.44 40.50 -6.85
CA THR D 27 -1.57 41.16 -8.14
C THR D 27 -1.57 40.08 -9.21
N ALA D 28 -2.75 39.83 -9.79
CA ALA D 28 -2.96 38.82 -10.82
C ALA D 28 -4.06 39.24 -11.78
N THR D 29 -3.84 39.00 -13.08
CA THR D 29 -4.81 39.33 -14.13
C THR D 29 -5.62 38.10 -14.52
N GLY D 30 -6.93 38.19 -14.27
CA GLY D 30 -7.89 37.13 -14.57
C GLY D 30 -8.52 36.53 -13.33
N TYR D 31 -8.70 35.20 -13.33
CA TYR D 31 -9.30 34.48 -12.21
C TYR D 31 -8.28 33.54 -11.52
N PRO D 32 -7.56 34.02 -10.49
CA PRO D 32 -6.58 33.15 -9.83
C PRO D 32 -7.14 32.33 -8.66
N SER D 33 -6.42 31.27 -8.30
CA SER D 33 -6.74 30.39 -7.18
C SER D 33 -5.81 30.77 -6.01
N LEU D 34 -6.36 30.83 -4.80
CA LEU D 34 -5.62 31.25 -3.60
C LEU D 34 -5.54 30.18 -2.54
N PHE D 35 -4.37 30.07 -1.90
CA PHE D 35 -4.09 29.04 -0.88
C PHE D 35 -3.40 29.57 0.36
N TRP D 36 -3.61 28.87 1.49
CA TRP D 36 -2.91 29.10 2.76
C TRP D 36 -2.21 27.80 3.13
N TYR D 37 -0.92 27.90 3.46
CA TYR D 37 -0.09 26.77 3.86
C TYR D 37 0.42 26.99 5.26
N VAL D 38 0.59 25.89 6.01
CA VAL D 38 1.07 25.92 7.38
C VAL D 38 2.28 25.00 7.54
N GLN D 39 3.34 25.50 8.19
CA GLN D 39 4.58 24.77 8.45
C GLN D 39 4.82 24.69 9.95
N TYR D 40 4.46 23.55 10.56
CA TYR D 40 4.65 23.33 12.00
C TYR D 40 6.12 22.98 12.28
N PRO D 41 6.69 23.41 13.43
CA PRO D 41 8.13 23.14 13.70
C PRO D 41 8.61 21.70 13.48
N GLY D 42 9.60 21.59 12.58
CA GLY D 42 10.21 20.31 12.20
C GLY D 42 9.69 19.75 10.89
N GLU D 43 8.34 19.68 10.76
CA GLU D 43 7.63 19.17 9.58
C GLU D 43 7.70 20.15 8.41
N GLY D 44 7.45 19.64 7.20
CA GLY D 44 7.41 20.43 5.98
C GLY D 44 6.12 21.20 5.80
N LEU D 45 5.87 21.70 4.59
CA LEU D 45 4.66 22.46 4.29
C LEU D 45 3.46 21.56 4.08
N GLN D 46 2.28 22.04 4.50
CA GLN D 46 1.00 21.34 4.37
C GLN D 46 -0.13 22.33 4.14
N LEU D 47 -1.02 22.00 3.17
CA LEU D 47 -2.16 22.83 2.79
C LEU D 47 -3.13 23.01 3.95
N LEU D 48 -3.48 24.27 4.25
CA LEU D 48 -4.41 24.63 5.32
C LEU D 48 -5.80 24.78 4.72
N LEU D 49 -5.98 25.72 3.77
CA LEU D 49 -7.24 25.98 3.09
C LEU D 49 -7.06 26.57 1.67
N LYS D 50 -8.09 26.41 0.81
CA LYS D 50 -8.07 26.90 -0.58
C LYS D 50 -9.38 27.51 -1.07
N ALA D 51 -9.30 28.48 -1.99
CA ALA D 51 -10.43 29.17 -2.61
C ALA D 51 -10.08 29.46 -4.08
N THR D 52 -10.64 28.66 -5.01
CA THR D 52 -10.37 28.75 -6.45
C THR D 52 -11.26 29.75 -7.19
N LYS D 53 -12.59 29.50 -7.21
CA LYS D 53 -13.57 30.38 -7.88
C LYS D 53 -13.83 31.64 -7.05
N ALA D 54 -14.30 32.73 -7.71
CA ALA D 54 -14.61 34.01 -7.07
C ALA D 54 -15.67 33.85 -5.97
N ASP D 55 -15.41 34.48 -4.80
CA ASP D 55 -16.25 34.44 -3.59
C ASP D 55 -16.33 33.06 -2.91
N ASP D 56 -15.31 32.20 -3.12
CA ASP D 56 -15.22 30.87 -2.52
C ASP D 56 -14.84 31.02 -1.05
N LYS D 57 -15.52 30.27 -0.17
CA LYS D 57 -15.32 30.29 1.28
C LYS D 57 -13.92 29.83 1.68
N GLY D 58 -13.70 28.51 1.73
CA GLY D 58 -12.43 27.92 2.10
C GLY D 58 -12.12 28.06 3.58
N SER D 59 -12.28 26.96 4.34
CA SER D 59 -12.06 26.93 5.79
C SER D 59 -11.66 25.54 6.31
N ASN D 60 -10.75 25.51 7.30
CA ASN D 60 -10.27 24.29 7.95
C ASN D 60 -9.78 24.56 9.38
N LYS D 61 -10.19 23.69 10.32
CA LYS D 61 -9.86 23.71 11.76
C LYS D 61 -9.93 25.09 12.47
N GLY D 62 -11.02 25.81 12.22
CA GLY D 62 -11.27 27.12 12.81
C GLY D 62 -10.81 28.30 11.96
N PHE D 63 -9.89 28.05 11.02
CA PHE D 63 -9.34 29.07 10.12
C PHE D 63 -10.32 29.42 9.01
N GLU D 64 -10.27 30.68 8.53
CA GLU D 64 -11.11 31.21 7.47
C GLU D 64 -10.36 32.26 6.64
N ALA D 65 -10.52 32.22 5.31
CA ALA D 65 -9.94 33.17 4.36
C ALA D 65 -10.78 33.19 3.10
N THR D 66 -11.58 34.26 2.93
CA THR D 66 -12.48 34.41 1.80
C THR D 66 -11.80 35.14 0.64
N TYR D 67 -12.00 34.63 -0.58
CA TYR D 67 -11.46 35.20 -1.82
C TYR D 67 -12.41 36.32 -2.26
N ARG D 68 -11.93 37.57 -2.19
CA ARG D 68 -12.70 38.75 -2.60
C ARG D 68 -12.02 39.41 -3.80
N LYS D 69 -12.60 39.19 -4.99
CA LYS D 69 -12.14 39.69 -6.29
C LYS D 69 -12.07 41.22 -6.33
N GLU D 70 -13.08 41.89 -5.73
CA GLU D 70 -13.21 43.35 -5.66
C GLU D 70 -12.08 44.07 -4.91
N THR D 71 -11.59 43.48 -3.81
CA THR D 71 -10.53 44.08 -2.98
C THR D 71 -9.12 43.52 -3.18
N THR D 72 -9.00 42.34 -3.84
CA THR D 72 -7.73 41.63 -4.14
C THR D 72 -6.93 41.28 -2.87
N SER D 73 -7.60 40.64 -1.90
CA SER D 73 -7.02 40.24 -0.63
C SER D 73 -7.45 38.83 -0.22
N PHE D 74 -6.63 38.16 0.60
CA PHE D 74 -6.88 36.81 1.10
C PHE D 74 -6.33 36.70 2.53
N HIS D 75 -7.02 37.36 3.47
CA HIS D 75 -6.64 37.42 4.88
C HIS D 75 -7.06 36.20 5.66
N LEU D 76 -6.10 35.60 6.41
CA LEU D 76 -6.33 34.43 7.25
C LEU D 76 -6.88 34.89 8.59
N GLU D 77 -8.04 34.35 8.98
CA GLU D 77 -8.74 34.69 10.23
C GLU D 77 -9.13 33.48 11.07
N LYS D 78 -9.13 33.64 12.41
CA LYS D 78 -9.52 32.62 13.38
C LYS D 78 -9.99 33.33 14.67
N GLY D 79 -11.22 33.01 15.09
CA GLY D 79 -11.87 33.59 16.27
C GLY D 79 -11.18 33.31 17.58
N SER D 80 -11.00 32.01 17.90
CA SER D 80 -10.35 31.53 19.11
C SER D 80 -9.04 30.83 18.74
N VAL D 81 -7.94 31.59 18.77
CA VAL D 81 -6.62 31.05 18.44
C VAL D 81 -6.09 30.11 19.56
N GLN D 82 -5.47 28.99 19.15
CA GLN D 82 -4.95 27.98 20.07
C GLN D 82 -3.43 28.01 20.12
N VAL D 83 -2.84 27.47 21.21
CA VAL D 83 -1.37 27.39 21.38
C VAL D 83 -0.75 26.53 20.27
N SER D 84 -1.46 25.44 19.88
CA SER D 84 -1.13 24.49 18.81
C SER D 84 -1.00 25.14 17.41
N ASP D 85 -1.55 26.38 17.24
CA ASP D 85 -1.49 27.14 15.99
C ASP D 85 -0.16 27.88 15.79
N SER D 86 0.74 27.86 16.81
CA SER D 86 2.05 28.49 16.74
C SER D 86 2.90 27.78 15.67
N ALA D 87 2.99 28.40 14.48
CA ALA D 87 3.70 27.89 13.30
C ALA D 87 3.91 29.01 12.28
N VAL D 88 4.62 28.72 11.18
CA VAL D 88 4.87 29.69 10.11
C VAL D 88 3.80 29.46 9.03
N TYR D 89 3.11 30.53 8.65
CA TYR D 89 2.04 30.50 7.66
C TYR D 89 2.49 31.13 6.35
N PHE D 90 2.03 30.57 5.22
CA PHE D 90 2.39 31.03 3.88
C PHE D 90 1.18 31.14 2.98
N CYS D 91 1.01 32.29 2.32
CA CYS D 91 -0.07 32.48 1.35
C CYS D 91 0.48 32.16 -0.04
N ALA D 92 -0.34 31.49 -0.86
CA ALA D 92 0.05 31.09 -2.21
C ALA D 92 -0.88 31.62 -3.28
N LEU D 93 -0.31 31.98 -4.44
CA LEU D 93 -1.04 32.52 -5.59
C LEU D 93 -0.67 31.81 -6.89
N SER D 94 -1.69 31.40 -7.63
CA SER D 94 -1.57 30.78 -8.95
C SER D 94 -2.82 31.06 -9.76
N ASP D 95 -2.66 31.34 -11.06
CA ASP D 95 -3.74 31.60 -12.00
C ASP D 95 -3.67 30.52 -13.12
N PRO D 96 -4.63 30.43 -14.09
CA PRO D 96 -4.53 29.38 -15.12
C PRO D 96 -3.22 29.26 -15.90
N VAL D 97 -2.46 30.37 -16.05
CA VAL D 97 -1.18 30.40 -16.78
C VAL D 97 0.09 30.50 -15.92
N ASN D 98 -0.06 30.93 -14.65
CA ASN D 98 1.08 31.08 -13.74
C ASN D 98 1.14 30.01 -12.66
N ASP D 99 2.35 29.49 -12.42
CA ASP D 99 2.64 28.48 -11.40
C ASP D 99 2.59 29.14 -10.02
N MET D 100 2.34 28.32 -8.97
CA MET D 100 2.22 28.74 -7.57
C MET D 100 3.41 29.55 -7.04
N ARG D 101 3.11 30.75 -6.52
CA ARG D 101 4.05 31.70 -5.92
C ARG D 101 3.74 31.85 -4.44
N PHE D 102 4.77 31.91 -3.59
CA PHE D 102 4.61 31.97 -2.14
C PHE D 102 4.99 33.31 -1.55
N GLY D 103 4.28 33.69 -0.48
CA GLY D 103 4.58 34.89 0.29
C GLY D 103 5.79 34.66 1.17
N ALA D 104 6.37 35.73 1.73
CA ALA D 104 7.57 35.68 2.59
C ALA D 104 7.44 34.75 3.81
N GLY D 105 6.23 34.65 4.36
CA GLY D 105 5.91 33.82 5.51
C GLY D 105 5.82 34.58 6.80
N THR D 106 4.65 34.49 7.47
CA THR D 106 4.39 35.14 8.74
C THR D 106 4.43 34.08 9.84
N ARG D 107 5.31 34.24 10.84
CA ARG D 107 5.43 33.32 11.95
C ARG D 107 4.45 33.74 13.05
N LEU D 108 3.60 32.81 13.47
CA LEU D 108 2.64 33.03 14.54
C LEU D 108 3.15 32.37 15.83
N THR D 109 3.01 33.06 16.97
CA THR D 109 3.40 32.57 18.28
C THR D 109 2.25 32.83 19.25
N VAL D 110 1.55 31.76 19.65
CA VAL D 110 0.41 31.86 20.56
C VAL D 110 0.86 31.55 21.98
N LYS D 111 0.71 32.54 22.89
CA LYS D 111 1.06 32.45 24.30
C LYS D 111 -0.14 31.94 25.10
N PRO D 112 0.05 31.03 26.09
CA PRO D 112 -1.10 30.59 26.90
C PRO D 112 -1.52 31.62 27.96
N ASN D 113 -2.77 31.51 28.45
CA ASN D 113 -3.30 32.36 29.51
C ASN D 113 -3.19 31.57 30.79
N ILE D 114 -2.25 31.93 31.67
CA ILE D 114 -2.07 31.21 32.93
C ILE D 114 -3.08 31.72 33.95
N GLN D 115 -4.11 30.91 34.22
CA GLN D 115 -5.22 31.21 35.13
C GLN D 115 -4.76 31.51 36.55
N ASN D 116 -3.89 30.66 37.09
CA ASN D 116 -3.35 30.83 38.44
C ASN D 116 -1.81 30.72 38.41
N PRO D 117 -1.10 31.83 38.08
CA PRO D 117 0.37 31.77 38.02
C PRO D 117 1.01 31.61 39.39
N ASP D 118 2.09 30.82 39.43
CA ASP D 118 2.85 30.55 40.64
C ASP D 118 4.34 30.44 40.27
N PRO D 119 5.03 31.56 39.94
CA PRO D 119 6.44 31.46 39.54
C PRO D 119 7.36 30.96 40.66
N ALA D 120 8.32 30.11 40.29
CA ALA D 120 9.30 29.49 41.18
C ALA D 120 10.50 28.96 40.39
N VAL D 121 11.69 28.91 41.04
CA VAL D 121 12.93 28.37 40.46
C VAL D 121 13.37 27.19 41.33
N TYR D 122 13.37 25.96 40.77
CA TYR D 122 13.73 24.74 41.49
C TYR D 122 15.07 24.17 41.02
N GLN D 123 15.74 23.40 41.90
CA GLN D 123 16.97 22.69 41.57
C GLN D 123 16.61 21.24 41.28
N LEU D 124 17.00 20.75 40.09
CA LEU D 124 16.71 19.39 39.65
C LEU D 124 18.00 18.58 39.57
N ARG D 125 18.13 17.57 40.44
CA ARG D 125 19.32 16.71 40.50
C ARG D 125 19.34 15.64 39.40
N ASP D 126 20.56 15.26 38.96
CA ASP D 126 20.81 14.25 37.92
C ASP D 126 20.41 12.85 38.41
N SER D 127 19.80 12.05 37.52
CA SER D 127 19.34 10.69 37.79
C SER D 127 20.54 9.76 38.06
N LYS D 128 21.57 9.81 37.20
CA LYS D 128 22.78 9.01 37.36
C LYS D 128 23.94 9.86 37.90
N SER D 129 24.26 9.66 39.20
CA SER D 129 25.29 10.35 39.98
C SER D 129 24.99 11.84 40.20
N SER D 130 25.06 12.30 41.47
CA SER D 130 24.83 13.69 41.87
C SER D 130 25.99 14.62 41.46
N ASP D 131 26.43 14.45 40.20
CA ASP D 131 27.50 15.20 39.55
C ASP D 131 27.07 16.66 39.37
N LYS D 132 26.02 16.89 38.56
CA LYS D 132 25.49 18.21 38.27
C LYS D 132 23.97 18.31 38.52
N SER D 133 23.43 19.52 38.40
CA SER D 133 22.02 19.84 38.57
C SER D 133 21.61 21.00 37.66
N VAL D 134 20.30 21.13 37.39
CA VAL D 134 19.76 22.22 36.57
C VAL D 134 18.81 23.10 37.37
N CYS D 135 18.52 24.31 36.86
CA CYS D 135 17.60 25.26 37.45
C CYS D 135 16.41 25.42 36.53
N LEU D 136 15.22 25.16 37.05
CA LEU D 136 13.99 25.23 36.25
C LEU D 136 13.10 26.38 36.68
N PHE D 137 13.01 27.44 35.85
CA PHE D 137 12.09 28.54 36.10
C PHE D 137 10.79 28.13 35.42
N THR D 138 9.73 28.00 36.21
CA THR D 138 8.44 27.52 35.72
C THR D 138 7.23 28.22 36.35
N ASP D 139 6.03 27.96 35.82
CA ASP D 139 4.72 28.47 36.27
C ASP D 139 4.55 30.00 36.27
N PHE D 140 5.45 30.71 35.58
CA PHE D 140 5.40 32.16 35.44
C PHE D 140 4.40 32.55 34.34
N ASP D 141 3.84 33.78 34.41
CA ASP D 141 2.90 34.31 33.43
C ASP D 141 3.57 34.52 32.07
N SER D 142 2.77 34.45 30.98
CA SER D 142 3.22 34.59 29.59
C SER D 142 3.95 35.89 29.28
N GLN D 143 3.66 36.94 30.04
CA GLN D 143 4.27 38.27 29.88
C GLN D 143 5.69 38.32 30.42
N THR D 144 6.08 37.33 31.25
CA THR D 144 7.43 37.23 31.79
C THR D 144 8.31 36.64 30.69
N ASN D 145 9.36 37.37 30.31
CA ASN D 145 10.29 36.94 29.27
C ASN D 145 11.59 36.48 29.90
N VAL D 146 12.20 35.43 29.32
CA VAL D 146 13.45 34.87 29.82
C VAL D 146 14.60 35.34 28.93
N SER D 147 15.62 35.93 29.55
CA SER D 147 16.79 36.44 28.83
C SER D 147 18.09 35.73 29.26
N GLN D 148 19.07 35.70 28.34
CA GLN D 148 20.39 35.08 28.55
C GLN D 148 21.19 35.84 29.60
N SER D 149 22.11 35.14 30.30
CA SER D 149 22.98 35.75 31.32
C SER D 149 24.23 36.39 30.70
N LYS D 150 24.87 37.32 31.44
CA LYS D 150 26.09 38.03 31.01
C LYS D 150 27.27 37.04 30.90
N ASP D 151 27.34 36.08 31.85
CA ASP D 151 28.37 35.04 31.93
C ASP D 151 28.26 34.07 30.75
N SER D 152 29.37 33.89 30.02
CA SER D 152 29.47 33.03 28.84
C SER D 152 29.41 31.53 29.16
N ASP D 153 29.72 31.16 30.43
CA ASP D 153 29.71 29.77 30.91
C ASP D 153 28.35 29.32 31.46
N VAL D 154 27.36 30.25 31.51
CA VAL D 154 26.00 30.00 31.99
C VAL D 154 25.05 29.85 30.78
N TYR D 155 24.40 28.68 30.67
CA TYR D 155 23.49 28.35 29.57
C TYR D 155 22.04 28.46 30.01
N ILE D 156 21.24 29.29 29.30
CA ILE D 156 19.83 29.52 29.60
C ILE D 156 18.96 29.38 28.34
N THR D 157 17.88 28.59 28.43
CA THR D 157 16.92 28.34 27.34
C THR D 157 15.83 29.40 27.33
N ASP D 158 15.20 29.63 26.17
CA ASP D 158 14.08 30.55 26.06
C ASP D 158 12.81 29.86 26.57
N LYS D 159 11.77 30.64 26.96
CA LYS D 159 10.49 30.12 27.47
C LYS D 159 9.84 29.07 26.56
N CYS D 160 9.25 28.03 27.18
CA CYS D 160 8.66 26.90 26.48
C CYS D 160 7.30 26.51 27.08
N VAL D 161 6.30 26.31 26.20
CA VAL D 161 4.92 25.96 26.59
C VAL D 161 4.63 24.46 26.51
N LEU D 162 4.26 23.84 27.66
CA LEU D 162 3.84 22.44 27.73
C LEU D 162 2.36 22.38 28.07
N ASP D 163 1.62 21.50 27.39
CA ASP D 163 0.18 21.35 27.57
C ASP D 163 -0.18 19.99 28.18
N MET D 164 -0.56 20.00 29.48
CA MET D 164 -1.01 18.82 30.21
C MET D 164 -2.52 18.75 29.95
N ARG D 165 -2.84 18.24 28.74
CA ARG D 165 -4.17 18.11 28.14
C ARG D 165 -5.30 17.58 29.04
N SER D 166 -5.12 16.38 29.62
CA SER D 166 -6.08 15.72 30.51
C SER D 166 -6.50 16.58 31.70
N MET D 167 -5.60 17.45 32.18
CA MET D 167 -5.83 18.33 33.32
C MET D 167 -6.22 19.75 32.90
N ASP D 168 -6.17 20.06 31.58
CA ASP D 168 -6.44 21.39 30.99
C ASP D 168 -5.54 22.42 31.67
N PHE D 169 -4.23 22.11 31.68
CA PHE D 169 -3.20 22.92 32.31
C PHE D 169 -2.05 23.16 31.34
N LYS D 170 -1.71 24.43 31.14
CA LYS D 170 -0.62 24.89 30.29
C LYS D 170 0.34 25.70 31.15
N SER D 171 1.66 25.51 30.94
CA SER D 171 2.69 26.21 31.72
C SER D 171 3.92 26.58 30.90
N ASN D 172 4.54 27.72 31.25
CA ASN D 172 5.78 28.21 30.64
C ASN D 172 6.95 27.70 31.46
N SER D 173 8.04 27.35 30.79
CA SER D 173 9.22 26.81 31.42
C SER D 173 10.50 27.27 30.76
N ALA D 174 11.52 27.54 31.58
CA ALA D 174 12.85 27.94 31.16
C ALA D 174 13.84 27.10 31.94
N VAL D 175 15.03 26.87 31.36
CA VAL D 175 16.05 26.03 32.00
C VAL D 175 17.40 26.74 32.05
N ALA D 176 18.06 26.68 33.22
CA ALA D 176 19.38 27.25 33.45
C ALA D 176 20.32 26.18 33.96
N TRP D 177 21.60 26.25 33.55
CA TRP D 177 22.64 25.33 34.00
C TRP D 177 24.04 25.86 33.69
N SER D 178 25.00 25.47 34.55
CA SER D 178 26.42 25.80 34.47
C SER D 178 27.21 24.80 35.32
N ASN D 179 28.43 24.46 34.87
CA ASN D 179 29.33 23.53 35.55
C ASN D 179 30.31 24.27 36.49
N LYS D 180 30.10 25.60 36.66
CA LYS D 180 30.89 26.53 37.48
C LYS D 180 30.92 26.22 38.99
N SER D 181 30.03 25.32 39.49
CA SER D 181 29.87 24.90 40.89
C SER D 181 29.43 26.00 41.87
N ASP D 182 29.83 27.27 41.62
CA ASP D 182 29.46 28.45 42.41
C ASP D 182 28.13 29.07 41.87
N PHE D 183 27.47 28.34 40.95
CA PHE D 183 26.20 28.68 40.29
C PHE D 183 25.03 28.13 41.12
N ALA D 184 24.00 28.97 41.37
CA ALA D 184 22.82 28.59 42.15
C ALA D 184 21.51 29.16 41.59
N CYS D 185 20.36 28.62 42.05
CA CYS D 185 19.00 29.00 41.64
C CYS D 185 18.73 30.50 41.83
N ALA D 186 19.05 31.03 43.03
CA ALA D 186 18.84 32.42 43.41
C ALA D 186 19.50 33.44 42.49
N ASN D 187 20.64 33.06 41.87
CA ASN D 187 21.41 33.92 40.95
C ASN D 187 21.36 33.47 39.48
N ALA D 188 20.56 32.43 39.17
CA ALA D 188 20.43 31.87 37.82
C ALA D 188 19.74 32.82 36.84
N PHE D 189 18.60 33.41 37.26
CA PHE D 189 17.81 34.31 36.42
C PHE D 189 17.91 35.76 36.91
N ASN D 190 19.12 36.17 37.36
CA ASN D 190 19.41 37.52 37.83
C ASN D 190 19.44 38.57 36.71
N ASN D 191 19.55 38.12 35.44
CA ASN D 191 19.55 38.99 34.25
C ASN D 191 18.11 39.22 33.75
N SER D 192 17.23 38.24 33.94
CA SER D 192 15.83 38.30 33.53
C SER D 192 14.99 39.09 34.53
N ILE D 193 13.98 39.82 34.03
CA ILE D 193 13.06 40.58 34.87
C ILE D 193 11.95 39.62 35.34
N ILE D 194 12.15 39.09 36.56
CA ILE D 194 11.28 38.08 37.19
C ILE D 194 10.35 38.70 38.26
N PRO D 195 9.13 38.14 38.50
CA PRO D 195 8.25 38.72 39.53
C PRO D 195 8.83 38.69 40.94
N GLU D 196 8.37 39.62 41.79
CA GLU D 196 8.80 39.75 43.18
C GLU D 196 8.38 38.54 44.01
N ASP D 197 7.24 37.90 43.64
CA ASP D 197 6.66 36.74 44.32
C ASP D 197 7.22 35.36 43.87
N THR D 198 8.40 35.33 43.22
CA THR D 198 9.06 34.09 42.76
C THR D 198 9.50 33.24 43.97
N PHE D 199 9.08 31.98 44.01
CA PHE D 199 9.39 31.06 45.10
C PHE D 199 10.76 30.39 44.97
N PHE D 200 11.64 30.70 45.93
CA PHE D 200 12.98 30.14 46.00
C PHE D 200 13.03 29.24 47.23
N PRO D 201 12.87 27.91 47.05
CA PRO D 201 12.89 27.00 48.21
C PRO D 201 14.30 26.82 48.77
N SER D 202 14.39 26.35 50.03
CA SER D 202 15.65 26.08 50.72
C SER D 202 16.44 24.95 50.01
N PRO D 203 17.68 25.21 49.54
CA PRO D 203 18.43 24.17 48.83
C PRO D 203 18.90 23.02 49.73
N GLY E 3 1.16 10.42 0.34
CA GLY E 3 2.05 11.52 0.66
C GLY E 3 3.36 11.47 -0.11
N VAL E 4 4.04 12.61 -0.23
CA VAL E 4 5.32 12.71 -0.94
C VAL E 4 6.46 12.20 -0.02
N ALA E 5 7.25 11.24 -0.53
CA ALA E 5 8.38 10.63 0.18
C ALA E 5 9.71 11.25 -0.23
N GLN E 6 10.59 11.52 0.76
CA GLN E 6 11.92 12.10 0.53
C GLN E 6 12.97 11.39 1.35
N SER E 7 14.15 11.14 0.74
CA SER E 7 15.28 10.47 1.40
C SER E 7 16.62 11.05 0.94
N PRO E 8 17.57 11.35 1.87
CA PRO E 8 17.49 11.19 3.34
C PRO E 8 16.68 12.32 4.01
N ARG E 9 16.59 12.29 5.34
CA ARG E 9 15.91 13.33 6.10
C ARG E 9 16.95 14.38 6.44
N TYR E 10 18.17 13.91 6.79
CA TYR E 10 19.34 14.72 7.13
C TYR E 10 20.57 14.15 6.43
N LYS E 11 21.51 15.03 6.03
CA LYS E 11 22.76 14.67 5.36
C LYS E 11 23.87 15.65 5.71
N ILE E 12 25.05 15.10 6.07
CA ILE E 12 26.24 15.88 6.38
C ILE E 12 27.26 15.67 5.27
N ILE E 13 27.68 16.77 4.64
CA ILE E 13 28.66 16.77 3.56
C ILE E 13 29.68 17.90 3.76
N GLU E 14 30.90 17.73 3.24
CA GLU E 14 31.97 18.74 3.35
C GLU E 14 31.96 19.67 2.12
N LYS E 15 32.72 20.78 2.18
CA LYS E 15 32.84 21.75 1.08
C LYS E 15 33.48 21.08 -0.16
N ARG E 16 32.89 21.33 -1.35
CA ARG E 16 33.30 20.82 -2.68
C ARG E 16 32.96 19.33 -2.93
N GLN E 17 32.23 18.68 -2.00
CA GLN E 17 31.81 17.28 -2.13
C GLN E 17 30.44 17.19 -2.80
N SER E 18 30.14 16.04 -3.43
CA SER E 18 28.86 15.83 -4.11
C SER E 18 27.79 15.15 -3.24
N VAL E 19 26.53 15.60 -3.39
CA VAL E 19 25.38 15.10 -2.63
C VAL E 19 24.15 14.84 -3.53
N ALA E 20 23.42 13.75 -3.27
CA ALA E 20 22.22 13.37 -4.00
C ALA E 20 21.00 13.27 -3.08
N PHE E 21 19.87 13.84 -3.54
CA PHE E 21 18.59 13.87 -2.85
C PHE E 21 17.57 13.14 -3.70
N TRP E 22 16.86 12.19 -3.10
CA TRP E 22 15.84 11.41 -3.81
C TRP E 22 14.43 11.81 -3.33
N CYS E 23 13.43 11.69 -4.24
CA CYS E 23 12.03 11.99 -3.97
C CYS E 23 11.08 11.18 -4.82
N ASN E 24 9.96 10.75 -4.22
CA ASN E 24 8.90 10.06 -4.92
C ASN E 24 7.58 10.76 -4.62
N PRO E 25 6.88 11.25 -5.67
CA PRO E 25 5.60 11.96 -5.45
C PRO E 25 4.45 11.04 -5.04
N ILE E 26 3.24 11.63 -4.93
CA ILE E 26 2.02 10.87 -4.65
C ILE E 26 1.72 10.12 -5.97
N SER E 27 1.26 8.86 -5.87
CA SER E 27 0.98 8.02 -7.04
C SER E 27 0.01 8.70 -8.01
N GLY E 28 0.46 8.84 -9.26
CA GLY E 28 -0.31 9.46 -10.33
C GLY E 28 0.05 10.89 -10.68
N HIS E 29 0.57 11.66 -9.70
CA HIS E 29 0.96 13.07 -9.88
C HIS E 29 1.97 13.26 -11.02
N ALA E 30 1.51 13.88 -12.12
CA ALA E 30 2.27 14.11 -13.34
C ALA E 30 3.36 15.15 -13.20
N THR E 31 3.10 16.20 -12.42
CA THR E 31 4.07 17.27 -12.23
C THR E 31 4.79 17.21 -10.88
N LEU E 32 6.11 17.40 -10.91
CA LEU E 32 7.02 17.39 -9.75
C LEU E 32 7.77 18.72 -9.69
N TYR E 33 8.04 19.21 -8.47
CA TYR E 33 8.77 20.44 -8.23
C TYR E 33 9.88 20.22 -7.21
N TRP E 34 11.08 20.78 -7.47
CA TRP E 34 12.21 20.75 -6.55
C TRP E 34 12.39 22.17 -5.99
N TYR E 35 12.34 22.33 -4.66
CA TYR E 35 12.44 23.61 -3.97
C TYR E 35 13.64 23.70 -3.05
N GLN E 36 14.08 24.94 -2.77
CA GLN E 36 15.12 25.22 -1.81
C GLN E 36 14.52 26.19 -0.82
N GLN E 37 14.48 25.79 0.46
CA GLN E 37 13.96 26.63 1.53
C GLN E 37 15.14 26.98 2.42
N ILE E 38 15.69 28.19 2.24
CA ILE E 38 16.84 28.66 3.03
C ILE E 38 16.42 28.81 4.50
N LEU E 39 17.19 28.15 5.38
CA LEU E 39 17.00 28.08 6.83
C LEU E 39 16.56 29.43 7.45
N GLY E 40 15.24 29.63 7.47
CA GLY E 40 14.61 30.84 8.01
C GLY E 40 13.90 31.74 7.02
N GLN E 41 13.30 31.15 5.94
CA GLN E 41 12.53 31.87 4.90
C GLN E 41 11.62 30.93 4.06
N GLY E 42 10.97 31.48 3.03
CA GLY E 42 10.05 30.77 2.14
C GLY E 42 10.67 29.86 1.10
N PRO E 43 9.85 29.03 0.39
CA PRO E 43 10.42 28.13 -0.62
C PRO E 43 10.68 28.79 -1.97
N LYS E 44 11.84 28.50 -2.56
CA LYS E 44 12.27 29.02 -3.86
C LYS E 44 12.43 27.85 -4.83
N LEU E 45 11.76 27.93 -5.98
CA LEU E 45 11.80 26.89 -7.00
C LEU E 45 13.19 26.73 -7.63
N LEU E 46 13.61 25.47 -7.83
CA LEU E 46 14.88 25.10 -8.45
C LEU E 46 14.61 24.59 -9.87
N ILE E 47 13.85 23.49 -9.98
CA ILE E 47 13.48 22.83 -11.24
C ILE E 47 12.07 22.20 -11.17
N GLN E 48 11.32 22.29 -12.27
CA GLN E 48 9.97 21.74 -12.41
C GLN E 48 9.91 20.76 -13.58
N PHE E 49 9.22 19.63 -13.36
CA PHE E 49 9.05 18.56 -14.34
C PHE E 49 7.57 18.29 -14.58
N GLN E 50 7.21 17.97 -15.82
CA GLN E 50 5.88 17.53 -16.24
C GLN E 50 6.22 16.19 -16.89
N ASN E 51 5.83 15.08 -16.22
CA ASN E 51 6.18 13.70 -16.62
C ASN E 51 7.72 13.54 -16.62
N ASN E 52 8.31 13.06 -17.72
CA ASN E 52 9.76 12.86 -17.80
C ASN E 52 10.57 14.12 -18.15
N GLY E 53 9.91 15.13 -18.73
CA GLY E 53 10.55 16.34 -19.21
C GLY E 53 10.56 17.54 -18.30
N VAL E 54 11.60 18.37 -18.44
CA VAL E 54 11.82 19.61 -17.69
C VAL E 54 10.96 20.73 -18.31
N VAL E 55 10.21 21.47 -17.47
CA VAL E 55 9.39 22.60 -17.88
C VAL E 55 10.14 23.91 -17.61
N ASP E 56 10.66 24.09 -16.38
CA ASP E 56 11.42 25.26 -15.95
C ASP E 56 12.72 24.86 -15.24
N ASP E 57 13.81 25.57 -15.55
CA ASP E 57 15.15 25.36 -14.98
C ASP E 57 15.96 26.67 -15.06
N SER E 58 15.26 27.80 -15.22
CA SER E 58 15.84 29.14 -15.32
C SER E 58 16.47 29.58 -13.99
N GLN E 59 15.89 29.10 -12.88
CA GLN E 59 16.34 29.40 -11.52
C GLN E 59 17.43 28.43 -11.05
N LEU E 60 17.54 27.26 -11.71
CA LEU E 60 18.53 26.23 -11.38
C LEU E 60 19.92 26.62 -11.87
N PRO E 61 20.90 26.81 -10.95
CA PRO E 61 22.28 27.13 -11.40
C PRO E 61 22.96 25.88 -11.94
N LYS E 62 23.08 25.81 -13.29
CA LYS E 62 23.65 24.71 -14.07
C LYS E 62 25.07 24.28 -13.70
N ASP E 63 25.87 25.20 -13.11
CA ASP E 63 27.25 24.97 -12.70
C ASP E 63 27.41 23.85 -11.65
N ARG E 64 26.50 23.79 -10.67
CA ARG E 64 26.55 22.78 -9.60
C ARG E 64 25.32 21.87 -9.60
N PHE E 65 24.13 22.45 -9.73
CA PHE E 65 22.85 21.75 -9.67
C PHE E 65 22.47 20.99 -10.94
N SER E 66 21.77 19.86 -10.74
CA SER E 66 21.26 18.97 -11.78
C SER E 66 20.15 18.10 -11.18
N ALA E 67 19.15 17.73 -12.00
CA ALA E 67 18.04 16.87 -11.58
C ALA E 67 17.52 16.02 -12.74
N GLU E 68 17.05 14.81 -12.43
CA GLU E 68 16.54 13.87 -13.44
C GLU E 68 15.29 13.17 -12.93
N ARG E 69 14.29 13.01 -13.82
CA ARG E 69 13.03 12.31 -13.58
C ARG E 69 12.79 11.46 -14.83
N LEU E 70 13.87 10.75 -15.23
CA LEU E 70 14.01 9.88 -16.40
C LEU E 70 12.80 9.02 -16.78
N LYS E 71 12.12 8.47 -15.78
CA LYS E 71 10.95 7.61 -16.01
C LYS E 71 9.61 8.22 -15.52
N GLY E 72 9.56 9.55 -15.46
CA GLY E 72 8.39 10.34 -15.10
C GLY E 72 7.72 10.09 -13.76
N VAL E 73 8.36 9.31 -12.86
CA VAL E 73 7.81 9.03 -11.53
C VAL E 73 8.68 9.69 -10.45
N ASP E 74 9.70 8.98 -9.93
CA ASP E 74 10.60 9.50 -8.91
C ASP E 74 11.69 10.35 -9.52
N SER E 75 12.22 11.30 -8.75
CA SER E 75 13.25 12.25 -9.19
C SER E 75 14.49 12.23 -8.28
N THR E 76 15.64 12.66 -8.83
CA THR E 76 16.91 12.73 -8.11
C THR E 76 17.59 14.08 -8.35
N LEU E 77 17.66 14.91 -7.29
CA LEU E 77 18.33 16.21 -7.33
C LEU E 77 19.76 16.02 -6.86
N LYS E 78 20.74 16.39 -7.69
CA LYS E 78 22.15 16.24 -7.37
C LYS E 78 22.90 17.57 -7.37
N ILE E 79 23.82 17.72 -6.40
CA ILE E 79 24.66 18.92 -6.28
C ILE E 79 26.12 18.50 -6.53
N GLN E 80 26.74 19.05 -7.60
CA GLN E 80 28.15 18.84 -7.93
C GLN E 80 28.99 19.70 -6.96
N PRO E 81 30.36 19.73 -6.96
CA PRO E 81 31.09 20.57 -5.98
C PRO E 81 30.27 21.59 -5.18
N ALA E 82 29.72 21.15 -4.02
CA ALA E 82 28.85 21.92 -3.14
C ALA E 82 29.54 23.08 -2.43
N LYS E 83 28.81 24.20 -2.28
CA LYS E 83 29.31 25.41 -1.62
C LYS E 83 28.56 25.69 -0.30
N LEU E 84 29.21 26.41 0.65
CA LEU E 84 28.69 26.73 1.98
C LEU E 84 27.29 27.37 2.00
N GLU E 85 26.94 28.13 0.96
CA GLU E 85 25.63 28.79 0.83
C GLU E 85 24.49 27.79 0.54
N ASP E 86 24.84 26.60 0.01
CA ASP E 86 23.86 25.55 -0.30
C ASP E 86 23.28 24.87 0.96
N SER E 87 23.76 25.22 2.17
CA SER E 87 23.25 24.70 3.44
C SER E 87 21.85 25.25 3.67
N ALA E 88 20.83 24.41 3.38
CA ALA E 88 19.40 24.72 3.49
C ALA E 88 18.59 23.42 3.52
N VAL E 89 17.26 23.55 3.62
CA VAL E 89 16.34 22.41 3.60
C VAL E 89 15.83 22.28 2.16
N TYR E 90 16.12 21.14 1.51
CA TYR E 90 15.69 20.90 0.13
C TYR E 90 14.33 20.24 0.08
N LEU E 91 13.32 21.04 -0.20
CA LEU E 91 11.94 20.60 -0.28
C LEU E 91 11.59 20.07 -1.67
N CYS E 92 10.56 19.22 -1.72
CA CYS E 92 10.07 18.66 -2.94
C CYS E 92 8.57 18.51 -2.87
N ALA E 93 7.89 19.03 -3.89
CA ALA E 93 6.43 18.98 -3.96
C ALA E 93 5.98 18.33 -5.27
N SER E 94 4.67 18.08 -5.37
CA SER E 94 4.05 17.50 -6.56
C SER E 94 2.59 17.91 -6.69
N SER E 95 2.11 18.00 -7.94
CA SER E 95 0.73 18.30 -8.26
C SER E 95 0.19 17.26 -9.24
N LEU E 96 -1.10 16.94 -9.13
CA LEU E 96 -1.80 15.94 -9.96
C LEU E 96 -1.51 16.15 -11.45
N ARG E 97 -1.72 17.38 -11.94
CA ARG E 97 -1.45 17.81 -13.31
C ARG E 97 -0.80 19.20 -13.29
N GLY E 98 -1.20 20.03 -12.31
CA GLY E 98 -0.72 21.38 -12.01
C GLY E 98 -0.60 22.32 -13.20
N ARG E 99 -1.65 23.09 -13.59
CA ARG E 99 -2.99 23.31 -13.02
C ARG E 99 -3.04 24.18 -11.78
N GLY E 100 -3.35 25.46 -12.01
CA GLY E 100 -3.45 26.51 -11.00
C GLY E 100 -4.45 26.28 -9.89
N ASP E 101 -5.57 25.59 -10.20
CA ASP E 101 -6.61 25.28 -9.21
C ASP E 101 -6.19 24.13 -8.28
N GLN E 102 -5.22 23.29 -8.74
CA GLN E 102 -4.70 22.13 -8.01
C GLN E 102 -3.56 22.53 -7.06
N PRO E 103 -3.68 22.20 -5.74
CA PRO E 103 -2.60 22.57 -4.81
C PRO E 103 -1.39 21.65 -4.87
N GLN E 104 -0.23 22.15 -4.46
CA GLN E 104 1.01 21.37 -4.44
C GLN E 104 1.12 20.66 -3.09
N HIS E 105 1.59 19.40 -3.11
CA HIS E 105 1.77 18.56 -1.93
C HIS E 105 3.27 18.42 -1.65
N PHE E 106 3.72 18.92 -0.49
CA PHE E 106 5.13 18.92 -0.11
C PHE E 106 5.56 17.68 0.67
N GLY E 107 6.84 17.35 0.55
CA GLY E 107 7.49 16.28 1.28
C GLY E 107 8.03 16.80 2.59
N ASP E 108 8.69 15.95 3.38
CA ASP E 108 9.25 16.36 4.67
C ASP E 108 10.59 17.10 4.54
N GLY E 109 11.13 17.15 3.32
CA GLY E 109 12.38 17.82 3.01
C GLY E 109 13.63 17.06 3.38
N THR E 110 14.79 17.61 3.01
CA THR E 110 16.11 17.07 3.32
C THR E 110 16.97 18.20 3.86
N ARG E 111 17.32 18.11 5.14
CA ARG E 111 18.16 19.09 5.82
C ARG E 111 19.62 18.82 5.45
N LEU E 112 20.25 19.76 4.73
CA LEU E 112 21.65 19.63 4.34
C LEU E 112 22.53 20.62 5.10
N SER E 113 23.62 20.09 5.67
CA SER E 113 24.59 20.90 6.40
C SER E 113 25.97 20.72 5.76
N ILE E 114 26.50 21.81 5.17
CA ILE E 114 27.82 21.81 4.54
C ILE E 114 28.82 22.33 5.56
N LEU E 115 29.78 21.48 5.92
CA LEU E 115 30.82 21.75 6.91
C LEU E 115 32.18 22.03 6.27
N GLU E 116 32.99 22.87 6.94
CA GLU E 116 34.33 23.22 6.53
C GLU E 116 35.24 21.99 6.74
N ASP E 117 35.09 21.33 7.90
CA ASP E 117 35.82 20.13 8.30
C ASP E 117 34.84 19.11 8.89
N LEU E 118 35.01 17.84 8.50
CA LEU E 118 34.16 16.72 8.93
C LEU E 118 34.47 16.24 10.36
N LYS E 119 35.62 16.68 10.93
CA LYS E 119 36.09 16.31 12.27
C LYS E 119 35.42 17.15 13.36
N ASN E 120 34.57 18.13 12.96
CA ASN E 120 33.82 19.00 13.87
C ASN E 120 32.54 18.32 14.36
N VAL E 121 32.14 17.20 13.72
CA VAL E 121 30.94 16.42 14.05
C VAL E 121 31.12 15.70 15.39
N PHE E 122 30.14 15.87 16.30
CA PHE E 122 30.12 15.27 17.63
C PHE E 122 28.72 14.74 17.98
N PRO E 123 28.60 13.51 18.54
CA PRO E 123 27.26 13.03 18.96
C PRO E 123 26.82 13.67 20.30
N PRO E 124 25.52 13.68 20.66
CA PRO E 124 25.14 14.32 21.93
C PRO E 124 25.29 13.45 23.17
N GLU E 125 25.47 14.10 24.33
CA GLU E 125 25.54 13.45 25.63
C GLU E 125 24.18 13.72 26.27
N VAL E 126 23.46 12.67 26.67
CA VAL E 126 22.12 12.81 27.21
C VAL E 126 22.05 12.56 28.71
N ALA E 127 21.35 13.46 29.43
CA ALA E 127 21.13 13.41 30.87
C ALA E 127 19.68 13.73 31.21
N VAL E 128 19.13 13.02 32.21
CA VAL E 128 17.78 13.24 32.71
C VAL E 128 17.88 13.75 34.15
N PHE E 129 17.29 14.92 34.40
CA PHE E 129 17.28 15.55 35.71
C PHE E 129 15.94 15.29 36.39
N GLU E 130 15.98 14.50 37.48
CA GLU E 130 14.83 14.08 38.28
C GLU E 130 14.09 15.29 38.88
N PRO E 131 12.73 15.28 38.95
CA PRO E 131 12.02 16.43 39.50
C PRO E 131 12.32 16.76 40.96
N SER E 132 12.26 18.07 41.27
CA SER E 132 12.49 18.65 42.60
C SER E 132 11.36 18.26 43.56
N GLU E 133 11.70 17.99 44.83
CA GLU E 133 10.73 17.64 45.86
C GLU E 133 9.91 18.87 46.29
N ALA E 134 10.50 20.06 46.12
CA ALA E 134 9.87 21.35 46.42
C ALA E 134 8.72 21.60 45.46
N GLU E 135 8.91 21.26 44.16
CA GLU E 135 7.89 21.40 43.12
C GLU E 135 6.72 20.47 43.43
N ILE E 136 7.03 19.21 43.78
CA ILE E 136 6.05 18.16 44.11
C ILE E 136 5.14 18.65 45.23
N SER E 137 5.72 19.14 46.33
CA SER E 137 4.97 19.64 47.49
C SER E 137 4.22 20.93 47.18
N HIS E 138 4.87 21.85 46.45
CA HIS E 138 4.33 23.15 46.09
C HIS E 138 3.20 23.14 45.05
N THR E 139 3.34 22.35 43.97
CA THR E 139 2.37 22.33 42.85
C THR E 139 1.58 21.03 42.66
N GLN E 140 2.08 19.90 43.22
CA GLN E 140 1.52 18.54 43.08
C GLN E 140 1.72 18.03 41.65
N LYS E 141 2.80 18.53 41.01
CA LYS E 141 3.26 18.21 39.66
C LYS E 141 4.77 17.99 39.70
N ALA E 142 5.29 17.18 38.77
CA ALA E 142 6.70 16.85 38.70
C ALA E 142 7.25 17.04 37.29
N THR E 143 8.27 17.91 37.14
CA THR E 143 8.90 18.18 35.85
C THR E 143 10.22 17.45 35.72
N LEU E 144 10.31 16.56 34.73
CA LEU E 144 11.52 15.85 34.38
C LEU E 144 12.19 16.71 33.32
N VAL E 145 13.51 16.81 33.37
CA VAL E 145 14.25 17.62 32.41
C VAL E 145 15.29 16.79 31.67
N CYS E 146 15.35 16.94 30.35
CA CYS E 146 16.35 16.27 29.54
C CYS E 146 17.34 17.28 29.03
N LEU E 147 18.59 16.85 28.83
CA LEU E 147 19.63 17.76 28.36
C LEU E 147 20.59 17.08 27.40
N ALA E 148 20.48 17.45 26.10
CA ALA E 148 21.36 16.97 25.03
C ALA E 148 22.55 17.94 25.02
N THR E 149 23.77 17.39 25.14
CA THR E 149 24.96 18.23 25.26
C THR E 149 26.08 17.89 24.28
N GLY E 150 26.77 18.93 23.83
CA GLY E 150 27.93 18.87 22.96
C GLY E 150 27.77 18.15 21.64
N PHE E 151 26.74 18.52 20.86
CA PHE E 151 26.51 17.91 19.56
C PHE E 151 26.68 18.92 18.43
N TYR E 152 27.15 18.43 17.27
CA TYR E 152 27.34 19.27 16.09
C TYR E 152 27.11 18.48 14.80
N PRO E 153 26.19 18.91 13.91
CA PRO E 153 25.35 20.12 13.95
C PRO E 153 23.96 19.88 14.56
N ASP E 154 22.99 20.82 14.36
CA ASP E 154 21.62 20.70 14.87
C ASP E 154 20.84 19.64 14.06
N HIS E 155 21.23 18.38 14.22
CA HIS E 155 20.62 17.23 13.55
C HIS E 155 20.10 16.28 14.63
N VAL E 156 19.48 16.85 15.65
CA VAL E 156 18.97 16.15 16.82
C VAL E 156 17.43 16.10 16.88
N GLU E 157 16.89 14.89 17.15
CA GLU E 157 15.45 14.61 17.29
C GLU E 157 15.18 13.96 18.66
N LEU E 158 14.60 14.73 19.58
CA LEU E 158 14.31 14.30 20.95
C LEU E 158 12.87 13.80 21.09
N SER E 159 12.71 12.72 21.89
CA SER E 159 11.41 12.10 22.22
C SER E 159 11.39 11.59 23.66
N TRP E 160 10.17 11.40 24.21
CA TRP E 160 9.96 10.91 25.57
C TRP E 160 9.27 9.55 25.58
N TRP E 161 9.74 8.64 26.45
CA TRP E 161 9.23 7.28 26.57
C TRP E 161 8.91 6.94 28.01
N VAL E 162 7.67 6.53 28.25
CA VAL E 162 7.20 6.16 29.58
C VAL E 162 6.62 4.76 29.49
N ASN E 163 7.17 3.82 30.30
CA ASN E 163 6.76 2.42 30.38
C ASN E 163 6.64 1.72 29.02
N GLY E 164 7.60 2.00 28.15
CA GLY E 164 7.71 1.44 26.81
C GLY E 164 7.03 2.24 25.72
N LYS E 165 6.01 3.03 26.10
CA LYS E 165 5.19 3.84 25.20
C LYS E 165 5.70 5.27 25.06
N GLU E 166 5.55 5.86 23.86
CA GLU E 166 5.96 7.23 23.58
C GLU E 166 4.90 8.18 24.11
N VAL E 167 5.34 9.27 24.75
CA VAL E 167 4.43 10.27 25.32
C VAL E 167 4.51 11.63 24.62
N HIS E 168 3.35 12.29 24.46
CA HIS E 168 3.21 13.60 23.83
C HIS E 168 2.53 14.61 24.76
N SER E 169 1.71 14.13 25.70
CA SER E 169 1.03 14.96 26.69
C SER E 169 2.04 15.44 27.73
N GLY E 170 1.95 16.73 28.06
CA GLY E 170 2.80 17.39 29.04
C GLY E 170 4.28 17.46 28.70
N VAL E 171 4.60 17.68 27.43
CA VAL E 171 5.99 17.76 26.96
C VAL E 171 6.24 18.90 25.98
N CYS E 172 7.39 19.58 26.15
CA CYS E 172 7.85 20.64 25.28
C CYS E 172 9.37 20.61 25.18
N THR E 173 9.85 20.58 23.94
CA THR E 173 11.27 20.57 23.62
C THR E 173 11.59 21.94 23.03
N ASP E 174 12.84 22.42 23.23
CA ASP E 174 13.29 23.70 22.73
C ASP E 174 13.16 23.75 21.20
N PRO E 175 12.48 24.77 20.62
CA PRO E 175 12.36 24.82 19.14
C PRO E 175 13.72 24.94 18.47
N GLN E 176 14.60 25.78 19.05
CA GLN E 176 15.96 26.02 18.58
C GLN E 176 16.98 25.64 19.66
N PRO E 177 18.10 24.98 19.30
CA PRO E 177 19.13 24.67 20.31
C PRO E 177 19.95 25.90 20.70
N LEU E 178 20.78 25.75 21.72
CA LEU E 178 21.62 26.82 22.24
C LEU E 178 23.09 26.52 21.96
N LYS E 179 23.82 27.49 21.38
CA LYS E 179 25.24 27.38 21.09
C LYS E 179 26.01 27.48 22.41
N GLU E 180 26.82 26.44 22.72
CA GLU E 180 27.60 26.36 23.96
C GLU E 180 28.73 27.42 24.08
N GLN E 181 29.05 28.08 22.96
CA GLN E 181 30.03 29.16 22.84
C GLN E 181 29.68 30.02 21.60
N PRO E 182 28.97 31.17 21.78
CA PRO E 182 28.59 31.99 20.61
C PRO E 182 29.75 32.58 19.80
N ALA E 183 30.98 32.52 20.35
CA ALA E 183 32.21 33.01 19.72
C ALA E 183 32.63 32.14 18.52
N LEU E 184 32.67 30.80 18.71
CA LEU E 184 33.04 29.83 17.67
C LEU E 184 31.97 29.71 16.58
N ASN E 185 32.41 29.45 15.34
CA ASN E 185 31.52 29.28 14.19
C ASN E 185 30.96 27.85 14.19
N ASP E 186 31.86 26.84 14.21
CA ASP E 186 31.48 25.43 14.28
C ASP E 186 31.33 25.02 15.77
N SER E 187 30.62 25.86 16.55
CA SER E 187 30.35 25.71 17.97
C SER E 187 29.37 24.58 18.28
N ARG E 188 29.62 23.85 19.37
CA ARG E 188 28.81 22.73 19.86
C ARG E 188 27.44 23.24 20.33
N TYR E 189 26.38 22.46 20.05
CA TYR E 189 24.99 22.79 20.38
C TYR E 189 24.49 22.06 21.65
N ALA E 190 23.51 22.67 22.34
CA ALA E 190 22.86 22.13 23.54
C ALA E 190 21.33 22.30 23.40
N LEU E 191 20.59 21.21 23.64
CA LEU E 191 19.11 21.18 23.56
C LEU E 191 18.51 20.61 24.84
N SER E 192 17.33 21.11 25.21
CA SER E 192 16.63 20.64 26.40
C SER E 192 15.16 20.32 26.13
N SER E 193 14.55 19.54 27.04
CA SER E 193 13.14 19.15 26.95
C SER E 193 12.59 18.96 28.34
N ARG E 194 11.29 19.20 28.49
CA ARG E 194 10.57 19.09 29.74
C ARG E 194 9.47 18.07 29.62
N LEU E 195 9.27 17.26 30.66
CA LEU E 195 8.17 16.32 30.75
C LEU E 195 7.56 16.49 32.12
N ARG E 196 6.38 17.11 32.15
CA ARG E 196 5.66 17.33 33.38
C ARG E 196 4.55 16.32 33.50
N VAL E 197 4.59 15.58 34.61
CA VAL E 197 3.60 14.57 34.95
C VAL E 197 3.02 14.94 36.31
N SER E 198 1.89 14.33 36.71
CA SER E 198 1.34 14.58 38.03
C SER E 198 2.31 13.99 39.05
N ALA E 199 2.39 14.57 40.27
CA ALA E 199 3.26 14.07 41.33
C ALA E 199 2.95 12.58 41.57
N THR E 200 1.64 12.24 41.64
CA THR E 200 1.07 10.91 41.83
C THR E 200 1.72 9.84 40.93
N PHE E 201 1.93 10.16 39.65
CA PHE E 201 2.55 9.25 38.67
C PHE E 201 4.04 9.06 38.94
N TRP E 202 4.78 10.17 39.20
CA TRP E 202 6.21 10.13 39.50
C TRP E 202 6.47 9.37 40.82
N GLN E 203 5.58 9.57 41.83
CA GLN E 203 5.70 8.93 43.13
C GLN E 203 5.61 7.39 43.14
N ASN E 204 5.17 6.77 42.04
CA ASN E 204 5.11 5.31 41.93
C ASN E 204 6.45 4.84 41.35
N PRO E 205 7.28 4.10 42.15
CA PRO E 205 8.59 3.64 41.63
C PRO E 205 8.52 2.64 40.48
N ARG E 206 7.32 2.09 40.20
CA ARG E 206 7.07 1.13 39.12
C ARG E 206 7.18 1.79 37.73
N ASN E 207 6.99 3.12 37.64
CA ASN E 207 7.03 3.87 36.39
C ASN E 207 8.42 4.26 35.92
N HIS E 208 8.78 3.83 34.70
CA HIS E 208 10.06 4.10 34.07
C HIS E 208 9.89 5.23 33.05
N PHE E 209 10.74 6.27 33.16
CA PHE E 209 10.76 7.43 32.28
C PHE E 209 12.10 7.44 31.55
N ARG E 210 12.05 7.51 30.23
CA ARG E 210 13.25 7.50 29.41
C ARG E 210 13.21 8.61 28.38
N CYS E 211 14.33 9.28 28.18
CA CYS E 211 14.44 10.29 27.16
C CYS E 211 15.33 9.79 26.07
N GLN E 212 14.81 9.75 24.84
CA GLN E 212 15.51 9.25 23.66
C GLN E 212 15.84 10.37 22.70
N VAL E 213 17.14 10.54 22.43
CA VAL E 213 17.64 11.55 21.51
C VAL E 213 18.29 10.85 20.31
N GLN E 214 17.73 11.09 19.12
CA GLN E 214 18.19 10.51 17.87
C GLN E 214 19.05 11.54 17.14
N PHE E 215 20.33 11.21 16.97
CA PHE E 215 21.30 12.04 16.27
C PHE E 215 21.47 11.57 14.84
N TYR E 216 21.64 12.51 13.91
CA TYR E 216 21.83 12.19 12.50
C TYR E 216 23.22 12.68 12.13
N GLY E 217 24.16 11.74 12.10
CA GLY E 217 25.56 12.04 11.82
C GLY E 217 26.05 11.63 10.46
N LEU E 218 27.20 10.92 10.44
CA LEU E 218 27.84 10.42 9.23
C LEU E 218 27.32 9.03 8.89
N SER E 219 27.67 8.52 7.70
CA SER E 219 27.27 7.20 7.20
C SER E 219 28.49 6.27 7.09
N GLU E 220 28.28 4.99 6.74
CA GLU E 220 29.35 3.99 6.57
C GLU E 220 30.30 4.36 5.43
N ASN E 221 29.75 4.94 4.34
CA ASN E 221 30.49 5.39 3.15
C ASN E 221 31.46 6.54 3.45
N ASP E 222 31.16 7.35 4.48
CA ASP E 222 31.99 8.47 4.92
C ASP E 222 33.32 7.96 5.46
N GLU E 223 34.40 8.73 5.23
CA GLU E 223 35.76 8.38 5.67
C GLU E 223 36.05 8.96 7.05
N TRP E 224 36.58 8.14 7.97
CA TRP E 224 36.92 8.54 9.33
C TRP E 224 38.30 8.03 9.71
N THR E 225 39.20 8.95 10.08
CA THR E 225 40.58 8.69 10.48
C THR E 225 41.02 9.55 11.70
N GLN E 226 40.37 9.32 12.85
CA GLN E 226 40.64 10.04 14.09
C GLN E 226 40.57 9.12 15.32
N ASP E 227 41.11 9.60 16.47
CA ASP E 227 41.19 8.93 17.78
C ASP E 227 39.83 8.45 18.32
N ARG E 228 38.85 9.38 18.44
CA ARG E 228 37.51 9.09 18.97
C ARG E 228 36.63 8.28 18.00
N ALA E 229 35.55 7.69 18.54
CA ALA E 229 34.57 6.89 17.80
C ALA E 229 33.89 7.72 16.70
N LYS E 230 33.53 7.07 15.58
CA LYS E 230 32.88 7.72 14.43
C LYS E 230 31.52 8.34 14.83
N PRO E 231 31.34 9.67 14.64
CA PRO E 231 30.08 10.31 15.03
C PRO E 231 28.96 10.06 14.02
N VAL E 232 28.51 8.80 13.95
CA VAL E 232 27.47 8.31 13.04
C VAL E 232 26.06 8.61 13.56
N THR E 233 25.04 8.18 12.78
CA THR E 233 23.64 8.31 13.13
C THR E 233 23.38 7.30 14.25
N GLN E 234 23.21 7.81 15.47
CA GLN E 234 23.01 7.00 16.68
C GLN E 234 21.97 7.58 17.63
N ILE E 235 21.52 6.76 18.60
CA ILE E 235 20.56 7.08 19.64
C ILE E 235 21.28 7.10 21.00
N VAL E 236 21.19 8.22 21.71
CA VAL E 236 21.77 8.37 23.05
C VAL E 236 20.59 8.61 24.00
N SER E 237 20.46 7.78 25.04
CA SER E 237 19.36 7.86 25.99
C SER E 237 19.77 8.13 27.44
N ALA E 238 18.78 8.51 28.26
CA ALA E 238 18.89 8.75 29.70
C ALA E 238 17.63 8.18 30.34
N GLU E 239 17.78 7.54 31.51
CA GLU E 239 16.69 6.86 32.19
C GLU E 239 16.45 7.42 33.58
N ALA E 240 15.21 7.34 34.05
CA ALA E 240 14.81 7.76 35.39
C ALA E 240 13.55 7.03 35.82
N TRP E 241 13.58 6.40 36.98
CA TRP E 241 12.43 5.69 37.54
C TRP E 241 11.88 6.55 38.67
N GLY E 242 10.58 6.42 38.93
CA GLY E 242 9.91 7.16 39.99
C GLY E 242 10.42 6.89 41.38
N ARG E 243 10.12 7.79 42.32
CA ARG E 243 10.52 7.67 43.72
C ARG E 243 9.42 8.14 44.66
N ALA E 244 9.12 7.32 45.69
CA ALA E 244 8.11 7.60 46.72
C ALA E 244 8.44 8.86 47.53
N ASP E 245 9.75 9.06 47.87
CA ASP E 245 10.25 10.22 48.62
C ASP E 245 11.63 10.66 48.14
N GLY F 1 4.23 -42.12 17.64
CA GLY F 1 3.56 -41.17 18.51
C GLY F 1 3.22 -39.86 17.85
N SER F 2 2.56 -38.96 18.60
CA SER F 2 2.18 -37.64 18.11
C SER F 2 3.40 -36.70 18.12
N HIS F 3 3.74 -36.15 16.93
CA HIS F 3 4.87 -35.24 16.74
C HIS F 3 4.44 -33.94 16.08
N SER F 4 5.25 -32.87 16.19
CA SER F 4 4.92 -31.58 15.60
C SER F 4 6.12 -30.78 15.14
N MET F 5 5.95 -30.04 14.03
CA MET F 5 6.94 -29.13 13.47
C MET F 5 6.43 -27.71 13.71
N ARG F 6 7.32 -26.79 14.08
CA ARG F 6 6.95 -25.41 14.35
C ARG F 6 8.08 -24.47 13.96
N TYR F 7 7.73 -23.26 13.51
CA TYR F 7 8.68 -22.22 13.14
C TYR F 7 8.41 -20.97 13.94
N PHE F 8 9.47 -20.36 14.50
CA PHE F 8 9.39 -19.17 15.33
C PHE F 8 10.18 -18.07 14.67
N ASP F 9 9.47 -17.11 14.05
CA ASP F 9 10.06 -15.98 13.35
C ASP F 9 9.90 -14.69 14.13
N THR F 10 10.93 -13.84 14.07
CA THR F 10 11.00 -12.56 14.79
C THR F 10 11.52 -11.46 13.88
N ALA F 11 10.79 -10.36 13.79
CA ALA F 11 11.16 -9.17 13.04
C ALA F 11 11.24 -8.04 14.07
N MET F 12 12.43 -7.45 14.25
CA MET F 12 12.64 -6.38 15.23
C MET F 12 13.18 -5.15 14.55
N SER F 13 12.40 -4.06 14.53
CA SER F 13 12.82 -2.80 13.94
C SER F 13 13.79 -2.12 14.88
N ARG F 14 14.84 -1.51 14.32
CA ARG F 14 15.83 -0.75 15.08
C ARG F 14 15.14 0.56 15.55
N PRO F 15 15.54 1.22 16.67
CA PRO F 15 14.81 2.43 17.08
C PRO F 15 14.95 3.66 16.17
N GLY F 16 15.15 3.43 14.86
CA GLY F 16 15.26 4.47 13.85
C GLY F 16 16.61 4.54 13.15
N ARG F 17 17.65 3.91 13.75
CA ARG F 17 19.04 3.86 13.26
C ARG F 17 19.24 3.36 11.81
N GLY F 18 19.45 2.06 11.62
CA GLY F 18 19.65 1.47 10.31
C GLY F 18 19.58 -0.04 10.28
N GLU F 19 18.67 -0.58 9.45
CA GLU F 19 18.40 -2.01 9.20
C GLU F 19 17.84 -2.83 10.38
N PRO F 20 16.68 -3.51 10.19
CA PRO F 20 16.12 -4.34 11.26
C PRO F 20 16.81 -5.70 11.37
N ARG F 21 16.45 -6.50 12.40
CA ARG F 21 16.99 -7.85 12.61
C ARG F 21 15.89 -8.88 12.39
N PHE F 22 16.21 -9.97 11.68
CA PHE F 22 15.25 -11.03 11.39
C PHE F 22 15.77 -12.39 11.79
N ILE F 23 15.04 -13.06 12.69
CA ILE F 23 15.42 -14.38 13.19
C ILE F 23 14.31 -15.39 12.94
N SER F 24 14.63 -16.49 12.23
CA SER F 24 13.71 -17.58 11.92
C SER F 24 14.26 -18.87 12.53
N VAL F 25 13.46 -19.56 13.35
CA VAL F 25 13.91 -20.80 14.01
C VAL F 25 12.90 -21.93 13.85
N GLY F 26 13.37 -23.03 13.25
CA GLY F 26 12.59 -24.25 13.04
C GLY F 26 12.90 -25.31 14.07
N TYR F 27 11.85 -25.97 14.59
CA TYR F 27 11.93 -27.03 15.60
C TYR F 27 11.08 -28.24 15.20
N VAL F 28 11.51 -29.43 15.64
CA VAL F 28 10.75 -30.68 15.51
C VAL F 28 10.57 -31.11 16.96
N ASP F 29 9.32 -31.00 17.46
CA ASP F 29 8.90 -31.25 18.84
C ASP F 29 9.62 -30.25 19.76
N ASP F 30 10.70 -30.68 20.44
CA ASP F 30 11.47 -29.81 21.32
C ASP F 30 12.93 -29.63 20.86
N THR F 31 13.29 -30.12 19.65
CA THR F 31 14.65 -29.97 19.12
C THR F 31 14.77 -29.05 17.91
N GLN F 32 15.61 -28.01 18.05
CA GLN F 32 15.97 -27.02 17.04
C GLN F 32 16.75 -27.72 15.92
N PHE F 33 16.38 -27.46 14.65
CA PHE F 33 17.07 -28.06 13.50
C PHE F 33 17.60 -27.04 12.50
N VAL F 34 16.98 -25.86 12.42
CA VAL F 34 17.38 -24.80 11.51
C VAL F 34 17.28 -23.42 12.17
N ARG F 35 18.16 -22.51 11.76
CA ARG F 35 18.21 -21.14 12.26
C ARG F 35 18.66 -20.20 11.16
N PHE F 36 17.93 -19.10 10.99
CA PHE F 36 18.26 -18.04 10.05
C PHE F 36 18.34 -16.74 10.82
N ASP F 37 19.39 -15.96 10.56
CA ASP F 37 19.62 -14.68 11.21
C ASP F 37 20.25 -13.72 10.22
N SER F 38 19.76 -12.48 10.20
CA SER F 38 20.30 -11.43 9.33
C SER F 38 21.66 -10.94 9.85
N ASP F 39 21.86 -10.99 11.18
CA ASP F 39 23.08 -10.59 11.87
C ASP F 39 23.95 -11.82 12.18
N ALA F 40 24.51 -12.43 11.11
CA ALA F 40 25.36 -13.63 11.21
C ALA F 40 26.37 -13.73 10.07
N ALA F 41 27.51 -14.41 10.32
CA ALA F 41 28.59 -14.65 9.35
C ALA F 41 28.19 -15.77 8.36
N SER F 42 27.11 -16.51 8.70
CA SER F 42 26.49 -17.60 7.94
C SER F 42 25.81 -17.09 6.63
N PRO F 43 25.31 -17.93 5.67
CA PRO F 43 25.21 -19.40 5.62
C PRO F 43 26.46 -20.24 5.94
N ARG F 44 26.34 -21.07 7.01
CA ARG F 44 27.33 -22.02 7.55
C ARG F 44 26.80 -22.64 8.85
N GLU F 45 26.31 -21.80 9.80
CA GLU F 45 25.78 -22.23 11.09
C GLU F 45 24.24 -22.30 11.12
N GLU F 46 23.62 -22.57 9.96
CA GLU F 46 22.18 -22.72 9.80
C GLU F 46 21.69 -24.11 10.33
N PRO F 47 22.31 -25.28 9.95
CA PRO F 47 21.84 -26.56 10.50
C PRO F 47 22.09 -26.65 12.01
N ARG F 48 21.11 -27.16 12.76
CA ARG F 48 21.18 -27.25 14.22
C ARG F 48 20.93 -28.67 14.79
N ALA F 49 20.65 -29.64 13.90
CA ALA F 49 20.42 -31.05 14.25
C ALA F 49 21.17 -31.95 13.26
N PRO F 50 21.74 -33.10 13.69
CA PRO F 50 22.51 -33.95 12.76
C PRO F 50 21.73 -34.64 11.62
N TRP F 51 20.39 -34.72 11.75
CA TRP F 51 19.55 -35.36 10.73
C TRP F 51 19.11 -34.45 9.57
N ILE F 52 19.57 -33.18 9.56
CA ILE F 52 19.22 -32.23 8.50
C ILE F 52 20.30 -32.13 7.40
N GLU F 53 21.51 -32.69 7.68
CA GLU F 53 22.65 -32.71 6.76
C GLU F 53 22.38 -33.52 5.48
N GLN F 54 21.46 -34.50 5.56
CA GLN F 54 21.04 -35.35 4.43
C GLN F 54 20.45 -34.53 3.28
N GLU F 55 19.87 -33.36 3.60
CA GLU F 55 19.26 -32.43 2.64
C GLU F 55 20.34 -31.74 1.81
N GLY F 56 20.23 -31.90 0.49
CA GLY F 56 21.18 -31.35 -0.48
C GLY F 56 21.21 -29.84 -0.60
N PRO F 57 22.04 -29.29 -1.54
CA PRO F 57 22.11 -27.83 -1.69
C PRO F 57 20.81 -27.18 -2.15
N GLU F 58 19.99 -27.90 -2.96
CA GLU F 58 18.70 -27.44 -3.49
C GLU F 58 17.71 -27.10 -2.39
N TYR F 59 17.85 -27.75 -1.21
CA TYR F 59 17.03 -27.54 -0.03
C TYR F 59 17.43 -26.21 0.63
N TRP F 60 18.73 -26.07 0.95
CA TRP F 60 19.31 -24.90 1.62
C TRP F 60 19.13 -23.59 0.87
N ASP F 61 19.29 -23.61 -0.46
CA ASP F 61 19.11 -22.44 -1.33
C ASP F 61 17.65 -21.97 -1.33
N ARG F 62 16.69 -22.92 -1.30
CA ARG F 62 15.25 -22.67 -1.27
C ARG F 62 14.84 -22.01 0.05
N ASN F 63 15.35 -22.52 1.18
CA ASN F 63 15.05 -21.99 2.52
C ASN F 63 15.69 -20.63 2.77
N THR F 64 16.86 -20.37 2.15
CA THR F 64 17.56 -19.08 2.22
C THR F 64 16.71 -18.08 1.46
N GLN F 65 16.26 -18.47 0.24
CA GLN F 65 15.41 -17.70 -0.68
C GLN F 65 14.12 -17.29 0.02
N ILE F 66 13.47 -18.25 0.73
CA ILE F 66 12.24 -18.04 1.50
C ILE F 66 12.49 -17.06 2.63
N PHE F 67 13.60 -17.23 3.37
CA PHE F 67 13.97 -16.33 4.47
C PHE F 67 14.08 -14.90 3.98
N LYS F 68 14.90 -14.68 2.92
CA LYS F 68 15.11 -13.38 2.28
C LYS F 68 13.79 -12.72 1.88
N THR F 69 12.85 -13.49 1.28
CA THR F 69 11.52 -13.05 0.87
C THR F 69 10.70 -12.60 2.09
N ASN F 70 10.70 -13.44 3.15
CA ASN F 70 9.97 -13.21 4.38
C ASN F 70 10.48 -11.98 5.13
N THR F 71 11.78 -11.65 5.03
CA THR F 71 12.36 -10.45 5.65
C THR F 71 11.83 -9.20 4.94
N GLN F 72 11.76 -9.26 3.59
CA GLN F 72 11.27 -8.19 2.72
C GLN F 72 9.80 -7.88 2.97
N THR F 73 8.98 -8.93 3.13
CA THR F 73 7.55 -8.76 3.41
C THR F 73 7.32 -8.29 4.85
N ASP F 74 8.19 -8.69 5.80
CA ASP F 74 8.10 -8.26 7.20
C ASP F 74 8.46 -6.79 7.38
N ARG F 75 9.32 -6.25 6.49
CA ARG F 75 9.70 -4.82 6.45
C ARG F 75 8.45 -3.97 6.16
N GLU F 76 7.63 -4.44 5.20
CA GLU F 76 6.38 -3.81 4.79
C GLU F 76 5.37 -3.90 5.92
N SER F 77 5.26 -5.10 6.54
CA SER F 77 4.34 -5.39 7.64
C SER F 77 4.56 -4.44 8.82
N LEU F 78 5.82 -4.32 9.30
CA LEU F 78 6.20 -3.43 10.41
C LEU F 78 5.81 -1.97 10.15
N ARG F 79 5.99 -1.51 8.90
CA ARG F 79 5.65 -0.16 8.43
C ARG F 79 4.13 0.08 8.50
N ASN F 80 3.33 -0.91 8.04
CA ASN F 80 1.87 -0.85 8.05
C ASN F 80 1.34 -0.89 9.48
N LEU F 81 1.90 -1.79 10.32
CA LEU F 81 1.55 -1.97 11.73
C LEU F 81 1.78 -0.68 12.52
N ARG F 82 2.84 0.07 12.17
CA ARG F 82 3.20 1.37 12.74
C ARG F 82 2.10 2.40 12.42
N GLY F 83 1.51 2.29 11.22
CA GLY F 83 0.44 3.16 10.78
C GLY F 83 -0.87 2.91 11.49
N TYR F 84 -1.25 1.61 11.62
CA TYR F 84 -2.48 1.18 12.27
C TYR F 84 -2.51 1.63 13.74
N TYR F 85 -1.38 1.47 14.44
CA TYR F 85 -1.25 1.83 15.86
C TYR F 85 -0.84 3.28 16.10
N ASN F 86 -0.56 4.03 15.00
CA ASN F 86 -0.12 5.43 15.01
C ASN F 86 1.15 5.57 15.84
N GLN F 87 2.22 4.97 15.34
CA GLN F 87 3.51 4.95 16.00
C GLN F 87 4.57 5.58 15.12
N SER F 88 5.41 6.44 15.72
CA SER F 88 6.50 7.13 15.00
C SER F 88 7.63 6.14 14.68
N GLU F 89 8.56 6.56 13.80
CA GLU F 89 9.72 5.75 13.40
C GLU F 89 10.75 5.62 14.53
N ALA F 90 10.64 6.48 15.57
CA ALA F 90 11.53 6.55 16.75
C ALA F 90 11.55 5.31 17.65
N GLY F 91 10.52 4.48 17.57
CA GLY F 91 10.43 3.28 18.41
C GLY F 91 10.81 1.99 17.74
N SER F 92 11.30 1.04 18.56
CA SER F 92 11.67 -0.30 18.16
C SER F 92 10.45 -1.17 18.39
N HIS F 93 10.03 -1.92 17.36
CA HIS F 93 8.84 -2.77 17.44
C HIS F 93 9.10 -4.20 16.98
N THR F 94 8.38 -5.17 17.60
CA THR F 94 8.54 -6.59 17.33
C THR F 94 7.32 -7.22 16.69
N LEU F 95 7.54 -7.95 15.59
CA LEU F 95 6.52 -8.71 14.87
C LEU F 95 6.97 -10.17 14.90
N GLN F 96 6.26 -10.98 15.68
CA GLN F 96 6.57 -12.40 15.83
C GLN F 96 5.52 -13.24 15.15
N SER F 97 5.91 -14.45 14.69
CA SER F 97 5.02 -15.38 14.03
C SER F 97 5.37 -16.83 14.34
N MET F 98 4.34 -17.68 14.39
CA MET F 98 4.46 -19.11 14.65
C MET F 98 3.64 -19.89 13.66
N TYR F 99 4.28 -20.82 12.95
CA TYR F 99 3.59 -21.68 12.00
C TYR F 99 4.13 -23.09 12.01
N GLY F 100 3.24 -24.02 11.74
CA GLY F 100 3.57 -25.43 11.68
C GLY F 100 2.35 -26.32 11.82
N CYS F 101 2.61 -27.62 11.89
CA CYS F 101 1.57 -28.63 11.97
C CYS F 101 1.87 -29.73 12.99
N ASP F 102 0.82 -30.23 13.64
CA ASP F 102 0.86 -31.32 14.61
C ASP F 102 0.35 -32.57 13.88
N VAL F 103 1.16 -33.63 13.84
CA VAL F 103 0.79 -34.88 13.18
C VAL F 103 0.57 -36.00 14.19
N GLY F 104 -0.29 -36.95 13.84
CA GLY F 104 -0.57 -38.10 14.68
C GLY F 104 0.49 -39.18 14.59
N PRO F 105 0.29 -40.35 15.25
CA PRO F 105 1.29 -41.43 15.16
C PRO F 105 1.41 -42.03 13.76
N ASP F 106 0.33 -41.95 12.97
CA ASP F 106 0.24 -42.44 11.59
C ASP F 106 0.97 -41.53 10.59
N GLY F 107 1.05 -40.24 10.90
CA GLY F 107 1.67 -39.23 10.06
C GLY F 107 0.67 -38.28 9.44
N ARG F 108 -0.61 -38.38 9.87
CA ARG F 108 -1.71 -37.55 9.38
C ARG F 108 -1.86 -36.27 10.19
N LEU F 109 -2.27 -35.18 9.53
CA LEU F 109 -2.47 -33.85 10.10
C LEU F 109 -3.56 -33.81 11.17
N LEU F 110 -3.21 -33.33 12.37
CA LEU F 110 -4.13 -33.18 13.50
C LEU F 110 -4.56 -31.73 13.63
N ARG F 111 -3.60 -30.79 13.48
CA ARG F 111 -3.83 -29.35 13.58
C ARG F 111 -2.70 -28.56 12.92
N GLY F 112 -3.08 -27.51 12.19
CA GLY F 112 -2.19 -26.57 11.54
C GLY F 112 -2.24 -25.24 12.27
N HIS F 113 -1.11 -24.51 12.29
CA HIS F 113 -1.03 -23.21 12.98
C HIS F 113 -0.38 -22.17 12.09
N ASN F 114 -0.80 -20.90 12.25
CA ASN F 114 -0.28 -19.70 11.60
C ASN F 114 -0.78 -18.49 12.38
N GLN F 115 -0.05 -18.14 13.44
CA GLN F 115 -0.38 -17.03 14.31
C GLN F 115 0.68 -15.93 14.34
N TYR F 116 0.24 -14.68 14.57
CA TYR F 116 1.08 -13.48 14.59
C TYR F 116 0.90 -12.65 15.86
N ALA F 117 1.96 -11.93 16.27
CA ALA F 117 1.94 -11.06 17.43
C ALA F 117 2.76 -9.80 17.22
N TYR F 118 2.17 -8.65 17.55
CA TYR F 118 2.84 -7.37 17.44
C TYR F 118 3.07 -6.87 18.83
N ASP F 119 4.34 -6.58 19.17
CA ASP F 119 4.78 -6.11 20.49
C ASP F 119 4.41 -7.02 21.68
N GLY F 120 4.63 -8.31 21.51
CA GLY F 120 4.40 -9.33 22.53
C GLY F 120 2.95 -9.73 22.79
N LYS F 121 2.00 -9.11 22.07
CA LYS F 121 0.57 -9.40 22.24
C LYS F 121 0.00 -9.91 20.94
N ASP F 122 -0.94 -10.88 21.03
CA ASP F 122 -1.63 -11.51 19.89
C ASP F 122 -2.16 -10.49 18.89
N TYR F 123 -2.00 -10.79 17.60
CA TYR F 123 -2.48 -9.92 16.54
C TYR F 123 -3.49 -10.66 15.67
N ILE F 124 -3.03 -11.60 14.83
CA ILE F 124 -3.89 -12.41 13.97
C ILE F 124 -3.48 -13.88 14.00
N ALA F 125 -4.48 -14.78 14.05
CA ALA F 125 -4.26 -16.22 14.06
C ALA F 125 -5.18 -16.91 13.05
N LEU F 126 -4.75 -18.05 12.53
CA LEU F 126 -5.51 -18.86 11.60
C LEU F 126 -6.25 -19.92 12.42
N ASN F 127 -7.58 -19.98 12.25
CA ASN F 127 -8.46 -20.92 12.96
C ASN F 127 -8.20 -22.37 12.50
N GLU F 128 -8.56 -23.36 13.34
CA GLU F 128 -8.35 -24.80 13.05
C GLU F 128 -8.92 -25.33 11.73
N ASP F 129 -9.88 -24.60 11.14
CA ASP F 129 -10.50 -24.91 9.85
C ASP F 129 -9.52 -24.59 8.71
N LEU F 130 -8.51 -23.74 9.01
CA LEU F 130 -7.47 -23.25 8.09
C LEU F 130 -8.10 -22.47 6.93
N ARG F 131 -9.26 -21.82 7.23
CA ARG F 131 -10.06 -21.03 6.29
C ARG F 131 -10.35 -19.63 6.84
N SER F 132 -10.72 -19.53 8.13
CA SER F 132 -11.04 -18.24 8.75
C SER F 132 -9.88 -17.68 9.61
N TRP F 133 -10.00 -16.41 10.04
CA TRP F 133 -8.99 -15.72 10.85
C TRP F 133 -9.56 -15.22 12.18
N THR F 134 -8.68 -14.94 13.16
CA THR F 134 -9.03 -14.39 14.46
C THR F 134 -8.22 -13.14 14.74
N ALA F 135 -8.92 -11.98 14.87
CA ALA F 135 -8.34 -10.68 15.15
C ALA F 135 -8.43 -10.40 16.66
N ALA F 136 -7.28 -10.13 17.31
CA ALA F 136 -7.22 -9.87 18.74
C ALA F 136 -7.67 -8.46 19.13
N ASP F 137 -7.34 -7.46 18.29
CA ASP F 137 -7.70 -6.05 18.49
C ASP F 137 -8.38 -5.46 17.25
N THR F 138 -8.61 -4.12 17.25
CA THR F 138 -9.25 -3.42 16.15
C THR F 138 -8.34 -3.33 14.92
N ALA F 139 -7.04 -3.02 15.11
CA ALA F 139 -6.07 -2.92 14.01
C ALA F 139 -5.94 -4.24 13.23
N ALA F 140 -6.08 -5.38 13.93
CA ALA F 140 -6.00 -6.72 13.35
C ALA F 140 -7.16 -7.01 12.39
N GLN F 141 -8.32 -6.31 12.58
CA GLN F 141 -9.52 -6.41 11.73
C GLN F 141 -9.26 -5.86 10.32
N ILE F 142 -8.29 -4.91 10.20
CA ILE F 142 -7.83 -4.34 8.92
C ILE F 142 -7.11 -5.45 8.15
N THR F 143 -6.13 -6.11 8.80
CA THR F 143 -5.35 -7.22 8.24
C THR F 143 -6.29 -8.35 7.79
N GLN F 144 -7.26 -8.73 8.64
CA GLN F 144 -8.24 -9.78 8.35
C GLN F 144 -9.06 -9.46 7.09
N ARG F 145 -9.57 -8.24 6.98
CA ARG F 145 -10.35 -7.75 5.84
C ARG F 145 -9.47 -7.71 4.57
N LYS F 146 -8.19 -7.37 4.73
CA LYS F 146 -7.19 -7.29 3.66
C LYS F 146 -6.81 -8.69 3.17
N TRP F 147 -6.59 -9.61 4.13
CA TRP F 147 -6.17 -11.00 3.89
C TRP F 147 -7.28 -11.92 3.40
N GLU F 148 -8.55 -11.53 3.64
CA GLU F 148 -9.71 -12.29 3.18
C GLU F 148 -9.93 -12.04 1.68
N ALA F 149 -9.66 -10.81 1.23
CA ALA F 149 -9.75 -10.36 -0.15
C ALA F 149 -8.55 -10.88 -0.95
N ALA F 150 -7.37 -10.94 -0.30
CA ALA F 150 -6.14 -11.42 -0.93
C ALA F 150 -6.11 -12.95 -1.01
N ARG F 151 -7.11 -13.63 -0.38
CA ARG F 151 -7.27 -15.09 -0.33
C ARG F 151 -6.04 -15.78 0.28
N VAL F 152 -5.48 -15.16 1.35
CA VAL F 152 -4.27 -15.58 2.09
C VAL F 152 -4.39 -16.98 2.70
N ALA F 153 -5.48 -17.25 3.45
CA ALA F 153 -5.76 -18.53 4.11
C ALA F 153 -5.68 -19.75 3.19
N GLU F 154 -6.11 -19.59 1.90
CA GLU F 154 -6.09 -20.64 0.87
C GLU F 154 -4.67 -21.16 0.63
N GLN F 155 -3.69 -20.25 0.48
CA GLN F 155 -2.30 -20.60 0.24
C GLN F 155 -1.59 -21.07 1.51
N ASP F 156 -2.09 -20.63 2.69
CA ASP F 156 -1.55 -21.03 3.98
C ASP F 156 -1.96 -22.47 4.27
N ARG F 157 -3.26 -22.81 4.00
CA ARG F 157 -3.83 -24.15 4.16
C ARG F 157 -3.06 -25.15 3.29
N ALA F 158 -2.70 -24.73 2.05
CA ALA F 158 -1.95 -25.52 1.07
C ALA F 158 -0.61 -26.00 1.64
N TYR F 159 0.16 -25.08 2.27
CA TYR F 159 1.45 -25.38 2.91
C TYR F 159 1.25 -26.36 4.08
N LEU F 160 0.40 -25.98 5.04
CA LEU F 160 0.11 -26.74 6.27
C LEU F 160 -0.38 -28.16 6.06
N GLU F 161 -1.14 -28.40 4.98
CA GLU F 161 -1.69 -29.73 4.69
C GLU F 161 -0.75 -30.57 3.81
N GLY F 162 -0.09 -29.91 2.86
CA GLY F 162 0.85 -30.53 1.94
C GLY F 162 2.28 -30.43 2.44
N THR F 163 2.99 -29.38 2.00
CA THR F 163 4.40 -29.07 2.31
C THR F 163 4.83 -29.33 3.76
N CYS F 164 4.13 -28.74 4.73
CA CYS F 164 4.43 -28.85 6.15
C CYS F 164 4.42 -30.29 6.66
N VAL F 165 3.41 -31.06 6.24
CA VAL F 165 3.21 -32.46 6.61
C VAL F 165 4.24 -33.39 5.96
N GLU F 166 4.52 -33.21 4.66
CA GLU F 166 5.46 -34.01 3.86
C GLU F 166 6.86 -34.02 4.47
N TRP F 167 7.39 -32.82 4.80
CA TRP F 167 8.72 -32.61 5.35
C TRP F 167 8.87 -33.11 6.77
N LEU F 168 7.82 -32.98 7.60
CA LEU F 168 7.83 -33.47 8.97
C LEU F 168 8.00 -35.00 8.99
N ARG F 169 7.31 -35.72 8.08
CA ARG F 169 7.41 -37.17 7.93
C ARG F 169 8.85 -37.56 7.57
N ARG F 170 9.46 -36.81 6.63
CA ARG F 170 10.83 -36.98 6.14
C ARG F 170 11.83 -36.80 7.29
N TYR F 171 11.70 -35.70 8.06
CA TYR F 171 12.58 -35.41 9.19
C TYR F 171 12.45 -36.49 10.27
N LEU F 172 11.20 -36.97 10.52
CA LEU F 172 10.87 -38.03 11.49
C LEU F 172 11.36 -39.42 11.05
N GLU F 173 11.73 -39.57 9.78
CA GLU F 173 12.24 -40.84 9.27
C GLU F 173 13.76 -40.79 9.21
N ASN F 174 14.33 -39.63 8.85
CA ASN F 174 15.77 -39.38 8.77
C ASN F 174 16.42 -39.39 10.15
N GLY F 175 15.67 -38.95 11.17
CA GLY F 175 16.14 -38.89 12.55
C GLY F 175 15.29 -39.63 13.55
N LYS F 176 14.67 -40.75 13.11
CA LYS F 176 13.79 -41.61 13.93
C LYS F 176 14.43 -42.17 15.21
N ASP F 177 15.72 -42.56 15.14
CA ASP F 177 16.49 -43.13 16.27
C ASP F 177 16.42 -42.27 17.54
N THR F 178 16.39 -40.93 17.36
CA THR F 178 16.38 -39.94 18.44
C THR F 178 15.05 -39.22 18.64
N LEU F 179 14.46 -38.64 17.57
CA LEU F 179 13.20 -37.88 17.61
C LEU F 179 12.02 -38.71 18.12
N GLU F 180 11.96 -39.99 17.72
CA GLU F 180 10.89 -40.94 18.11
C GLU F 180 11.11 -41.52 19.51
N ARG F 181 12.32 -41.35 20.09
CA ARG F 181 12.65 -41.87 21.42
C ARG F 181 12.39 -40.84 22.51
N ALA F 182 11.63 -41.25 23.54
CA ALA F 182 11.29 -40.39 24.66
C ALA F 182 12.02 -40.85 25.92
N ASP F 183 12.86 -39.96 26.48
CA ASP F 183 13.64 -40.23 27.69
C ASP F 183 12.81 -40.06 28.96
N PRO F 184 12.63 -41.12 29.78
CA PRO F 184 11.86 -40.97 31.02
C PRO F 184 12.65 -40.19 32.09
N PRO F 185 11.98 -39.47 33.03
CA PRO F 185 12.73 -38.70 34.04
C PRO F 185 13.36 -39.54 35.15
N LYS F 186 14.56 -39.11 35.61
CA LYS F 186 15.27 -39.73 36.72
C LYS F 186 14.75 -39.11 38.01
N THR F 187 13.64 -39.66 38.52
CA THR F 187 12.89 -39.19 39.68
C THR F 187 13.44 -39.59 41.04
N HIS F 188 13.36 -38.64 42.01
CA HIS F 188 13.75 -38.77 43.41
C HIS F 188 13.11 -37.65 44.23
N VAL F 189 12.84 -37.92 45.53
CA VAL F 189 12.23 -36.95 46.45
C VAL F 189 13.24 -36.55 47.54
N THR F 190 13.37 -35.23 47.79
CA THR F 190 14.28 -34.65 48.80
C THR F 190 13.53 -33.96 49.94
N HIS F 191 14.01 -34.17 51.18
CA HIS F 191 13.42 -33.62 52.40
C HIS F 191 14.39 -32.67 53.11
N HIS F 192 13.93 -31.45 53.42
CA HIS F 192 14.71 -30.43 54.12
C HIS F 192 13.90 -29.79 55.25
N PRO F 193 14.34 -29.86 56.53
CA PRO F 193 13.57 -29.20 57.61
C PRO F 193 13.82 -27.70 57.59
N ILE F 194 12.74 -26.92 57.42
CA ILE F 194 12.82 -25.44 57.35
C ILE F 194 12.59 -24.75 58.70
N SER F 195 11.60 -25.22 59.48
CA SER F 195 11.26 -24.68 60.80
C SER F 195 11.01 -25.80 61.82
N ASP F 196 10.65 -25.42 63.07
CA ASP F 196 10.37 -26.32 64.20
C ASP F 196 9.20 -27.27 63.92
N HIS F 197 8.15 -26.76 63.28
CA HIS F 197 6.93 -27.50 62.95
C HIS F 197 6.81 -27.89 61.47
N GLU F 198 7.19 -26.99 60.55
CA GLU F 198 7.08 -27.22 59.09
C GLU F 198 8.39 -27.68 58.42
N ALA F 199 8.25 -28.54 57.40
CA ALA F 199 9.34 -29.09 56.59
C ALA F 199 8.94 -29.11 55.11
N THR F 200 9.92 -28.96 54.20
CA THR F 200 9.66 -28.94 52.75
C THR F 200 10.03 -30.23 52.04
N LEU F 201 9.11 -30.74 51.20
CA LEU F 201 9.30 -31.93 50.37
C LEU F 201 9.34 -31.52 48.90
N ARG F 202 10.42 -31.87 48.19
CA ARG F 202 10.62 -31.53 46.79
C ARG F 202 10.86 -32.79 45.95
N CYS F 203 10.12 -32.93 44.85
CA CYS F 203 10.23 -34.04 43.92
C CYS F 203 10.96 -33.59 42.67
N TRP F 204 11.96 -34.37 42.23
CA TRP F 204 12.75 -34.02 41.06
C TRP F 204 12.44 -34.88 39.85
N ALA F 205 12.48 -34.26 38.66
CA ALA F 205 12.31 -34.90 37.35
C ALA F 205 13.45 -34.35 36.51
N LEU F 206 14.51 -35.16 36.33
CA LEU F 206 15.72 -34.74 35.62
C LEU F 206 15.99 -35.56 34.37
N GLY F 207 16.72 -34.95 33.44
CA GLY F 207 17.15 -35.55 32.17
C GLY F 207 16.10 -36.15 31.28
N PHE F 208 14.87 -35.59 31.27
CA PHE F 208 13.76 -36.09 30.45
C PHE F 208 13.58 -35.36 29.12
N TYR F 209 13.03 -36.08 28.13
CA TYR F 209 12.71 -35.58 26.79
C TYR F 209 11.49 -36.36 26.27
N PRO F 210 10.47 -35.73 25.66
CA PRO F 210 10.30 -34.29 25.39
C PRO F 210 9.95 -33.47 26.64
N ALA F 211 9.85 -32.13 26.50
CA ALA F 211 9.55 -31.19 27.57
C ALA F 211 8.26 -31.47 28.34
N GLU F 212 7.20 -31.95 27.65
CA GLU F 212 5.88 -32.25 28.21
C GLU F 212 5.90 -33.19 29.45
N ILE F 213 5.72 -32.60 30.64
CA ILE F 213 5.69 -33.29 31.92
C ILE F 213 4.64 -32.68 32.86
N THR F 214 4.06 -33.51 33.73
CA THR F 214 3.08 -33.05 34.72
C THR F 214 3.43 -33.68 36.07
N LEU F 215 3.74 -32.82 37.06
CA LEU F 215 4.07 -33.22 38.43
C LEU F 215 2.94 -32.79 39.35
N THR F 216 2.40 -33.74 40.14
CA THR F 216 1.30 -33.48 41.06
C THR F 216 1.53 -34.04 42.45
N TRP F 217 1.22 -33.24 43.48
CA TRP F 217 1.31 -33.60 44.89
C TRP F 217 -0.12 -33.77 45.43
N GLN F 218 -0.36 -34.87 46.17
CA GLN F 218 -1.68 -35.17 46.76
C GLN F 218 -1.64 -35.79 48.15
N ARG F 219 -2.38 -35.18 49.11
CA ARG F 219 -2.50 -35.66 50.47
C ARG F 219 -3.63 -36.69 50.51
N ASP F 220 -3.27 -37.98 50.68
CA ASP F 220 -4.17 -39.16 50.73
C ASP F 220 -4.84 -39.51 49.39
N GLY F 221 -5.31 -38.49 48.66
CA GLY F 221 -5.97 -38.63 47.36
C GLY F 221 -6.45 -37.33 46.75
N GLU F 222 -6.34 -36.21 47.52
CA GLU F 222 -6.75 -34.86 47.12
C GLU F 222 -5.55 -34.02 46.64
N ASP F 223 -5.57 -33.62 45.35
CA ASP F 223 -4.51 -32.82 44.73
C ASP F 223 -4.55 -31.36 45.18
N GLN F 224 -3.40 -30.87 45.72
CA GLN F 224 -3.25 -29.52 46.24
C GLN F 224 -2.80 -28.53 45.15
N THR F 225 -3.75 -28.07 44.32
CA THR F 225 -3.49 -27.14 43.21
C THR F 225 -3.44 -25.65 43.66
N GLN F 226 -3.01 -25.40 44.91
CA GLN F 226 -2.90 -24.05 45.48
C GLN F 226 -1.64 -23.82 46.33
N ASP F 227 -1.30 -24.76 47.25
CA ASP F 227 -0.14 -24.66 48.14
C ASP F 227 1.17 -25.13 47.49
N THR F 228 1.06 -25.98 46.45
CA THR F 228 2.21 -26.55 45.73
C THR F 228 2.96 -25.52 44.89
N GLU F 229 4.27 -25.38 45.14
CA GLU F 229 5.17 -24.49 44.42
C GLU F 229 5.72 -25.22 43.18
N LEU F 230 5.23 -24.82 42.00
CA LEU F 230 5.61 -25.40 40.72
C LEU F 230 6.48 -24.42 39.95
N VAL F 231 7.68 -24.85 39.53
CA VAL F 231 8.59 -24.01 38.74
C VAL F 231 8.50 -24.37 37.27
N GLU F 232 8.68 -23.36 36.40
CA GLU F 232 8.66 -23.49 34.94
C GLU F 232 9.72 -24.51 34.47
N THR F 233 9.35 -25.42 33.54
CA THR F 233 10.24 -26.44 32.97
C THR F 233 11.46 -25.74 32.38
N ARG F 234 12.66 -26.27 32.69
CA ARG F 234 13.92 -25.66 32.29
C ARG F 234 14.85 -26.60 31.50
N PRO F 235 15.59 -26.07 30.48
CA PRO F 235 16.52 -26.94 29.74
C PRO F 235 17.76 -27.23 30.57
N ALA F 236 18.32 -28.44 30.43
CA ALA F 236 19.51 -28.84 31.17
C ALA F 236 20.80 -28.42 30.47
N GLY F 237 20.76 -28.33 29.14
CA GLY F 237 21.89 -27.97 28.30
C GLY F 237 22.32 -29.12 27.40
N ASP F 238 22.05 -30.36 27.84
CA ASP F 238 22.37 -31.61 27.13
C ASP F 238 21.15 -32.17 26.38
N ARG F 239 20.34 -31.26 25.79
CA ARG F 239 19.10 -31.51 25.04
C ARG F 239 17.95 -32.13 25.87
N THR F 240 18.10 -32.16 27.20
CA THR F 240 17.09 -32.69 28.13
C THR F 240 16.51 -31.59 29.02
N PHE F 241 15.49 -31.94 29.82
CA PHE F 241 14.79 -30.98 30.68
C PHE F 241 14.74 -31.35 32.16
N GLN F 242 14.55 -30.33 33.02
CA GLN F 242 14.45 -30.45 34.47
C GLN F 242 13.16 -29.78 34.93
N LYS F 243 12.52 -30.35 35.95
CA LYS F 243 11.26 -29.86 36.52
C LYS F 243 11.14 -30.33 37.97
N TRP F 244 10.67 -29.43 38.85
CA TRP F 244 10.41 -29.74 40.26
C TRP F 244 9.17 -29.09 40.83
N ALA F 245 8.51 -29.78 41.78
CA ALA F 245 7.32 -29.33 42.49
C ALA F 245 7.54 -29.51 44.00
N ALA F 246 7.32 -28.43 44.77
CA ALA F 246 7.53 -28.46 46.22
C ALA F 246 6.26 -28.12 46.99
N VAL F 247 6.08 -28.76 48.17
CA VAL F 247 4.94 -28.55 49.06
C VAL F 247 5.36 -28.48 50.54
N VAL F 248 4.93 -27.41 51.25
CA VAL F 248 5.23 -27.20 52.67
C VAL F 248 4.32 -28.13 53.49
N VAL F 249 4.93 -29.09 54.20
CA VAL F 249 4.22 -30.12 54.98
C VAL F 249 4.55 -30.08 56.48
N PRO F 250 3.59 -30.38 57.40
CA PRO F 250 3.94 -30.38 58.84
C PRO F 250 4.77 -31.63 59.20
N SER F 251 5.82 -31.45 60.03
CA SER F 251 6.74 -32.52 60.45
C SER F 251 6.06 -33.70 61.12
N GLY F 252 6.44 -34.90 60.71
CA GLY F 252 5.89 -36.15 61.22
C GLY F 252 5.14 -36.94 60.17
N GLU F 253 4.04 -36.35 59.65
CA GLU F 253 3.18 -36.96 58.63
C GLU F 253 3.68 -36.77 57.19
N GLU F 254 4.92 -37.21 56.94
CA GLU F 254 5.58 -37.17 55.62
C GLU F 254 4.96 -38.23 54.71
N GLN F 255 4.73 -39.45 55.24
CA GLN F 255 4.14 -40.58 54.52
C GLN F 255 2.60 -40.43 54.49
N ARG F 256 2.14 -39.33 53.87
CA ARG F 256 0.74 -38.94 53.71
C ARG F 256 0.60 -38.22 52.37
N TYR F 257 1.67 -37.51 51.97
CA TYR F 257 1.78 -36.77 50.71
C TYR F 257 2.55 -37.62 49.70
N THR F 258 1.96 -37.81 48.51
CA THR F 258 2.56 -38.61 47.42
C THR F 258 2.73 -37.77 46.15
N CYS F 259 3.75 -38.11 45.35
CA CYS F 259 4.05 -37.44 44.09
C CYS F 259 3.63 -38.30 42.89
N HIS F 260 3.11 -37.64 41.84
CA HIS F 260 2.66 -38.31 40.61
C HIS F 260 3.31 -37.73 39.35
N VAL F 261 4.23 -38.51 38.75
CA VAL F 261 4.95 -38.15 37.54
C VAL F 261 4.32 -38.79 36.29
N GLN F 262 3.97 -37.97 35.29
CA GLN F 262 3.38 -38.46 34.05
C GLN F 262 4.13 -37.92 32.83
N HIS F 263 4.85 -38.83 32.15
CA HIS F 263 5.68 -38.53 31.00
C HIS F 263 5.54 -39.62 29.92
N GLU F 264 5.69 -39.23 28.64
CA GLU F 264 5.61 -40.09 27.46
C GLU F 264 6.59 -41.29 27.51
N GLY F 265 7.80 -41.04 28.03
CA GLY F 265 8.84 -42.05 28.17
C GLY F 265 8.57 -43.08 29.23
N LEU F 266 7.73 -42.75 30.23
CA LEU F 266 7.37 -43.63 31.33
C LEU F 266 6.36 -44.70 30.89
N PRO F 267 6.50 -45.97 31.37
CA PRO F 267 5.55 -47.01 30.98
C PRO F 267 4.19 -46.83 31.67
N LYS F 268 4.21 -46.48 32.97
CA LYS F 268 3.04 -46.24 33.79
C LYS F 268 3.36 -45.18 34.85
N PRO F 269 2.47 -44.17 35.09
CA PRO F 269 2.77 -43.13 36.09
C PRO F 269 3.12 -43.65 37.48
N LEU F 270 4.27 -43.18 38.01
CA LEU F 270 4.84 -43.58 39.30
C LEU F 270 4.24 -42.83 40.48
N THR F 271 4.20 -43.52 41.64
CA THR F 271 3.73 -42.98 42.92
C THR F 271 4.96 -42.85 43.82
N LEU F 272 5.47 -41.61 43.96
CA LEU F 272 6.68 -41.31 44.74
C LEU F 272 6.39 -40.89 46.17
N ARG F 273 7.15 -41.48 47.11
CA ARG F 273 7.08 -41.26 48.55
C ARG F 273 8.51 -40.97 49.06
N TRP F 274 8.89 -41.53 50.23
CA TRP F 274 10.21 -41.45 50.88
C TRP F 274 10.67 -40.06 51.34
N GLU F 275 11.40 -40.03 52.47
CA GLU F 275 11.99 -38.86 53.12
C GLU F 275 13.19 -39.21 54.04
N PRO F 276 13.18 -40.30 54.86
CA PRO F 276 14.33 -40.58 55.71
C PRO F 276 15.38 -41.48 55.06
N MET G 1 1.78 -1.54 23.36
CA MET G 1 3.16 -1.82 23.71
C MET G 1 3.26 -2.34 25.17
N ILE G 2 3.51 -3.67 25.32
CA ILE G 2 3.63 -4.32 26.64
C ILE G 2 5.06 -4.78 26.92
N GLN G 3 5.54 -4.52 28.15
CA GLN G 3 6.86 -4.90 28.62
C GLN G 3 6.72 -5.97 29.71
N ARG G 4 7.41 -7.11 29.52
CA ARG G 4 7.39 -8.23 30.47
C ARG G 4 8.73 -8.42 31.13
N THR G 5 8.72 -8.51 32.48
CA THR G 5 9.92 -8.70 33.29
C THR G 5 10.42 -10.16 33.19
N PRO G 6 11.76 -10.41 33.16
CA PRO G 6 12.22 -11.81 33.05
C PRO G 6 12.08 -12.63 34.31
N LYS G 7 11.97 -13.96 34.12
CA LYS G 7 11.89 -14.96 35.17
C LYS G 7 13.27 -15.63 35.17
N ILE G 8 13.90 -15.73 36.35
CA ILE G 8 15.25 -16.32 36.42
C ILE G 8 15.30 -17.63 37.24
N GLN G 9 15.97 -18.64 36.66
CA GLN G 9 16.20 -19.94 37.30
C GLN G 9 17.67 -20.28 37.20
N VAL G 10 18.35 -20.34 38.35
CA VAL G 10 19.78 -20.68 38.47
C VAL G 10 19.86 -22.07 39.08
N TYR G 11 20.44 -23.00 38.33
CA TYR G 11 20.51 -24.42 38.67
C TYR G 11 21.68 -25.11 37.97
N SER G 12 22.07 -26.29 38.49
CA SER G 12 23.13 -27.12 37.94
C SER G 12 22.50 -28.21 37.07
N ARG G 13 23.18 -28.57 35.95
CA ARG G 13 22.76 -29.59 34.99
C ARG G 13 22.54 -30.95 35.67
N HIS G 14 23.48 -31.33 36.55
CA HIS G 14 23.48 -32.60 37.30
C HIS G 14 23.31 -32.31 38.79
N PRO G 15 22.82 -33.27 39.63
CA PRO G 15 22.62 -33.00 41.07
C PRO G 15 23.67 -32.21 41.86
N ALA G 16 24.93 -32.17 41.37
CA ALA G 16 26.06 -31.42 41.93
C ALA G 16 26.57 -31.84 43.31
N GLU G 17 27.79 -32.38 43.33
CA GLU G 17 28.53 -32.80 44.51
C GLU G 17 29.79 -31.96 44.54
N ASN G 18 30.24 -31.57 45.74
CA ASN G 18 31.44 -30.73 45.92
C ASN G 18 32.69 -31.42 45.38
N GLY G 19 33.43 -30.72 44.51
CA GLY G 19 34.64 -31.23 43.89
C GLY G 19 34.46 -31.90 42.54
N LYS G 20 33.20 -32.27 42.20
CA LYS G 20 32.83 -32.90 40.93
C LYS G 20 32.51 -31.83 39.88
N SER G 21 33.03 -31.99 38.64
CA SER G 21 32.82 -31.06 37.54
C SER G 21 31.35 -31.07 37.08
N ASN G 22 30.76 -29.87 36.86
CA ASN G 22 29.37 -29.70 36.44
C ASN G 22 29.19 -28.44 35.59
N PHE G 23 27.93 -28.13 35.18
CA PHE G 23 27.58 -26.95 34.40
C PHE G 23 26.58 -26.09 35.16
N LEU G 24 26.90 -24.81 35.33
CA LEU G 24 26.03 -23.84 36.00
C LEU G 24 25.15 -23.20 34.94
N ASN G 25 23.83 -23.41 35.06
CA ASN G 25 22.85 -22.88 34.13
C ASN G 25 22.13 -21.68 34.68
N CYS G 26 21.77 -20.76 33.77
CA CYS G 26 20.95 -19.60 34.06
C CYS G 26 19.89 -19.54 32.98
N TYR G 27 18.63 -19.77 33.38
CA TYR G 27 17.52 -19.77 32.45
C TYR G 27 16.62 -18.55 32.60
N VAL G 28 16.80 -17.59 31.68
CA VAL G 28 16.00 -16.37 31.63
C VAL G 28 14.88 -16.56 30.62
N SER G 29 13.63 -16.36 31.04
CA SER G 29 12.45 -16.52 30.20
C SER G 29 11.31 -15.55 30.59
N GLY G 30 10.23 -15.58 29.81
CA GLY G 30 9.03 -14.78 30.03
C GLY G 30 9.22 -13.28 29.94
N PHE G 31 10.22 -12.84 29.18
CA PHE G 31 10.51 -11.42 29.00
C PHE G 31 10.16 -10.86 27.62
N HIS G 32 9.87 -9.55 27.59
CA HIS G 32 9.57 -8.79 26.37
C HIS G 32 9.88 -7.30 26.60
N PRO G 33 10.62 -6.59 25.70
CA PRO G 33 11.24 -7.02 24.44
C PRO G 33 12.45 -7.93 24.61
N SER G 34 13.00 -8.45 23.50
CA SER G 34 14.13 -9.40 23.46
C SER G 34 15.47 -8.94 24.05
N ASP G 35 15.78 -7.63 24.01
CA ASP G 35 17.05 -7.08 24.50
C ASP G 35 17.26 -7.24 26.01
N ILE G 36 18.21 -8.10 26.36
CA ILE G 36 18.56 -8.46 27.74
C ILE G 36 20.10 -8.58 27.91
N GLU G 37 20.57 -8.40 29.17
CA GLU G 37 21.96 -8.54 29.57
C GLU G 37 22.02 -9.56 30.72
N VAL G 38 22.76 -10.65 30.53
CA VAL G 38 22.88 -11.74 31.52
C VAL G 38 24.35 -11.98 31.84
N ASP G 39 24.66 -12.10 33.14
CA ASP G 39 26.01 -12.36 33.67
C ASP G 39 25.97 -13.45 34.75
N LEU G 40 26.87 -14.44 34.65
CA LEU G 40 27.01 -15.49 35.66
C LEU G 40 28.13 -15.07 36.60
N LEU G 41 27.84 -15.02 37.92
CA LEU G 41 28.79 -14.56 38.93
C LEU G 41 29.32 -15.66 39.86
N LYS G 42 30.56 -15.47 40.32
CA LYS G 42 31.25 -16.32 41.28
C LYS G 42 31.81 -15.36 42.34
N ASN G 43 31.21 -15.40 43.54
CA ASN G 43 31.55 -14.56 44.69
C ASN G 43 31.50 -13.05 44.38
N GLY G 44 30.60 -12.66 43.46
CA GLY G 44 30.42 -11.28 43.05
C GLY G 44 31.16 -10.88 41.79
N GLU G 45 32.18 -11.68 41.39
CA GLU G 45 32.98 -11.42 40.20
C GLU G 45 32.37 -12.13 38.99
N ARG G 46 32.38 -11.46 37.82
CA ARG G 46 31.83 -12.01 36.59
C ARG G 46 32.72 -13.10 36.02
N ILE G 47 32.10 -14.25 35.71
CA ILE G 47 32.76 -15.39 35.09
C ILE G 47 33.05 -14.99 33.64
N GLU G 48 34.34 -15.01 33.24
CA GLU G 48 34.82 -14.59 31.92
C GLU G 48 34.15 -15.28 30.72
N LYS G 49 34.36 -16.60 30.54
CA LYS G 49 33.77 -17.30 29.40
C LYS G 49 32.50 -18.07 29.70
N VAL G 50 31.35 -17.40 29.47
CA VAL G 50 30.01 -17.94 29.66
C VAL G 50 29.38 -18.12 28.27
N GLU G 51 29.01 -19.36 27.94
CA GLU G 51 28.37 -19.68 26.66
C GLU G 51 26.88 -19.39 26.77
N HIS G 52 26.27 -18.92 25.67
CA HIS G 52 24.83 -18.64 25.66
C HIS G 52 24.11 -19.18 24.44
N SER G 53 22.85 -19.60 24.64
CA SER G 53 21.96 -20.12 23.60
C SER G 53 21.55 -18.98 22.65
N ASP G 54 21.00 -19.33 21.48
CA ASP G 54 20.55 -18.34 20.51
C ASP G 54 19.08 -17.99 20.71
N LEU G 55 18.75 -16.69 20.59
CA LEU G 55 17.42 -16.11 20.80
C LEU G 55 16.22 -16.83 20.15
N SER G 56 15.24 -17.22 20.99
CA SER G 56 13.99 -17.87 20.60
C SER G 56 12.87 -17.50 21.60
N PHE G 57 11.60 -17.83 21.26
CA PHE G 57 10.45 -17.55 22.11
C PHE G 57 9.50 -18.74 22.25
N SER G 58 8.60 -18.69 23.24
CA SER G 58 7.61 -19.73 23.49
C SER G 58 6.21 -19.37 22.97
N LYS G 59 5.26 -20.33 23.06
CA LYS G 59 3.84 -20.22 22.66
C LYS G 59 3.15 -18.93 23.17
N ASP G 60 3.55 -18.44 24.37
CA ASP G 60 3.00 -17.23 24.98
C ASP G 60 3.70 -15.95 24.48
N TRP G 61 4.46 -16.06 23.37
CA TRP G 61 5.19 -14.97 22.67
C TRP G 61 6.41 -14.39 23.39
N SER G 62 6.68 -14.82 24.63
CA SER G 62 7.81 -14.30 25.40
C SER G 62 9.12 -15.04 25.11
N PHE G 63 10.21 -14.27 25.02
CA PHE G 63 11.56 -14.73 24.72
C PHE G 63 12.22 -15.51 25.86
N TYR G 64 13.15 -16.42 25.51
CA TYR G 64 13.95 -17.20 26.45
C TYR G 64 15.39 -17.35 25.99
N LEU G 65 16.32 -17.51 26.96
CA LEU G 65 17.76 -17.70 26.74
C LEU G 65 18.38 -18.55 27.83
N LEU G 66 19.42 -19.33 27.49
CA LEU G 66 20.15 -20.14 28.45
C LEU G 66 21.61 -19.74 28.44
N TYR G 67 22.10 -19.24 29.57
CA TYR G 67 23.49 -18.85 29.78
C TYR G 67 24.11 -19.92 30.66
N TYR G 68 25.14 -20.59 30.13
CA TYR G 68 25.78 -21.72 30.81
C TYR G 68 27.29 -21.70 30.75
N THR G 69 27.92 -22.16 31.85
CA THR G 69 29.37 -22.26 32.01
C THR G 69 29.75 -23.50 32.83
N GLU G 70 30.90 -24.13 32.50
CA GLU G 70 31.43 -25.29 33.21
C GLU G 70 31.98 -24.79 34.56
N PHE G 71 31.68 -25.50 35.66
CA PHE G 71 32.12 -25.11 37.00
C PHE G 71 32.32 -26.30 37.97
N THR G 72 33.10 -26.07 39.04
CA THR G 72 33.32 -27.07 40.08
C THR G 72 32.74 -26.49 41.38
N PRO G 73 31.57 -26.99 41.84
CA PRO G 73 30.96 -26.43 43.06
C PRO G 73 31.73 -26.80 44.32
N THR G 74 31.82 -25.85 45.26
CA THR G 74 32.45 -26.00 46.57
C THR G 74 31.45 -25.48 47.63
N GLU G 75 31.63 -25.86 48.91
CA GLU G 75 30.72 -25.47 50.01
C GLU G 75 30.74 -23.99 50.40
N LYS G 76 31.84 -23.28 50.07
CA LYS G 76 32.00 -21.85 50.41
C LYS G 76 31.73 -20.89 49.26
N ASP G 77 32.20 -21.22 48.03
CA ASP G 77 32.02 -20.37 46.84
C ASP G 77 30.57 -20.14 46.45
N GLU G 78 30.18 -18.85 46.42
CA GLU G 78 28.83 -18.39 46.10
C GLU G 78 28.65 -18.13 44.60
N TYR G 79 27.69 -18.84 44.00
CA TYR G 79 27.37 -18.69 42.60
C TYR G 79 26.03 -18.00 42.47
N ALA G 80 25.97 -17.00 41.61
CA ALA G 80 24.77 -16.19 41.41
C ALA G 80 24.57 -15.84 39.95
N CYS G 81 23.51 -15.10 39.66
CA CYS G 81 23.18 -14.68 38.31
C CYS G 81 22.61 -13.26 38.31
N ARG G 82 23.27 -12.36 37.57
CA ARG G 82 22.92 -10.95 37.44
C ARG G 82 22.24 -10.72 36.08
N VAL G 83 20.97 -10.26 36.11
CA VAL G 83 20.15 -10.04 34.91
C VAL G 83 19.71 -8.58 34.82
N ASN G 84 19.91 -7.96 33.65
CA ASN G 84 19.55 -6.57 33.39
C ASN G 84 18.60 -6.47 32.18
N HIS G 85 17.50 -5.72 32.37
CA HIS G 85 16.42 -5.55 31.39
C HIS G 85 15.73 -4.18 31.58
N VAL G 86 15.11 -3.65 30.50
CA VAL G 86 14.38 -2.36 30.50
C VAL G 86 13.37 -2.25 31.67
N THR G 87 12.72 -3.36 32.03
CA THR G 87 11.72 -3.48 33.09
C THR G 87 12.33 -3.43 34.49
N LEU G 88 13.66 -3.60 34.60
CA LEU G 88 14.39 -3.61 35.87
C LEU G 88 15.11 -2.30 36.10
N SER G 89 14.85 -1.66 37.25
CA SER G 89 15.45 -0.38 37.65
C SER G 89 16.92 -0.55 38.03
N GLN G 90 17.30 -1.78 38.40
CA GLN G 90 18.64 -2.20 38.80
C GLN G 90 18.79 -3.71 38.50
N PRO G 91 20.03 -4.24 38.32
CA PRO G 91 20.16 -5.68 38.02
C PRO G 91 19.53 -6.64 39.04
N LYS G 92 18.86 -7.70 38.52
CA LYS G 92 18.22 -8.72 39.35
C LYS G 92 19.24 -9.83 39.58
N ILE G 93 19.63 -10.04 40.84
CA ILE G 93 20.61 -11.05 41.21
C ILE G 93 19.96 -12.23 41.94
N VAL G 94 19.98 -13.41 41.30
CA VAL G 94 19.43 -14.65 41.83
C VAL G 94 20.58 -15.59 42.20
N LYS G 95 20.76 -15.84 43.51
CA LYS G 95 21.82 -16.70 44.03
C LYS G 95 21.49 -18.17 43.79
N TRP G 96 22.47 -18.96 43.31
CA TRP G 96 22.26 -20.38 43.04
C TRP G 96 22.14 -21.17 44.33
N ASP G 97 21.02 -21.89 44.47
CA ASP G 97 20.75 -22.77 45.60
C ASP G 97 21.01 -24.19 45.13
N ARG G 98 21.79 -24.95 45.91
CA ARG G 98 22.19 -26.33 45.65
C ARG G 98 20.98 -27.27 45.54
N ASP G 99 19.92 -27.00 46.34
CA ASP G 99 18.70 -27.80 46.40
C ASP G 99 17.53 -27.24 45.58
N MET G 100 17.82 -26.31 44.64
CA MET G 100 16.81 -25.68 43.77
C MET G 100 17.26 -25.56 42.30
N HIS H 1 10.61 -27.79 6.43
CA HIS H 1 10.71 -26.78 5.38
C HIS H 1 9.86 -25.56 5.74
N SER H 2 10.42 -24.36 5.57
CA SER H 2 9.77 -23.08 5.88
C SER H 2 8.62 -22.75 4.93
N LYS H 3 7.77 -21.78 5.31
CA LYS H 3 6.61 -21.31 4.56
C LYS H 3 6.93 -19.98 3.87
N LYS H 4 6.37 -19.77 2.67
CA LYS H 4 6.56 -18.54 1.92
C LYS H 4 5.55 -17.49 2.42
N LYS H 5 6.04 -16.52 3.20
CA LYS H 5 5.23 -15.44 3.74
C LYS H 5 5.31 -14.26 2.75
N CYS H 6 4.34 -14.16 1.83
CA CYS H 6 4.36 -13.14 0.78
C CYS H 6 3.40 -11.97 0.99
N ASP H 7 2.36 -12.15 1.84
CA ASP H 7 1.36 -11.12 2.09
C ASP H 7 1.60 -10.35 3.37
N GLU H 8 1.77 -9.03 3.25
CA GLU H 8 2.00 -8.10 4.36
C GLU H 8 0.76 -7.89 5.23
N LEU H 9 0.97 -7.62 6.52
CA LEU H 9 -0.10 -7.37 7.50
C LEU H 9 -0.70 -5.98 7.30
N GLY I 3 -0.03 -3.57 -17.49
CA GLY I 3 0.91 -4.23 -18.39
C GLY I 3 2.37 -3.99 -18.03
N VAL I 4 3.21 -5.02 -18.22
CA VAL I 4 4.65 -4.94 -17.93
C VAL I 4 5.36 -4.25 -19.11
N ALA I 5 5.89 -3.05 -18.86
CA ALA I 5 6.60 -2.26 -19.86
C ALA I 5 8.08 -2.67 -19.92
N GLN I 6 8.63 -2.75 -21.14
CA GLN I 6 10.03 -3.12 -21.35
C GLN I 6 10.66 -2.29 -22.46
N SER I 7 11.84 -1.73 -22.17
CA SER I 7 12.59 -0.93 -23.12
C SER I 7 14.07 -1.32 -23.13
N PRO I 8 14.71 -1.49 -24.30
CA PRO I 8 14.17 -1.33 -25.66
C PRO I 8 13.42 -2.57 -26.17
N ARG I 9 12.83 -2.49 -27.38
CA ARG I 9 12.14 -3.63 -27.99
C ARG I 9 13.18 -4.52 -28.69
N TYR I 10 14.22 -3.87 -29.29
CA TYR I 10 15.35 -4.49 -29.98
C TYR I 10 16.63 -3.71 -29.65
N LYS I 11 17.79 -4.40 -29.62
CA LYS I 11 19.11 -3.77 -29.37
C LYS I 11 20.23 -4.55 -30.02
N ILE I 12 21.14 -3.83 -30.70
CA ILE I 12 22.31 -4.39 -31.39
C ILE I 12 23.58 -3.81 -30.76
N ILE I 13 24.50 -4.68 -30.35
CA ILE I 13 25.81 -4.34 -29.77
C ILE I 13 26.90 -5.26 -30.34
N GLU I 14 28.17 -4.86 -30.22
CA GLU I 14 29.32 -5.66 -30.66
C GLU I 14 29.83 -6.46 -29.45
N LYS I 15 30.68 -7.50 -29.67
CA LYS I 15 31.23 -8.31 -28.58
C LYS I 15 32.07 -7.44 -27.63
N ARG I 16 31.96 -7.71 -26.31
CA ARG I 16 32.64 -7.02 -25.20
C ARG I 16 32.03 -5.63 -24.86
N GLN I 17 30.90 -5.28 -25.50
CA GLN I 17 30.21 -4.01 -25.24
C GLN I 17 29.24 -4.13 -24.05
N SER I 18 28.87 -2.98 -23.48
CA SER I 18 27.97 -2.90 -22.32
C SER I 18 26.54 -2.49 -22.70
N VAL I 19 25.54 -3.25 -22.22
CA VAL I 19 24.13 -2.99 -22.48
C VAL I 19 23.29 -3.06 -21.20
N ALA I 20 22.23 -2.24 -21.13
CA ALA I 20 21.30 -2.18 -20.00
C ALA I 20 19.87 -2.30 -20.49
N PHE I 21 19.05 -3.11 -19.80
CA PHE I 21 17.63 -3.30 -20.12
C PHE I 21 16.76 -2.81 -18.98
N TRP I 22 15.65 -2.14 -19.32
CA TRP I 22 14.74 -1.59 -18.32
C TRP I 22 13.37 -2.26 -18.38
N CYS I 23 12.77 -2.50 -17.21
CA CYS I 23 11.46 -3.12 -17.05
C CYS I 23 10.63 -2.41 -16.01
N ASN I 24 9.37 -2.11 -16.36
CA ASN I 24 8.42 -1.51 -15.43
C ASN I 24 7.33 -2.51 -15.15
N PRO I 25 7.26 -3.08 -13.92
CA PRO I 25 6.21 -4.06 -13.63
C PRO I 25 4.81 -3.45 -13.54
N ILE I 26 3.79 -4.30 -13.34
CA ILE I 26 2.41 -3.84 -13.16
C ILE I 26 2.36 -3.17 -11.77
N SER I 27 1.57 -2.09 -11.63
CA SER I 27 1.42 -1.35 -10.38
C SER I 27 0.95 -2.28 -9.24
N GLY I 28 1.67 -2.24 -8.12
CA GLY I 28 1.37 -3.05 -6.96
C GLY I 28 2.04 -4.40 -6.90
N HIS I 29 2.73 -4.80 -7.98
CA HIS I 29 3.41 -6.09 -8.07
C HIS I 29 4.75 -6.05 -7.33
N ALA I 30 4.81 -6.79 -6.19
CA ALA I 30 5.98 -6.85 -5.31
C ALA I 30 7.13 -7.68 -5.86
N THR I 31 6.80 -8.78 -6.58
CA THR I 31 7.81 -9.68 -7.14
C THR I 31 8.15 -9.37 -8.58
N LEU I 32 9.44 -9.22 -8.88
CA LEU I 32 9.96 -8.99 -10.22
C LEU I 32 10.95 -10.10 -10.55
N TYR I 33 10.88 -10.61 -11.78
CA TYR I 33 11.75 -11.68 -12.26
C TYR I 33 12.39 -11.26 -13.56
N TRP I 34 13.65 -11.67 -13.80
CA TRP I 34 14.37 -11.42 -15.05
C TRP I 34 14.67 -12.75 -15.72
N TYR I 35 14.08 -12.98 -16.90
CA TYR I 35 14.26 -14.22 -17.66
C TYR I 35 15.07 -14.01 -18.92
N GLN I 36 15.87 -15.02 -19.29
CA GLN I 36 16.63 -15.08 -20.53
C GLN I 36 15.97 -16.20 -21.36
N GLN I 37 15.58 -15.89 -22.60
CA GLN I 37 14.92 -16.85 -23.46
C GLN I 37 15.79 -17.25 -24.64
N ILE I 38 16.37 -18.48 -24.59
CA ILE I 38 17.23 -19.04 -25.64
C ILE I 38 16.38 -19.23 -26.89
N LEU I 39 16.34 -18.17 -27.72
CA LEU I 39 15.59 -17.99 -28.96
C LEU I 39 14.78 -19.22 -29.41
N GLY I 40 13.54 -19.27 -28.93
CA GLY I 40 12.60 -20.35 -29.17
C GLY I 40 12.19 -21.07 -27.91
N GLN I 41 13.19 -21.62 -27.18
CA GLN I 41 13.03 -22.42 -25.95
C GLN I 41 12.41 -21.70 -24.73
N GLY I 42 12.17 -22.47 -23.65
CA GLY I 42 11.58 -21.99 -22.41
C GLY I 42 12.37 -20.93 -21.66
N PRO I 43 11.69 -20.03 -20.91
CA PRO I 43 12.44 -18.98 -20.19
C PRO I 43 13.17 -19.48 -18.94
N LYS I 44 14.47 -19.20 -18.88
CA LYS I 44 15.36 -19.56 -17.77
C LYS I 44 15.62 -18.32 -16.91
N LEU I 45 15.35 -18.42 -15.60
CA LEU I 45 15.49 -17.33 -14.63
C LEU I 45 16.95 -16.91 -14.42
N LEU I 46 17.17 -15.59 -14.31
CA LEU I 46 18.49 -14.99 -14.05
C LEU I 46 18.49 -14.48 -12.60
N ILE I 47 17.63 -13.48 -12.33
CA ILE I 47 17.47 -12.84 -11.01
C ILE I 47 15.97 -12.65 -10.64
N GLN I 48 15.68 -12.67 -9.33
CA GLN I 48 14.35 -12.50 -8.77
C GLN I 48 14.42 -11.53 -7.58
N PHE I 49 13.50 -10.55 -7.57
CA PHE I 49 13.41 -9.54 -6.52
C PHE I 49 12.06 -9.58 -5.82
N GLN I 50 12.06 -9.32 -4.51
CA GLN I 50 10.87 -9.14 -3.70
C GLN I 50 11.07 -7.75 -3.13
N ASN I 51 10.39 -6.76 -3.71
CA ASN I 51 10.53 -5.33 -3.39
C ASN I 51 11.93 -4.85 -3.83
N ASN I 52 12.64 -4.09 -2.98
CA ASN I 52 13.96 -3.54 -3.33
C ASN I 52 15.13 -4.53 -3.25
N GLY I 53 14.89 -5.67 -2.61
CA GLY I 53 15.92 -6.67 -2.37
C GLY I 53 15.89 -7.87 -3.28
N VAL I 54 17.08 -8.39 -3.58
CA VAL I 54 17.35 -9.58 -4.37
C VAL I 54 16.95 -10.78 -3.50
N VAL I 55 16.28 -11.76 -4.11
CA VAL I 55 15.83 -12.97 -3.44
C VAL I 55 16.54 -14.22 -4.02
N ASP I 56 16.67 -14.29 -5.36
CA ASP I 56 17.33 -15.40 -6.05
C ASP I 56 18.24 -14.85 -7.17
N ASP I 57 19.55 -15.16 -7.10
CA ASP I 57 20.55 -14.71 -8.08
C ASP I 57 21.60 -15.79 -8.34
N SER I 58 21.31 -17.03 -7.88
CA SER I 58 22.18 -18.21 -8.04
C SER I 58 22.41 -18.58 -9.50
N GLN I 59 21.40 -18.34 -10.36
CA GLN I 59 21.45 -18.66 -11.79
C GLN I 59 21.99 -17.49 -12.65
N LEU I 60 22.42 -16.40 -11.99
CA LEU I 60 22.95 -15.20 -12.65
C LEU I 60 24.50 -15.22 -12.68
N PRO I 61 25.13 -15.12 -13.88
CA PRO I 61 26.61 -15.09 -13.92
C PRO I 61 27.12 -13.70 -13.51
N LYS I 62 27.41 -13.53 -12.20
CA LYS I 62 27.84 -12.28 -11.56
C LYS I 62 29.05 -11.57 -12.18
N ASP I 63 29.90 -12.31 -12.93
CA ASP I 63 31.08 -11.77 -13.61
C ASP I 63 30.72 -10.71 -14.67
N ARG I 64 29.66 -10.96 -15.45
CA ARG I 64 29.16 -10.08 -16.51
C ARG I 64 27.74 -9.52 -16.23
N PHE I 65 26.84 -10.36 -15.70
CA PHE I 65 25.45 -9.98 -15.41
C PHE I 65 25.26 -9.30 -14.07
N SER I 66 24.44 -8.22 -14.08
CA SER I 66 24.10 -7.39 -12.91
C SER I 66 22.70 -6.79 -13.03
N ALA I 67 21.95 -6.73 -11.90
CA ALA I 67 20.60 -6.16 -11.87
C ALA I 67 20.31 -5.40 -10.58
N GLU I 68 19.51 -4.34 -10.67
CA GLU I 68 19.12 -3.49 -9.55
C GLU I 68 17.68 -3.04 -9.64
N ARG I 69 16.98 -3.06 -8.50
CA ARG I 69 15.60 -2.62 -8.33
C ARG I 69 15.61 -1.82 -7.00
N LEU I 70 16.53 -0.84 -6.93
CA LEU I 70 16.86 0.05 -5.81
C LEU I 70 15.68 0.62 -5.04
N LYS I 71 14.63 1.07 -5.76
CA LYS I 71 13.43 1.64 -5.14
C LYS I 71 12.24 0.68 -5.06
N GLY I 72 12.48 -0.58 -5.39
CA GLY I 72 11.50 -1.66 -5.32
C GLY I 72 10.35 -1.61 -6.31
N VAL I 73 10.51 -0.82 -7.40
CA VAL I 73 9.50 -0.69 -8.45
C VAL I 73 10.09 -1.20 -9.77
N ASP I 74 10.70 -0.33 -10.59
CA ASP I 74 11.31 -0.68 -11.88
C ASP I 74 12.71 -1.25 -11.70
N SER I 75 13.11 -2.18 -12.59
CA SER I 75 14.43 -2.79 -12.53
C SER I 75 15.28 -2.59 -13.78
N THR I 76 16.61 -2.64 -13.61
CA THR I 76 17.58 -2.45 -14.69
C THR I 76 18.58 -3.62 -14.74
N LEU I 77 18.59 -4.36 -15.86
CA LEU I 77 19.47 -5.50 -16.10
C LEU I 77 20.64 -5.11 -17.01
N LYS I 78 21.82 -4.90 -16.40
CA LYS I 78 23.05 -4.48 -17.06
C LYS I 78 24.00 -5.65 -17.30
N ILE I 79 24.61 -5.68 -18.50
CA ILE I 79 25.61 -6.68 -18.87
C ILE I 79 26.93 -5.97 -19.17
N GLN I 80 27.97 -6.27 -18.37
CA GLN I 80 29.34 -5.77 -18.52
C GLN I 80 29.98 -6.60 -19.67
N PRO I 81 31.09 -6.18 -20.34
CA PRO I 81 31.66 -6.98 -21.44
C PRO I 81 31.00 -8.30 -21.85
N ALA I 82 29.96 -8.18 -22.69
CA ALA I 82 29.13 -9.25 -23.22
C ALA I 82 29.87 -10.24 -24.12
N LYS I 83 29.29 -11.45 -24.26
CA LYS I 83 29.78 -12.57 -25.07
C LYS I 83 28.75 -12.86 -26.18
N LEU I 84 29.12 -13.66 -27.20
CA LEU I 84 28.22 -14.04 -28.32
C LEU I 84 27.04 -14.88 -27.82
N GLU I 85 27.26 -15.64 -26.73
CA GLU I 85 26.31 -16.51 -26.04
C GLU I 85 25.05 -15.75 -25.58
N ASP I 86 25.23 -14.50 -25.13
CA ASP I 86 24.17 -13.64 -24.60
C ASP I 86 23.13 -13.12 -25.62
N SER I 87 23.28 -13.47 -26.92
CA SER I 87 22.32 -13.08 -27.97
C SER I 87 21.04 -13.88 -27.78
N ALA I 88 20.05 -13.28 -27.08
CA ALA I 88 18.76 -13.89 -26.74
C ALA I 88 17.71 -12.82 -26.40
N VAL I 89 16.47 -13.27 -26.12
CA VAL I 89 15.36 -12.40 -25.73
C VAL I 89 15.36 -12.31 -24.20
N TYR I 90 15.36 -11.08 -23.67
CA TYR I 90 15.38 -10.86 -22.22
C TYR I 90 14.00 -10.46 -21.72
N LEU I 91 13.24 -11.49 -21.27
CA LEU I 91 11.89 -11.35 -20.76
C LEU I 91 11.85 -10.86 -19.32
N CYS I 92 10.73 -10.27 -18.94
CA CYS I 92 10.52 -9.74 -17.61
C CYS I 92 9.09 -9.92 -17.15
N ALA I 93 8.92 -10.55 -16.00
CA ALA I 93 7.60 -10.83 -15.44
C ALA I 93 7.43 -10.26 -14.03
N SER I 94 6.18 -10.18 -13.58
CA SER I 94 5.83 -9.71 -12.25
C SER I 94 4.57 -10.38 -11.73
N SER I 95 4.54 -10.66 -10.43
CA SER I 95 3.38 -11.21 -9.73
C SER I 95 3.08 -10.33 -8.54
N LEU I 96 1.78 -10.25 -8.14
CA LEU I 96 1.30 -9.42 -7.03
C LEU I 96 2.19 -9.51 -5.81
N ARG I 97 2.37 -10.73 -5.28
CA ARG I 97 3.22 -11.04 -4.14
C ARG I 97 4.06 -12.30 -4.44
N GLY I 98 3.56 -13.13 -5.36
CA GLY I 98 4.13 -14.37 -5.88
C GLY I 98 4.95 -15.23 -4.92
N ARG I 99 4.34 -16.20 -4.18
CA ARG I 99 2.98 -16.76 -4.13
C ARG I 99 2.68 -17.70 -5.26
N GLY I 100 2.82 -18.99 -4.94
CA GLY I 100 2.66 -20.13 -5.84
C GLY I 100 1.41 -20.15 -6.69
N ASP I 101 0.28 -19.73 -6.10
CA ASP I 101 -1.03 -19.69 -6.74
C ASP I 101 -1.16 -18.54 -7.76
N GLN I 102 -0.28 -17.52 -7.65
CA GLN I 102 -0.34 -16.33 -8.49
C GLN I 102 0.40 -16.44 -9.82
N PRO I 103 -0.27 -16.06 -10.92
CA PRO I 103 0.40 -16.12 -12.23
C PRO I 103 1.35 -14.95 -12.42
N GLN I 104 2.44 -15.20 -13.16
CA GLN I 104 3.44 -14.20 -13.51
C GLN I 104 2.95 -13.49 -14.77
N HIS I 105 3.08 -12.17 -14.83
CA HIS I 105 2.66 -11.39 -16.00
C HIS I 105 3.89 -10.97 -16.78
N PHE I 106 4.04 -11.47 -18.01
CA PHE I 106 5.22 -11.22 -18.84
C PHE I 106 5.17 -9.98 -19.71
N GLY I 107 6.33 -9.36 -19.87
CA GLY I 107 6.52 -8.20 -20.74
C GLY I 107 6.79 -8.66 -22.16
N ASP I 108 6.92 -7.70 -23.10
CA ASP I 108 7.19 -8.00 -24.51
C ASP I 108 8.61 -8.53 -24.77
N GLY I 109 9.53 -8.25 -23.85
CA GLY I 109 10.92 -8.68 -23.92
C GLY I 109 11.82 -7.72 -24.68
N THR I 110 13.13 -8.03 -24.68
CA THR I 110 14.15 -7.25 -25.39
C THR I 110 15.02 -8.20 -26.22
N ARG I 111 14.86 -8.13 -27.56
CA ARG I 111 15.61 -8.95 -28.49
C ARG I 111 17.03 -8.38 -28.61
N LEU I 112 18.00 -9.10 -28.05
CA LEU I 112 19.40 -8.68 -28.07
C LEU I 112 20.18 -9.48 -29.11
N SER I 113 20.90 -8.76 -29.99
CA SER I 113 21.73 -9.33 -31.04
C SER I 113 23.16 -8.81 -30.93
N ILE I 114 24.07 -9.67 -30.46
CA ILE I 114 25.49 -9.35 -30.32
C ILE I 114 26.21 -9.87 -31.58
N LEU I 115 26.95 -8.98 -32.25
CA LEU I 115 27.65 -9.32 -33.48
C LEU I 115 29.16 -9.22 -33.34
N GLU I 116 29.88 -9.94 -34.23
CA GLU I 116 31.35 -9.94 -34.27
C GLU I 116 31.88 -8.57 -34.74
N ASP I 117 31.13 -7.92 -35.68
CA ASP I 117 31.45 -6.62 -36.24
C ASP I 117 30.15 -5.89 -36.63
N LEU I 118 30.07 -4.59 -36.28
CA LEU I 118 28.90 -3.73 -36.57
C LEU I 118 28.84 -3.27 -38.03
N LYS I 119 29.88 -3.57 -38.82
CA LYS I 119 29.95 -3.21 -40.24
C LYS I 119 29.08 -4.13 -41.12
N ASN I 120 28.61 -5.25 -40.54
CA ASN I 120 27.74 -6.24 -41.19
C ASN I 120 26.25 -5.87 -41.11
N VAL I 121 25.93 -4.71 -40.48
CA VAL I 121 24.57 -4.21 -40.31
C VAL I 121 24.13 -3.47 -41.59
N PHE I 122 22.99 -3.86 -42.17
CA PHE I 122 22.46 -3.24 -43.39
C PHE I 122 20.93 -3.13 -43.34
N PRO I 123 20.35 -1.95 -43.71
CA PRO I 123 18.88 -1.83 -43.72
C PRO I 123 18.25 -2.53 -44.93
N PRO I 124 16.91 -2.76 -44.98
CA PRO I 124 16.34 -3.46 -46.14
C PRO I 124 16.11 -2.63 -47.39
N GLU I 125 15.91 -3.32 -48.53
CA GLU I 125 15.60 -2.74 -49.84
C GLU I 125 14.18 -3.24 -50.10
N VAL I 126 13.19 -2.36 -49.89
CA VAL I 126 11.77 -2.70 -50.00
C VAL I 126 11.16 -2.42 -51.36
N ALA I 127 10.46 -3.45 -51.92
CA ALA I 127 9.80 -3.39 -53.23
C ALA I 127 8.42 -4.06 -53.21
N VAL I 128 7.41 -3.40 -53.82
CA VAL I 128 6.06 -3.94 -53.97
C VAL I 128 5.93 -4.44 -55.40
N PHE I 129 5.34 -5.63 -55.57
CA PHE I 129 5.13 -6.23 -56.87
C PHE I 129 3.64 -6.25 -57.19
N GLU I 130 3.27 -5.60 -58.29
CA GLU I 130 1.89 -5.48 -58.78
C GLU I 130 1.33 -6.83 -59.19
N PRO I 131 0.06 -7.15 -58.81
CA PRO I 131 -0.52 -8.44 -59.19
C PRO I 131 -0.62 -8.70 -60.70
N SER I 132 -0.69 -9.99 -61.09
CA SER I 132 -0.81 -10.42 -62.48
C SER I 132 -2.28 -10.34 -62.91
N GLU I 133 -2.53 -9.91 -64.17
CA GLU I 133 -3.87 -9.79 -64.75
C GLU I 133 -4.58 -11.15 -64.81
N ALA I 134 -3.79 -12.24 -64.95
CA ALA I 134 -4.24 -13.63 -65.02
C ALA I 134 -5.01 -14.05 -63.75
N GLU I 135 -4.55 -13.58 -62.57
CA GLU I 135 -5.16 -13.88 -61.27
C GLU I 135 -6.57 -13.27 -61.16
N ILE I 136 -6.73 -12.02 -61.64
CA ILE I 136 -8.00 -11.30 -61.65
C ILE I 136 -8.97 -12.00 -62.63
N SER I 137 -8.43 -12.51 -63.75
CA SER I 137 -9.17 -13.24 -64.79
C SER I 137 -9.65 -14.60 -64.26
N HIS I 138 -8.75 -15.33 -63.59
CA HIS I 138 -8.98 -16.67 -63.06
C HIS I 138 -9.76 -16.69 -61.73
N THR I 139 -9.15 -16.15 -60.65
CA THR I 139 -9.66 -16.17 -59.29
C THR I 139 -10.60 -15.03 -58.88
N GLN I 140 -10.52 -13.86 -59.57
CA GLN I 140 -11.27 -12.64 -59.26
C GLN I 140 -10.81 -12.02 -57.92
N LYS I 141 -9.51 -12.17 -57.63
CA LYS I 141 -8.81 -11.69 -56.43
C LYS I 141 -7.40 -11.26 -56.84
N ALA I 142 -6.88 -10.17 -56.23
CA ALA I 142 -5.55 -9.66 -56.55
C ALA I 142 -4.58 -9.78 -55.37
N THR I 143 -3.36 -10.30 -55.64
CA THR I 143 -2.34 -10.49 -54.62
C THR I 143 -1.14 -9.59 -54.86
N LEU I 144 -0.88 -8.68 -53.91
CA LEU I 144 0.26 -7.77 -53.92
C LEU I 144 1.36 -8.40 -53.09
N VAL I 145 2.62 -8.28 -53.52
CA VAL I 145 3.75 -8.88 -52.81
C VAL I 145 4.77 -7.84 -52.36
N CYS I 146 5.04 -7.77 -51.04
CA CYS I 146 6.08 -6.90 -50.52
C CYS I 146 7.35 -7.71 -50.44
N LEU I 147 8.49 -7.06 -50.67
CA LEU I 147 9.77 -7.75 -50.62
C LEU I 147 10.86 -6.94 -49.93
N ALA I 148 11.17 -7.29 -48.67
CA ALA I 148 12.22 -6.67 -47.88
C ALA I 148 13.44 -7.55 -48.08
N THR I 149 14.49 -7.03 -48.72
CA THR I 149 15.69 -7.80 -49.02
C THR I 149 16.98 -7.13 -48.57
N GLY I 150 18.01 -7.94 -48.38
CA GLY I 150 19.36 -7.52 -47.99
C GLY I 150 19.46 -6.78 -46.68
N PHE I 151 18.75 -7.28 -45.64
CA PHE I 151 18.77 -6.68 -44.31
C PHE I 151 19.47 -7.57 -43.28
N TYR I 152 20.13 -6.95 -42.29
CA TYR I 152 20.81 -7.68 -41.22
C TYR I 152 20.84 -6.91 -39.89
N PRO I 153 20.39 -7.53 -38.78
CA PRO I 153 19.83 -8.89 -38.64
C PRO I 153 18.30 -8.91 -38.80
N ASP I 154 17.62 -10.00 -38.38
CA ASP I 154 16.16 -10.07 -38.46
C ASP I 154 15.52 -9.20 -37.36
N HIS I 155 15.50 -7.88 -37.61
CA HIS I 155 14.96 -6.87 -36.70
C HIS I 155 13.89 -6.06 -37.44
N VAL I 156 13.16 -6.73 -38.35
CA VAL I 156 12.12 -6.09 -39.17
C VAL I 156 10.70 -6.38 -38.70
N GLU I 157 9.79 -5.43 -38.99
CA GLU I 157 8.36 -5.50 -38.70
C GLU I 157 7.61 -4.98 -39.93
N LEU I 158 6.94 -5.89 -40.65
CA LEU I 158 6.20 -5.58 -41.87
C LEU I 158 4.72 -5.31 -41.57
N SER I 159 4.17 -4.28 -42.24
CA SER I 159 2.77 -3.88 -42.12
C SER I 159 2.24 -3.34 -43.44
N TRP I 160 0.96 -3.61 -43.74
CA TRP I 160 0.31 -3.13 -44.96
C TRP I 160 -0.64 -1.99 -44.65
N TRP I 161 -0.57 -0.95 -45.50
CA TRP I 161 -1.36 0.28 -45.36
C TRP I 161 -2.14 0.55 -46.64
N VAL I 162 -3.47 0.67 -46.51
CA VAL I 162 -4.40 0.95 -47.62
C VAL I 162 -5.19 2.19 -47.23
N ASN I 163 -4.97 3.32 -47.95
CA ASN I 163 -5.61 4.63 -47.76
C ASN I 163 -5.39 5.23 -46.35
N GLY I 164 -4.14 5.17 -45.88
CA GLY I 164 -3.72 5.69 -44.58
C GLY I 164 -3.98 4.77 -43.40
N LYS I 165 -5.04 3.93 -43.48
CA LYS I 165 -5.43 2.98 -42.44
C LYS I 165 -4.71 1.63 -42.65
N GLU I 166 -4.19 1.05 -41.55
CA GLU I 166 -3.50 -0.24 -41.50
C GLU I 166 -4.55 -1.33 -41.65
N VAL I 167 -4.19 -2.42 -42.35
CA VAL I 167 -5.11 -3.55 -42.57
C VAL I 167 -4.49 -4.90 -42.19
N HIS I 168 -5.30 -5.81 -41.63
CA HIS I 168 -4.86 -7.15 -41.21
C HIS I 168 -5.56 -8.27 -41.99
N SER I 169 -6.76 -7.98 -42.54
CA SER I 169 -7.55 -8.93 -43.34
C SER I 169 -6.87 -9.23 -44.67
N GLY I 170 -6.67 -10.53 -44.95
CA GLY I 170 -6.01 -11.02 -46.16
C GLY I 170 -4.53 -10.71 -46.20
N VAL I 171 -3.88 -10.75 -45.02
CA VAL I 171 -2.45 -10.47 -44.88
C VAL I 171 -1.74 -11.67 -44.27
N CYS I 172 -0.57 -12.01 -44.82
CA CYS I 172 0.31 -13.06 -44.31
C CYS I 172 1.76 -12.73 -44.59
N THR I 173 2.55 -12.62 -43.51
CA THR I 173 3.97 -12.32 -43.57
C THR I 173 4.73 -13.58 -43.16
N ASP I 174 5.92 -13.79 -43.72
CA ASP I 174 6.76 -14.94 -43.40
C ASP I 174 7.13 -14.96 -41.92
N PRO I 175 6.85 -16.07 -41.19
CA PRO I 175 7.19 -16.11 -39.76
C PRO I 175 8.70 -16.16 -39.50
N GLN I 176 9.46 -16.66 -40.48
CA GLN I 176 10.92 -16.75 -40.44
C GLN I 176 11.52 -16.16 -41.73
N PRO I 177 12.56 -15.30 -41.64
CA PRO I 177 13.16 -14.74 -42.87
C PRO I 177 14.05 -15.75 -43.58
N LEU I 178 14.34 -15.48 -44.86
CA LEU I 178 15.18 -16.35 -45.67
C LEU I 178 16.59 -15.79 -45.80
N LYS I 179 17.59 -16.66 -45.61
CA LYS I 179 19.01 -16.30 -45.71
C LYS I 179 19.38 -16.15 -47.21
N GLU I 180 19.99 -15.02 -47.58
CA GLU I 180 20.40 -14.72 -48.96
C GLU I 180 21.53 -15.64 -49.47
N GLN I 181 22.27 -16.29 -48.55
CA GLN I 181 23.34 -17.27 -48.83
C GLN I 181 23.64 -18.15 -47.60
N PRO I 182 23.10 -19.40 -47.56
CA PRO I 182 23.35 -20.28 -46.39
C PRO I 182 24.80 -20.70 -46.18
N ALA I 183 25.67 -20.50 -47.21
CA ALA I 183 27.09 -20.81 -47.18
C ALA I 183 27.86 -19.90 -46.21
N LEU I 184 27.38 -18.64 -46.03
CA LEU I 184 27.97 -17.66 -45.12
C LEU I 184 27.42 -17.76 -43.70
N ASN I 185 28.15 -17.19 -42.72
CA ASN I 185 27.80 -17.18 -41.30
C ASN I 185 26.96 -15.94 -40.91
N ASP I 186 27.36 -14.74 -41.38
CA ASP I 186 26.69 -13.47 -41.12
C ASP I 186 25.97 -12.93 -42.38
N SER I 187 25.34 -13.84 -43.15
CA SER I 187 24.62 -13.52 -44.40
C SER I 187 23.38 -12.67 -44.19
N ARG I 188 23.03 -11.88 -45.22
CA ARG I 188 21.87 -10.98 -45.27
C ARG I 188 20.55 -11.77 -45.31
N TYR I 189 19.45 -11.14 -44.84
CA TYR I 189 18.13 -11.76 -44.81
C TYR I 189 17.14 -11.12 -45.78
N ALA I 190 16.07 -11.87 -46.10
CA ALA I 190 15.00 -11.45 -47.00
C ALA I 190 13.66 -11.94 -46.45
N LEU I 191 12.66 -11.05 -46.43
CA LEU I 191 11.34 -11.37 -45.92
C LEU I 191 10.27 -10.87 -46.87
N SER I 192 9.22 -11.68 -47.08
CA SER I 192 8.10 -11.36 -47.96
C SER I 192 6.76 -11.33 -47.23
N SER I 193 5.80 -10.60 -47.81
CA SER I 193 4.44 -10.48 -47.29
C SER I 193 3.44 -10.41 -48.42
N ARG I 194 2.21 -10.92 -48.17
CA ARG I 194 1.14 -10.97 -49.16
C ARG I 194 -0.09 -10.21 -48.72
N LEU I 195 -0.65 -9.41 -49.62
CA LEU I 195 -1.90 -8.69 -49.39
C LEU I 195 -2.84 -9.07 -50.50
N ARG I 196 -3.96 -9.70 -50.13
CA ARG I 196 -4.96 -10.14 -51.09
C ARG I 196 -6.25 -9.37 -50.92
N VAL I 197 -6.71 -8.77 -52.01
CA VAL I 197 -7.94 -7.98 -52.10
C VAL I 197 -8.82 -8.50 -53.25
N SER I 198 -10.09 -8.04 -53.31
CA SER I 198 -11.02 -8.41 -54.36
C SER I 198 -10.61 -7.78 -55.70
N ALA I 199 -11.13 -8.31 -56.82
CA ALA I 199 -10.85 -7.82 -58.18
C ALA I 199 -11.29 -6.36 -58.34
N THR I 200 -12.54 -6.05 -57.94
CA THR I 200 -13.15 -4.72 -58.02
C THR I 200 -12.35 -3.65 -57.25
N PHE I 201 -11.68 -4.05 -56.15
CA PHE I 201 -10.88 -3.16 -55.31
C PHE I 201 -9.58 -2.70 -55.98
N TRP I 202 -8.74 -3.64 -56.45
CA TRP I 202 -7.46 -3.34 -57.09
C TRP I 202 -7.61 -2.51 -58.36
N GLN I 203 -8.57 -2.89 -59.23
CA GLN I 203 -8.84 -2.21 -60.50
C GLN I 203 -9.12 -0.71 -60.38
N ASN I 204 -9.70 -0.28 -59.23
CA ASN I 204 -9.98 1.12 -58.93
C ASN I 204 -8.65 1.90 -58.82
N PRO I 205 -8.47 3.04 -59.53
CA PRO I 205 -7.19 3.75 -59.46
C PRO I 205 -6.98 4.66 -58.24
N ARG I 206 -8.07 5.01 -57.54
CA ARG I 206 -8.04 5.89 -56.37
C ARG I 206 -7.40 5.27 -55.12
N ASN I 207 -7.46 3.92 -54.98
CA ASN I 207 -6.91 3.19 -53.84
C ASN I 207 -5.39 3.16 -53.85
N HIS I 208 -4.78 3.50 -52.69
CA HIS I 208 -3.33 3.52 -52.52
C HIS I 208 -2.91 2.37 -51.59
N PHE I 209 -1.93 1.57 -52.04
CA PHE I 209 -1.41 0.42 -51.30
C PHE I 209 0.07 0.66 -51.00
N ARG I 210 0.43 0.57 -49.71
CA ARG I 210 1.80 0.80 -49.27
C ARG I 210 2.18 -0.20 -48.19
N CYS I 211 3.40 -0.73 -48.26
CA CYS I 211 3.91 -1.66 -47.27
C CYS I 211 5.02 -0.96 -46.49
N GLN I 212 4.87 -0.93 -45.16
CA GLN I 212 5.83 -0.28 -44.29
C GLN I 212 6.70 -1.32 -43.60
N VAL I 213 8.01 -1.22 -43.80
CA VAL I 213 8.97 -2.12 -43.17
C VAL I 213 9.75 -1.34 -42.13
N GLN I 214 9.44 -1.61 -40.85
CA GLN I 214 10.09 -0.98 -39.71
C GLN I 214 11.31 -1.84 -39.35
N PHE I 215 12.50 -1.30 -39.60
CA PHE I 215 13.77 -1.95 -39.28
C PHE I 215 14.32 -1.32 -38.01
N TYR I 216 14.93 -2.14 -37.15
CA TYR I 216 15.53 -1.69 -35.90
C TYR I 216 17.05 -1.82 -36.01
N GLY I 217 17.71 -0.69 -36.20
CA GLY I 217 19.15 -0.63 -36.39
C GLY I 217 19.94 -0.06 -35.23
N LEU I 218 21.12 0.49 -35.55
CA LEU I 218 22.05 1.08 -34.60
C LEU I 218 21.57 2.42 -34.02
N SER I 219 21.99 2.72 -32.79
CA SER I 219 21.66 3.97 -32.10
C SER I 219 22.66 5.06 -32.52
N GLU I 220 22.27 6.34 -32.37
CA GLU I 220 23.10 7.51 -32.73
C GLU I 220 24.47 7.55 -32.03
N ASN I 221 24.58 6.96 -30.82
CA ASN I 221 25.81 6.91 -30.04
C ASN I 221 26.85 5.91 -30.56
N ASP I 222 26.44 4.97 -31.44
CA ASP I 222 27.33 3.97 -32.03
C ASP I 222 28.33 4.58 -33.01
N GLU I 223 29.55 4.00 -33.08
CA GLU I 223 30.62 4.44 -33.97
C GLU I 223 30.40 3.90 -35.39
N TRP I 224 30.62 4.76 -36.40
CA TRP I 224 30.45 4.42 -37.81
C TRP I 224 31.59 5.02 -38.65
N THR I 225 32.39 4.15 -39.29
CA THR I 225 33.51 4.54 -40.15
C THR I 225 33.47 3.78 -41.47
N GLN I 226 32.74 4.33 -42.46
CA GLN I 226 32.57 3.76 -43.81
C GLN I 226 32.42 4.89 -44.85
N ASP I 227 31.62 4.66 -45.91
CA ASP I 227 31.38 5.62 -47.00
C ASP I 227 29.89 5.85 -47.28
N ARG I 228 29.07 4.82 -47.01
CA ARG I 228 27.62 4.79 -47.22
C ARG I 228 26.82 5.65 -46.23
N ALA I 229 25.67 5.13 -45.75
CA ALA I 229 24.80 5.78 -44.77
C ALA I 229 24.78 4.92 -43.50
N LYS I 230 24.63 5.58 -42.32
CA LYS I 230 24.60 4.90 -41.02
C LYS I 230 23.33 4.03 -40.92
N PRO I 231 23.47 2.68 -40.76
CA PRO I 231 22.27 1.83 -40.69
C PRO I 231 21.57 1.92 -39.33
N VAL I 232 20.70 2.94 -39.20
CA VAL I 232 19.96 3.24 -37.98
C VAL I 232 18.53 2.67 -38.00
N THR I 233 17.74 2.94 -36.94
CA THR I 233 16.34 2.51 -36.81
C THR I 233 15.50 3.36 -37.79
N GLN I 234 15.50 2.95 -39.07
CA GLN I 234 14.83 3.64 -40.17
C GLN I 234 13.64 2.86 -40.72
N ILE I 235 12.87 3.52 -41.63
CA ILE I 235 11.72 2.94 -42.32
C ILE I 235 11.97 2.97 -43.81
N VAL I 236 11.97 1.78 -44.41
CA VAL I 236 12.11 1.61 -45.85
C VAL I 236 10.72 1.16 -46.30
N SER I 237 10.07 1.96 -47.13
CA SER I 237 8.71 1.68 -47.58
C SER I 237 8.58 1.82 -49.09
N ALA I 238 7.78 0.93 -49.70
CA ALA I 238 7.49 0.94 -51.13
C ALA I 238 5.99 1.11 -51.38
N GLU I 239 5.64 1.89 -52.41
CA GLU I 239 4.25 2.22 -52.75
C GLU I 239 3.75 1.53 -54.01
N ALA I 240 2.41 1.45 -54.16
CA ALA I 240 1.70 0.87 -55.31
C ALA I 240 0.29 1.44 -55.42
N TRP I 241 -0.10 1.84 -56.64
CA TRP I 241 -1.43 2.38 -56.92
C TRP I 241 -2.25 1.41 -57.76
N GLY I 242 -3.56 1.39 -57.52
CA GLY I 242 -4.51 0.55 -58.23
C GLY I 242 -4.63 0.90 -59.70
N ARG I 243 -4.93 -0.10 -60.55
CA ARG I 243 -5.07 0.09 -62.00
C ARG I 243 -6.02 -0.89 -62.68
N ALA I 244 -6.83 -0.38 -63.63
CA ALA I 244 -7.77 -1.17 -64.42
C ALA I 244 -7.15 -1.54 -65.78
N ASP I 245 -5.79 -1.60 -65.84
CA ASP I 245 -4.94 -1.89 -67.00
C ASP I 245 -4.90 -0.74 -68.01
N MET J 1 13.69 -31.20 -3.39
CA MET J 1 12.24 -31.15 -3.64
C MET J 1 11.91 -30.95 -5.13
N GLY J 2 11.57 -32.05 -5.80
CA GLY J 2 11.19 -32.11 -7.21
C GLY J 2 12.18 -31.43 -8.14
N ASP J 3 11.74 -30.47 -9.00
CA ASP J 3 10.35 -30.02 -9.17
C ASP J 3 10.09 -29.73 -10.66
N SER J 4 10.68 -30.55 -11.55
CA SER J 4 10.62 -30.42 -13.01
C SER J 4 9.24 -30.59 -13.65
N VAL J 5 9.10 -30.06 -14.89
CA VAL J 5 7.89 -30.11 -15.74
C VAL J 5 8.31 -30.59 -17.12
N THR J 6 7.63 -31.64 -17.62
CA THR J 6 7.92 -32.15 -18.96
C THR J 6 6.73 -31.89 -19.85
N GLN J 7 7.00 -31.32 -21.03
CA GLN J 7 6.03 -30.96 -22.05
C GLN J 7 6.28 -31.76 -23.34
N MET J 8 5.24 -31.92 -24.18
CA MET J 8 5.25 -32.63 -25.47
C MET J 8 6.30 -32.04 -26.42
N GLU J 9 7.10 -32.94 -27.03
CA GLU J 9 8.18 -32.60 -27.95
C GLU J 9 7.70 -32.52 -29.41
N GLY J 10 8.49 -31.86 -30.25
CA GLY J 10 8.27 -31.72 -31.68
C GLY J 10 7.15 -30.76 -32.06
N PRO J 11 7.20 -30.17 -33.28
CA PRO J 11 6.12 -29.26 -33.67
C PRO J 11 4.85 -30.01 -34.05
N VAL J 12 3.72 -29.60 -33.46
CA VAL J 12 2.41 -30.21 -33.69
C VAL J 12 1.75 -29.52 -34.89
N THR J 13 1.42 -30.32 -35.92
CA THR J 13 0.76 -29.85 -37.14
C THR J 13 -0.61 -30.49 -37.22
N LEU J 14 -1.65 -29.66 -37.19
CA LEU J 14 -3.05 -30.05 -37.24
C LEU J 14 -3.78 -29.19 -38.24
N SER J 15 -5.05 -29.54 -38.54
CA SER J 15 -5.91 -28.79 -39.46
C SER J 15 -7.12 -28.22 -38.71
N GLU J 16 -7.87 -27.30 -39.35
CA GLU J 16 -9.07 -26.67 -38.78
C GLU J 16 -10.10 -27.71 -38.32
N GLU J 17 -10.85 -27.38 -37.24
CA GLU J 17 -11.90 -28.20 -36.62
C GLU J 17 -11.42 -29.51 -35.93
N ALA J 18 -10.09 -29.76 -35.90
CA ALA J 18 -9.50 -30.95 -35.29
C ALA J 18 -9.49 -30.88 -33.77
N PHE J 19 -9.11 -31.98 -33.10
CA PHE J 19 -9.00 -32.02 -31.65
C PHE J 19 -7.54 -31.92 -31.24
N LEU J 20 -7.18 -30.84 -30.52
CA LEU J 20 -5.82 -30.58 -30.05
C LEU J 20 -5.58 -31.14 -28.65
N THR J 21 -4.40 -31.77 -28.44
CA THR J 21 -3.94 -32.28 -27.16
C THR J 21 -2.44 -32.07 -27.06
N ILE J 22 -2.00 -31.29 -26.07
CA ILE J 22 -0.57 -31.06 -25.80
C ILE J 22 -0.30 -31.64 -24.42
N ASN J 23 0.50 -32.71 -24.38
CA ASN J 23 0.83 -33.42 -23.16
C ASN J 23 1.78 -32.65 -22.26
N CYS J 24 1.50 -32.74 -20.95
CA CYS J 24 2.28 -32.09 -19.90
C CYS J 24 2.24 -32.91 -18.61
N THR J 25 3.42 -33.30 -18.10
CA THR J 25 3.54 -34.05 -16.85
C THR J 25 4.44 -33.26 -15.91
N TYR J 26 4.28 -33.48 -14.59
CA TYR J 26 5.05 -32.78 -13.56
C TYR J 26 5.35 -33.67 -12.38
N THR J 27 6.37 -33.29 -11.59
CA THR J 27 6.74 -33.93 -10.33
C THR J 27 6.82 -32.82 -9.30
N ALA J 28 5.95 -32.88 -8.29
CA ALA J 28 5.85 -31.90 -7.21
C ALA J 28 5.26 -32.54 -5.97
N THR J 29 5.86 -32.24 -4.81
CA THR J 29 5.39 -32.75 -3.52
C THR J 29 4.45 -31.73 -2.87
N GLY J 30 3.22 -32.16 -2.60
CA GLY J 30 2.20 -31.32 -2.00
C GLY J 30 1.07 -30.96 -2.94
N TYR J 31 0.47 -29.76 -2.77
CA TYR J 31 -0.63 -29.26 -3.60
C TYR J 31 -0.08 -28.24 -4.61
N PRO J 32 0.12 -28.64 -5.89
CA PRO J 32 0.67 -27.70 -6.86
C PRO J 32 -0.34 -26.79 -7.55
N SER J 33 0.17 -25.74 -8.20
CA SER J 33 -0.57 -24.77 -8.98
C SER J 33 -0.08 -24.93 -10.42
N LEU J 34 -1.00 -25.27 -11.33
CA LEU J 34 -0.66 -25.52 -12.73
C LEU J 34 -1.16 -24.45 -13.67
N PHE J 35 -0.33 -24.10 -14.68
CA PHE J 35 -0.63 -23.04 -15.63
C PHE J 35 -0.27 -23.43 -17.07
N TRP J 36 -0.90 -22.75 -18.03
CA TRP J 36 -0.63 -22.86 -19.46
C TRP J 36 -0.43 -21.45 -19.99
N TYR J 37 0.70 -21.22 -20.63
CA TYR J 37 1.08 -19.93 -21.20
C TYR J 37 1.15 -20.03 -22.72
N VAL J 38 0.79 -18.95 -23.43
CA VAL J 38 0.83 -18.88 -24.89
C VAL J 38 1.69 -17.72 -25.37
N GLN J 39 2.53 -17.96 -26.38
CA GLN J 39 3.42 -16.98 -26.96
C GLN J 39 3.23 -16.96 -28.48
N TYR J 40 2.51 -15.94 -28.97
CA TYR J 40 2.27 -15.73 -30.40
C TYR J 40 3.52 -15.07 -31.01
N PRO J 41 3.82 -15.23 -32.33
CA PRO J 41 5.05 -14.63 -32.88
C PRO J 41 5.19 -13.12 -32.67
N GLY J 42 6.35 -12.72 -32.13
CA GLY J 42 6.67 -11.33 -31.84
C GLY J 42 6.69 -11.00 -30.35
N GLU J 43 5.48 -10.87 -29.76
CA GLU J 43 5.29 -10.56 -28.33
C GLU J 43 5.66 -11.74 -27.40
N GLY J 44 5.74 -11.45 -26.10
CA GLY J 44 6.09 -12.42 -25.06
C GLY J 44 4.99 -13.36 -24.64
N LEU J 45 5.16 -13.96 -23.45
CA LEU J 45 4.23 -14.93 -22.88
C LEU J 45 2.96 -14.29 -22.34
N GLN J 46 1.82 -14.95 -22.58
CA GLN J 46 0.50 -14.53 -22.13
C GLN J 46 -0.14 -15.70 -21.39
N LEU J 47 -0.80 -15.41 -20.26
CA LEU J 47 -1.47 -16.43 -19.44
C LEU J 47 -2.73 -16.94 -20.14
N LEU J 48 -2.70 -18.21 -20.58
CA LEU J 48 -3.85 -18.83 -21.24
C LEU J 48 -4.87 -19.27 -20.19
N LEU J 49 -4.49 -20.18 -19.27
CA LEU J 49 -5.34 -20.72 -18.21
C LEU J 49 -4.55 -21.30 -17.03
N LYS J 50 -5.21 -21.47 -15.87
CA LYS J 50 -4.63 -22.00 -14.63
C LYS J 50 -5.57 -22.94 -13.86
N ALA J 51 -4.99 -23.83 -13.03
CA ALA J 51 -5.73 -24.79 -12.20
C ALA J 51 -5.71 -24.39 -10.72
N THR J 52 -4.52 -24.36 -10.08
CA THR J 52 -4.30 -23.98 -8.66
C THR J 52 -5.00 -24.91 -7.63
N LYS J 53 -6.34 -24.85 -7.57
CA LYS J 53 -7.20 -25.61 -6.66
C LYS J 53 -7.29 -27.11 -7.05
N ALA J 54 -7.81 -27.95 -6.13
CA ALA J 54 -8.00 -29.39 -6.31
C ALA J 54 -9.13 -29.66 -7.30
N ASP J 55 -8.84 -30.50 -8.34
CA ASP J 55 -9.75 -30.87 -9.44
C ASP J 55 -10.36 -29.67 -10.22
N ASP J 56 -9.72 -28.50 -10.11
CA ASP J 56 -10.10 -27.24 -10.73
C ASP J 56 -9.85 -27.30 -12.24
N LYS J 57 -10.87 -26.92 -13.04
CA LYS J 57 -10.80 -26.92 -14.49
C LYS J 57 -10.52 -25.51 -15.02
N GLY J 58 -9.44 -25.37 -15.76
CA GLY J 58 -9.02 -24.12 -16.35
C GLY J 58 -9.55 -23.98 -17.77
N SER J 59 -10.68 -23.25 -17.91
CA SER J 59 -11.36 -23.04 -19.20
C SER J 59 -11.13 -21.62 -19.71
N ASN J 60 -10.63 -21.49 -20.97
CA ASN J 60 -10.38 -20.22 -21.64
C ASN J 60 -10.34 -20.40 -23.16
N LYS J 61 -11.09 -19.55 -23.90
CA LYS J 61 -11.18 -19.51 -25.37
C LYS J 61 -11.23 -20.88 -26.13
N GLY J 62 -11.97 -21.83 -25.56
CA GLY J 62 -12.13 -23.17 -26.11
C GLY J 62 -11.16 -24.19 -25.55
N PHE J 63 -10.02 -23.70 -25.01
CA PHE J 63 -8.98 -24.53 -24.41
C PHE J 63 -9.38 -24.92 -22.99
N GLU J 64 -9.08 -26.18 -22.63
CA GLU J 64 -9.37 -26.75 -21.33
C GLU J 64 -8.24 -27.68 -20.87
N ALA J 65 -7.95 -27.66 -19.57
CA ALA J 65 -6.93 -28.49 -18.92
C ALA J 65 -7.34 -28.64 -17.45
N THR J 66 -7.26 -29.88 -16.92
CA THR J 66 -7.66 -30.15 -15.54
C THR J 66 -6.55 -30.78 -14.70
N TYR J 67 -6.47 -30.35 -13.42
CA TYR J 67 -5.54 -30.84 -12.41
C TYR J 67 -6.18 -32.12 -11.85
N ARG J 68 -5.50 -33.26 -12.05
CA ARG J 68 -6.02 -34.56 -11.63
C ARG J 68 -5.65 -34.99 -10.23
N LYS J 69 -4.39 -34.69 -9.79
CA LYS J 69 -3.80 -35.07 -8.49
C LYS J 69 -3.51 -36.58 -8.37
N GLU J 70 -4.25 -37.40 -9.11
CA GLU J 70 -4.12 -38.86 -9.14
C GLU J 70 -3.17 -39.32 -10.25
N THR J 71 -3.15 -38.59 -11.39
CA THR J 71 -2.34 -38.96 -12.55
C THR J 71 -1.09 -38.07 -12.78
N THR J 72 -1.08 -36.84 -12.25
CA THR J 72 0.02 -35.86 -12.39
C THR J 72 0.23 -35.44 -13.85
N SER J 73 -0.85 -34.99 -14.50
CA SER J 73 -0.86 -34.54 -15.89
C SER J 73 -1.72 -33.29 -16.06
N PHE J 74 -1.19 -32.31 -16.81
CA PHE J 74 -1.93 -31.08 -17.12
C PHE J 74 -2.03 -30.93 -18.63
N HIS J 75 -2.77 -31.85 -19.26
CA HIS J 75 -2.98 -31.90 -20.70
C HIS J 75 -3.92 -30.79 -21.20
N LEU J 76 -3.42 -29.96 -22.14
CA LEU J 76 -4.19 -28.88 -22.76
C LEU J 76 -4.95 -29.47 -23.93
N GLU J 77 -6.28 -29.33 -23.92
CA GLU J 77 -7.16 -29.85 -24.96
C GLU J 77 -8.09 -28.77 -25.50
N LYS J 78 -8.46 -28.88 -26.79
CA LYS J 78 -9.40 -27.96 -27.47
C LYS J 78 -10.19 -28.73 -28.52
N GLY J 79 -11.52 -28.68 -28.38
CA GLY J 79 -12.50 -29.37 -29.23
C GLY J 79 -12.33 -29.17 -30.73
N SER J 80 -12.24 -27.90 -31.15
CA SER J 80 -12.06 -27.50 -32.56
C SER J 80 -10.94 -26.47 -32.68
N VAL J 81 -9.80 -26.85 -33.29
CA VAL J 81 -8.68 -25.94 -33.48
C VAL J 81 -8.96 -24.97 -34.61
N GLN J 82 -8.47 -23.74 -34.45
CA GLN J 82 -8.61 -22.65 -35.41
C GLN J 82 -7.20 -22.21 -35.82
N VAL J 83 -7.05 -21.60 -37.02
CA VAL J 83 -5.74 -21.14 -37.52
C VAL J 83 -5.06 -20.15 -36.54
N SER J 84 -5.85 -19.27 -35.89
CA SER J 84 -5.41 -18.27 -34.91
C SER J 84 -4.68 -18.88 -33.70
N ASP J 85 -4.96 -20.18 -33.39
CA ASP J 85 -4.34 -20.92 -32.29
C ASP J 85 -2.85 -21.23 -32.51
N SER J 86 -2.35 -21.06 -33.75
CA SER J 86 -0.96 -21.31 -34.09
C SER J 86 -0.04 -20.37 -33.31
N ALA J 87 0.72 -20.96 -32.35
CA ALA J 87 1.68 -20.30 -31.45
C ALA J 87 2.49 -21.35 -30.67
N VAL J 88 3.32 -20.89 -29.69
CA VAL J 88 4.11 -21.76 -28.82
C VAL J 88 3.43 -21.79 -27.44
N TYR J 89 3.14 -22.99 -26.95
CA TYR J 89 2.45 -23.22 -25.68
C TYR J 89 3.43 -23.74 -24.62
N PHE J 90 3.34 -23.19 -23.39
CA PHE J 90 4.22 -23.57 -22.28
C PHE J 90 3.44 -23.93 -21.04
N CYS J 91 3.74 -25.09 -20.45
CA CYS J 91 3.09 -25.49 -19.20
C CYS J 91 3.96 -25.06 -18.04
N ALA J 92 3.35 -24.43 -17.05
CA ALA J 92 4.06 -23.93 -15.89
C ALA J 92 3.61 -24.65 -14.64
N LEU J 93 4.54 -24.80 -13.69
CA LEU J 93 4.33 -25.51 -12.43
C LEU J 93 4.97 -24.76 -11.27
N SER J 94 4.20 -24.60 -10.19
CA SER J 94 4.64 -23.98 -8.94
C SER J 94 3.84 -24.56 -7.78
N ASP J 95 4.41 -24.51 -6.57
CA ASP J 95 3.76 -25.01 -5.36
C ASP J 95 3.88 -23.94 -4.24
N PRO J 96 3.30 -24.12 -3.02
CA PRO J 96 3.44 -23.07 -1.99
C PRO J 96 4.85 -22.66 -1.57
N VAL J 97 5.89 -23.48 -1.85
CA VAL J 97 7.29 -23.14 -1.48
C VAL J 97 8.27 -23.03 -2.65
N ASN J 98 7.81 -23.33 -3.87
CA ASN J 98 8.63 -23.29 -5.08
C ASN J 98 8.08 -22.34 -6.12
N ASP J 99 8.97 -21.53 -6.70
CA ASP J 99 8.63 -20.56 -7.74
C ASP J 99 8.36 -21.28 -9.06
N MET J 100 7.63 -20.60 -9.97
CA MET J 100 7.20 -21.09 -11.28
C MET J 100 8.31 -21.64 -12.17
N ARG J 101 8.16 -22.91 -12.56
CA ARG J 101 9.07 -23.65 -13.44
C ARG J 101 8.33 -23.92 -14.76
N PHE J 102 8.98 -23.66 -15.89
CA PHE J 102 8.36 -23.81 -17.21
C PHE J 102 8.82 -25.03 -17.99
N GLY J 103 7.96 -25.47 -18.93
CA GLY J 103 8.27 -26.55 -19.85
C GLY J 103 9.14 -26.05 -20.99
N ALA J 104 9.55 -26.94 -21.88
CA ALA J 104 10.41 -26.57 -23.02
C ALA J 104 9.66 -25.83 -24.13
N GLY J 105 8.34 -26.02 -24.19
CA GLY J 105 7.49 -25.41 -25.20
C GLY J 105 7.05 -26.35 -26.29
N THR J 106 5.85 -26.12 -26.83
CA THR J 106 5.28 -26.90 -27.93
C THR J 106 4.69 -25.95 -28.97
N ARG J 107 5.35 -25.88 -30.14
CA ARG J 107 4.97 -25.06 -31.28
C ARG J 107 3.81 -25.73 -32.01
N LEU J 108 2.65 -25.04 -32.08
CA LEU J 108 1.46 -25.50 -32.78
C LEU J 108 1.35 -24.79 -34.12
N THR J 109 1.05 -25.55 -35.19
CA THR J 109 0.89 -25.04 -36.55
C THR J 109 -0.46 -25.54 -37.08
N VAL J 110 -1.47 -24.66 -37.13
CA VAL J 110 -2.81 -25.02 -37.62
C VAL J 110 -2.93 -24.67 -39.09
N LYS J 111 -3.14 -25.70 -39.92
CA LYS J 111 -3.31 -25.59 -41.38
C LYS J 111 -4.80 -25.37 -41.70
N PRO J 112 -5.16 -24.58 -42.74
CA PRO J 112 -6.58 -24.40 -43.06
C PRO J 112 -7.17 -25.53 -43.93
N ASN J 113 -8.51 -25.68 -43.89
CA ASN J 113 -9.24 -26.65 -44.70
C ASN J 113 -9.83 -25.89 -45.90
N ILE J 114 -9.14 -25.97 -47.06
CA ILE J 114 -9.52 -25.29 -48.31
C ILE J 114 -10.68 -26.00 -49.01
N GLN J 115 -11.87 -25.36 -49.01
CA GLN J 115 -13.11 -25.87 -49.59
C GLN J 115 -13.04 -26.01 -51.12
N ASN J 116 -12.48 -25.00 -51.82
CA ASN J 116 -12.34 -25.01 -53.28
C ASN J 116 -10.91 -24.69 -53.75
N PRO J 117 -10.01 -25.71 -53.78
CA PRO J 117 -8.62 -25.46 -54.22
C PRO J 117 -8.48 -25.19 -55.71
N ASP J 118 -7.48 -24.37 -56.07
CA ASP J 118 -7.16 -24.01 -57.45
C ASP J 118 -5.64 -23.67 -57.58
N PRO J 119 -4.72 -24.67 -57.46
CA PRO J 119 -3.28 -24.36 -57.53
C PRO J 119 -2.86 -23.66 -58.81
N ALA J 120 -2.12 -22.54 -58.68
CA ALA J 120 -1.65 -21.73 -59.78
C ALA J 120 -0.42 -20.89 -59.42
N VAL J 121 0.57 -20.84 -60.32
CA VAL J 121 1.79 -20.05 -60.15
C VAL J 121 1.83 -18.88 -61.15
N TYR J 122 1.53 -17.66 -60.65
CA TYR J 122 1.48 -16.42 -61.42
C TYR J 122 2.81 -15.67 -61.36
N GLN J 123 3.05 -14.80 -62.37
CA GLN J 123 4.25 -13.96 -62.44
C GLN J 123 3.83 -12.50 -62.20
N LEU J 124 4.45 -11.86 -61.20
CA LEU J 124 4.15 -10.48 -60.80
C LEU J 124 5.18 -9.47 -61.31
N ARG J 125 4.68 -8.32 -61.83
CA ARG J 125 5.50 -7.23 -62.35
C ARG J 125 5.76 -6.20 -61.26
N ASP J 126 6.99 -5.64 -61.23
CA ASP J 126 7.41 -4.63 -60.24
C ASP J 126 6.65 -3.31 -60.44
N SER J 127 6.29 -2.65 -59.33
CA SER J 127 5.56 -1.37 -59.31
C SER J 127 6.40 -0.24 -59.92
N LYS J 128 7.69 -0.15 -59.53
CA LYS J 128 8.64 0.85 -60.03
C LYS J 128 9.69 0.14 -60.90
N SER J 129 9.62 0.38 -62.23
CA SER J 129 10.47 -0.21 -63.29
C SER J 129 10.29 -1.73 -63.46
N SER J 130 9.80 -2.13 -64.64
CA SER J 130 9.57 -3.53 -65.03
C SER J 130 10.92 -4.21 -65.37
N ASP J 131 11.83 -4.25 -64.38
CA ASP J 131 13.16 -4.83 -64.45
C ASP J 131 13.23 -6.12 -63.62
N LYS J 132 12.55 -6.12 -62.45
CA LYS J 132 12.50 -7.25 -61.51
C LYS J 132 11.10 -7.87 -61.46
N SER J 133 11.03 -9.20 -61.23
CA SER J 133 9.76 -9.95 -61.17
C SER J 133 9.77 -11.12 -60.20
N VAL J 134 8.61 -11.43 -59.60
CA VAL J 134 8.44 -12.53 -58.65
C VAL J 134 7.40 -13.55 -59.13
N CYS J 135 7.50 -14.80 -58.66
CA CYS J 135 6.57 -15.88 -58.97
C CYS J 135 5.78 -16.23 -57.72
N LEU J 136 4.45 -16.33 -57.87
CA LEU J 136 3.56 -16.60 -56.74
C LEU J 136 2.72 -17.86 -56.91
N PHE J 137 2.98 -18.87 -56.07
CA PHE J 137 2.19 -20.11 -56.03
C PHE J 137 1.16 -19.96 -54.92
N THR J 138 -0.13 -20.01 -55.28
CA THR J 138 -1.25 -19.82 -54.35
C THR J 138 -2.44 -20.76 -54.63
N ASP J 139 -3.51 -20.64 -53.81
CA ASP J 139 -4.77 -21.39 -53.87
C ASP J 139 -4.62 -22.92 -53.85
N PHE J 140 -3.54 -23.42 -53.22
CA PHE J 140 -3.26 -24.85 -53.09
C PHE J 140 -3.69 -25.40 -51.71
N ASP J 141 -3.99 -26.73 -51.65
CA ASP J 141 -4.39 -27.44 -50.43
C ASP J 141 -3.24 -27.49 -49.43
N SER J 142 -3.58 -27.60 -48.13
CA SER J 142 -2.61 -27.66 -47.02
C SER J 142 -1.70 -28.91 -47.09
N GLN J 143 -2.12 -29.92 -47.86
CA GLN J 143 -1.42 -31.19 -48.08
C GLN J 143 -0.15 -30.98 -48.93
N THR J 144 -0.09 -29.86 -49.69
CA THR J 144 1.04 -29.47 -50.54
C THR J 144 2.09 -28.72 -49.70
N ASN J 145 3.37 -29.06 -49.89
CA ASN J 145 4.50 -28.44 -49.18
C ASN J 145 5.49 -27.85 -50.18
N VAL J 146 6.12 -26.72 -49.81
CA VAL J 146 7.08 -26.00 -50.66
C VAL J 146 8.52 -26.30 -50.22
N SER J 147 9.36 -26.71 -51.19
CA SER J 147 10.77 -27.08 -50.96
C SER J 147 11.75 -26.02 -51.50
N GLN J 148 12.92 -25.86 -50.83
CA GLN J 148 13.99 -24.91 -51.22
C GLN J 148 14.68 -25.37 -52.50
N SER J 149 14.86 -24.46 -53.48
CA SER J 149 15.48 -24.74 -54.78
C SER J 149 16.93 -25.22 -54.72
N LYS J 150 17.34 -26.03 -55.73
CA LYS J 150 18.68 -26.59 -55.89
C LYS J 150 19.71 -25.50 -56.17
N ASP J 151 19.31 -24.46 -56.93
CA ASP J 151 20.15 -23.31 -57.29
C ASP J 151 20.23 -22.34 -56.10
N SER J 152 21.46 -21.93 -55.76
CA SER J 152 21.75 -21.01 -54.65
C SER J 152 21.21 -19.59 -54.89
N ASP J 153 21.29 -19.11 -56.16
CA ASP J 153 20.85 -17.77 -56.56
C ASP J 153 19.33 -17.61 -56.68
N VAL J 154 18.55 -18.67 -56.39
CA VAL J 154 17.08 -18.65 -56.44
C VAL J 154 16.53 -18.78 -55.01
N TYR J 155 15.68 -17.80 -54.61
CA TYR J 155 15.08 -17.74 -53.27
C TYR J 155 13.61 -18.15 -53.27
N ILE J 156 13.28 -19.16 -52.43
CA ILE J 156 11.91 -19.68 -52.27
C ILE J 156 11.50 -19.57 -50.80
N THR J 157 10.36 -18.90 -50.54
CA THR J 157 9.83 -18.73 -49.17
C THR J 157 8.78 -19.79 -48.89
N ASP J 158 8.75 -20.30 -47.63
CA ASP J 158 7.80 -21.32 -47.21
C ASP J 158 6.36 -20.79 -47.19
N LYS J 159 5.39 -21.70 -47.30
CA LYS J 159 3.95 -21.39 -47.31
C LYS J 159 3.47 -20.74 -46.01
N CYS J 160 2.45 -19.85 -46.14
CA CYS J 160 1.80 -19.16 -45.03
C CYS J 160 0.37 -18.79 -45.36
N VAL J 161 -0.51 -18.87 -44.35
CA VAL J 161 -1.95 -18.65 -44.47
C VAL J 161 -2.39 -17.20 -44.29
N LEU J 162 -3.24 -16.72 -45.23
CA LEU J 162 -3.89 -15.41 -45.19
C LEU J 162 -5.39 -15.64 -45.03
N ASP J 163 -6.08 -14.77 -44.27
CA ASP J 163 -7.51 -14.92 -44.03
C ASP J 163 -8.30 -13.67 -44.37
N MET J 164 -9.28 -13.81 -45.28
CA MET J 164 -10.15 -12.73 -45.72
C MET J 164 -11.47 -12.81 -44.92
N ARG J 165 -11.43 -12.29 -43.67
CA ARG J 165 -12.50 -12.26 -42.67
C ARG J 165 -13.90 -11.90 -43.20
N SER J 166 -13.97 -10.90 -44.10
CA SER J 166 -15.22 -10.43 -44.72
C SER J 166 -15.81 -11.44 -45.71
N MET J 167 -14.96 -12.13 -46.48
CA MET J 167 -15.36 -13.12 -47.49
C MET J 167 -15.32 -14.58 -46.99
N ASP J 168 -14.73 -14.81 -45.79
CA ASP J 168 -14.53 -16.12 -45.15
C ASP J 168 -13.70 -17.05 -46.06
N PHE J 169 -12.65 -16.49 -46.66
CA PHE J 169 -11.76 -17.19 -47.58
C PHE J 169 -10.32 -17.21 -47.07
N LYS J 170 -9.76 -18.41 -46.89
CA LYS J 170 -8.37 -18.63 -46.46
C LYS J 170 -7.59 -19.28 -47.61
N SER J 171 -6.32 -18.86 -47.81
CA SER J 171 -5.49 -19.42 -48.88
C SER J 171 -4.00 -19.48 -48.55
N ASN J 172 -3.36 -20.62 -48.88
CA ASN J 172 -1.92 -20.84 -48.69
C ASN J 172 -1.16 -20.15 -49.83
N SER J 173 0.01 -19.57 -49.52
CA SER J 173 0.79 -18.84 -50.51
C SER J 173 2.30 -18.97 -50.36
N ALA J 174 3.03 -19.02 -51.49
CA ALA J 174 4.49 -19.11 -51.56
C ALA J 174 5.06 -18.14 -52.59
N VAL J 175 6.28 -17.62 -52.34
CA VAL J 175 6.94 -16.63 -53.21
C VAL J 175 8.31 -17.10 -53.71
N ALA J 176 8.57 -16.98 -55.03
CA ALA J 176 9.82 -17.36 -55.67
C ALA J 176 10.36 -16.23 -56.57
N TRP J 177 11.63 -15.87 -56.39
CA TRP J 177 12.30 -14.84 -57.20
C TRP J 177 13.80 -15.11 -57.36
N SER J 178 14.39 -14.56 -58.44
CA SER J 178 15.82 -14.68 -58.76
C SER J 178 16.31 -13.47 -59.55
N ASN J 179 17.57 -13.06 -59.31
CA ASN J 179 18.20 -11.93 -60.01
C ASN J 179 18.90 -12.45 -61.29
N LYS J 180 18.10 -13.11 -62.15
CA LYS J 180 18.51 -13.71 -63.42
C LYS J 180 17.38 -13.56 -64.45
N SER J 181 17.73 -13.20 -65.70
CA SER J 181 16.77 -13.04 -66.79
C SER J 181 16.28 -14.40 -67.31
N ASP J 182 17.19 -15.41 -67.29
CA ASP J 182 16.94 -16.79 -67.74
C ASP J 182 15.93 -17.57 -66.87
N PHE J 183 15.71 -17.13 -65.61
CA PHE J 183 14.77 -17.73 -64.66
C PHE J 183 13.33 -17.60 -65.17
N ALA J 184 12.59 -18.72 -65.20
CA ALA J 184 11.21 -18.75 -65.69
C ALA J 184 10.20 -19.14 -64.60
N CYS J 185 8.92 -18.78 -64.84
CA CYS J 185 7.78 -19.04 -63.98
C CYS J 185 7.45 -20.54 -63.86
N ALA J 186 7.50 -21.27 -64.99
CA ALA J 186 7.20 -22.71 -65.06
C ALA J 186 8.18 -23.59 -64.29
N ASN J 187 9.50 -23.30 -64.38
CA ASN J 187 10.54 -24.07 -63.70
C ASN J 187 10.92 -23.53 -62.31
N ALA J 188 10.10 -22.61 -61.74
CA ALA J 188 10.34 -22.01 -60.43
C ALA J 188 10.18 -23.00 -59.27
N PHE J 189 9.11 -23.82 -59.31
CA PHE J 189 8.81 -24.81 -58.27
C PHE J 189 9.06 -26.25 -58.77
N ASN J 190 10.16 -26.43 -59.52
CA ASN J 190 10.60 -27.71 -60.11
C ASN J 190 10.93 -28.78 -59.06
N ASN J 191 11.57 -28.37 -57.94
CA ASN J 191 11.99 -29.22 -56.83
C ASN J 191 10.86 -29.52 -55.83
N SER J 192 9.73 -28.80 -55.94
CA SER J 192 8.56 -28.99 -55.10
C SER J 192 7.56 -29.92 -55.78
N ILE J 193 6.89 -30.78 -54.99
CA ILE J 193 5.89 -31.71 -55.48
C ILE J 193 4.56 -30.94 -55.57
N ILE J 194 4.23 -30.50 -56.79
CA ILE J 194 3.04 -29.70 -57.10
C ILE J 194 1.97 -30.51 -57.87
N PRO J 195 0.65 -30.28 -57.65
CA PRO J 195 -0.37 -31.07 -58.37
C PRO J 195 -0.31 -31.01 -59.90
N GLU J 196 -0.89 -32.03 -60.57
CA GLU J 196 -0.94 -32.09 -62.03
C GLU J 196 -1.90 -31.04 -62.60
N ASP J 197 -2.92 -30.64 -61.81
CA ASP J 197 -3.92 -29.64 -62.19
C ASP J 197 -3.48 -28.19 -61.88
N THR J 198 -2.17 -27.97 -61.67
CA THR J 198 -1.60 -26.64 -61.41
C THR J 198 -1.72 -25.78 -62.67
N PHE J 199 -2.40 -24.63 -62.56
CA PHE J 199 -2.63 -23.70 -63.66
C PHE J 199 -1.43 -22.78 -63.89
N PHE J 200 -0.79 -22.90 -65.06
CA PHE J 200 0.35 -22.08 -65.46
C PHE J 200 -0.12 -21.09 -66.53
N PRO J 201 -0.19 -19.77 -66.25
CA PRO J 201 -0.67 -18.83 -67.27
C PRO J 201 0.39 -18.46 -68.31
N SER J 202 -0.06 -18.11 -69.54
CA SER J 202 0.82 -17.71 -70.63
C SER J 202 1.37 -16.28 -70.39
N PRO J 203 2.71 -16.11 -70.26
CA PRO J 203 3.25 -14.76 -70.01
C PRO J 203 3.28 -13.89 -71.27
N GLY K 2 -20.06 -43.85 20.65
CA GLY K 2 -19.33 -42.87 19.84
C GLY K 2 -20.00 -41.51 19.79
N ASP K 3 -19.89 -40.82 18.62
CA ASP K 3 -20.43 -39.49 18.34
C ASP K 3 -19.94 -38.38 19.26
N SER K 4 -18.77 -37.81 18.93
CA SER K 4 -18.16 -36.74 19.71
C SER K 4 -18.06 -35.45 18.90
N VAL K 5 -17.80 -34.32 19.59
CA VAL K 5 -17.67 -33.01 18.97
C VAL K 5 -16.52 -32.20 19.60
N THR K 6 -15.68 -31.57 18.76
CA THR K 6 -14.53 -30.78 19.21
C THR K 6 -14.60 -29.35 18.69
N GLN K 7 -14.68 -28.39 19.61
CA GLN K 7 -14.77 -26.97 19.28
C GLN K 7 -13.53 -26.15 19.70
N MET K 8 -13.44 -24.88 19.20
CA MET K 8 -12.35 -23.91 19.46
C MET K 8 -11.85 -23.97 20.91
N GLU K 9 -10.52 -24.17 21.05
CA GLU K 9 -9.74 -24.35 22.27
C GLU K 9 -10.01 -23.41 23.48
N GLY K 10 -9.04 -22.57 23.82
CA GLY K 10 -9.09 -21.69 24.99
C GLY K 10 -10.03 -20.50 24.91
N PRO K 11 -10.01 -19.61 25.93
CA PRO K 11 -10.89 -18.42 25.88
C PRO K 11 -10.41 -17.43 24.82
N VAL K 12 -11.36 -16.89 24.03
CA VAL K 12 -11.05 -15.98 22.93
C VAL K 12 -11.42 -14.53 23.26
N THR K 13 -10.49 -13.59 22.95
CA THR K 13 -10.66 -12.16 23.19
C THR K 13 -10.56 -11.36 21.88
N LEU K 14 -11.62 -10.62 21.58
CA LEU K 14 -11.73 -9.80 20.36
C LEU K 14 -12.19 -8.41 20.69
N SER K 15 -12.01 -7.48 19.75
CA SER K 15 -12.50 -6.11 19.84
C SER K 15 -13.82 -6.11 19.08
N GLU K 16 -14.76 -5.19 19.43
CA GLU K 16 -16.06 -5.11 18.76
C GLU K 16 -15.94 -4.82 17.26
N GLU K 17 -16.95 -5.27 16.47
CA GLU K 17 -17.04 -5.16 15.00
C GLU K 17 -16.22 -6.21 14.24
N ALA K 18 -15.62 -7.19 14.96
CA ALA K 18 -14.81 -8.26 14.37
C ALA K 18 -15.64 -9.39 13.81
N PHE K 19 -15.12 -10.02 12.72
CA PHE K 19 -15.74 -11.18 12.09
C PHE K 19 -15.27 -12.42 12.84
N LEU K 20 -16.13 -12.90 13.74
CA LEU K 20 -15.84 -14.05 14.58
C LEU K 20 -16.23 -15.35 13.90
N THR K 21 -15.41 -16.39 14.09
CA THR K 21 -15.65 -17.75 13.61
C THR K 21 -15.25 -18.76 14.69
N ILE K 22 -16.20 -19.20 15.53
CA ILE K 22 -15.92 -20.22 16.54
C ILE K 22 -16.00 -21.56 15.81
N ASN K 23 -14.84 -22.21 15.60
CA ASN K 23 -14.74 -23.49 14.93
C ASN K 23 -15.35 -24.62 15.73
N CYS K 24 -15.95 -25.58 15.02
CA CYS K 24 -16.55 -26.79 15.59
C CYS K 24 -16.50 -27.91 14.57
N THR K 25 -15.91 -29.05 14.96
CA THR K 25 -15.74 -30.23 14.13
C THR K 25 -16.33 -31.46 14.83
N TYR K 26 -17.04 -32.30 14.09
CA TYR K 26 -17.65 -33.51 14.64
C TYR K 26 -17.14 -34.81 14.02
N THR K 27 -17.39 -35.92 14.72
CA THR K 27 -17.08 -37.29 14.30
C THR K 27 -18.34 -38.10 14.61
N ALA K 28 -19.07 -38.51 13.56
CA ALA K 28 -20.34 -39.23 13.70
C ALA K 28 -20.42 -40.48 12.83
N THR K 29 -21.20 -41.47 13.31
CA THR K 29 -21.40 -42.76 12.63
C THR K 29 -22.63 -42.77 11.70
N GLY K 30 -23.63 -41.95 12.03
CA GLY K 30 -24.84 -41.83 11.23
C GLY K 30 -24.99 -40.46 10.60
N TYR K 31 -26.23 -39.94 10.64
CA TYR K 31 -26.61 -38.64 10.11
C TYR K 31 -27.18 -37.83 11.30
N PRO K 32 -26.31 -37.08 12.04
CA PRO K 32 -26.81 -36.36 13.22
C PRO K 32 -27.33 -34.95 12.96
N SER K 33 -27.99 -34.38 13.98
CA SER K 33 -28.49 -33.01 13.97
C SER K 33 -27.50 -32.20 14.80
N LEU K 34 -27.09 -31.03 14.28
CA LEU K 34 -26.11 -30.15 14.92
C LEU K 34 -26.76 -28.92 15.54
N PHE K 35 -26.38 -28.61 16.78
CA PHE K 35 -26.91 -27.51 17.59
C PHE K 35 -25.82 -26.60 18.12
N TRP K 36 -26.21 -25.38 18.50
CA TRP K 36 -25.34 -24.39 19.13
C TRP K 36 -26.08 -23.77 20.28
N TYR K 37 -25.49 -23.81 21.48
CA TYR K 37 -26.04 -23.28 22.71
C TYR K 37 -25.21 -22.13 23.25
N VAL K 38 -25.88 -21.19 23.93
CA VAL K 38 -25.25 -20.02 24.55
C VAL K 38 -25.58 -19.96 26.05
N GLN K 39 -24.59 -19.56 26.85
CA GLN K 39 -24.77 -19.39 28.29
C GLN K 39 -24.14 -18.08 28.75
N TYR K 40 -25.00 -17.09 29.02
CA TYR K 40 -24.60 -15.77 29.48
C TYR K 40 -24.29 -15.75 30.99
N PRO K 41 -23.51 -14.77 31.53
CA PRO K 41 -23.24 -14.76 32.98
C PRO K 41 -24.49 -14.63 33.85
N GLY K 42 -24.73 -15.65 34.67
CA GLY K 42 -25.88 -15.74 35.55
C GLY K 42 -26.98 -16.64 35.01
N GLU K 43 -27.40 -16.38 33.75
N GLU K 43 -27.42 -16.37 33.75
CA GLU K 43 -28.44 -17.11 33.04
CA GLU K 43 -28.48 -17.11 33.05
C GLU K 43 -28.02 -18.56 32.70
C GLU K 43 -28.03 -18.53 32.66
N GLY K 44 -29.01 -19.43 32.54
CA GLY K 44 -28.79 -20.83 32.17
C GLY K 44 -28.58 -21.03 30.67
N LEU K 45 -28.55 -22.29 30.22
CA LEU K 45 -28.32 -22.63 28.81
C LEU K 45 -29.49 -22.31 27.90
N GLN K 46 -29.23 -21.58 26.82
CA GLN K 46 -30.20 -21.18 25.81
C GLN K 46 -29.77 -21.71 24.45
N LEU K 47 -30.73 -22.22 23.66
CA LEU K 47 -30.44 -22.68 22.30
C LEU K 47 -30.27 -21.45 21.43
N LEU K 48 -29.11 -21.36 20.76
CA LEU K 48 -28.79 -20.24 19.90
C LEU K 48 -29.35 -20.52 18.51
N LEU K 49 -28.93 -21.64 17.90
CA LEU K 49 -29.37 -22.08 16.57
C LEU K 49 -29.13 -23.57 16.34
N LYS K 50 -29.72 -24.13 15.27
CA LYS K 50 -29.60 -25.54 14.93
C LYS K 50 -29.69 -25.82 13.43
N ALA K 51 -29.24 -27.02 13.02
CA ALA K 51 -29.29 -27.55 11.65
C ALA K 51 -29.51 -29.05 11.75
N THR K 52 -30.63 -29.53 11.21
CA THR K 52 -31.01 -30.94 11.26
C THR K 52 -30.65 -31.69 9.97
N LYS K 53 -30.53 -30.96 8.85
CA LYS K 53 -30.18 -31.49 7.54
C LYS K 53 -28.84 -30.92 7.07
N ALA K 54 -28.06 -31.70 6.31
CA ALA K 54 -26.78 -31.24 5.77
C ALA K 54 -27.02 -30.12 4.76
N ASP K 55 -26.31 -28.99 4.94
CA ASP K 55 -26.36 -27.75 4.16
C ASP K 55 -27.38 -26.70 4.66
N ASP K 56 -28.01 -26.97 5.83
CA ASP K 56 -28.93 -26.04 6.49
C ASP K 56 -28.08 -24.94 7.14
N LYS K 57 -28.62 -23.72 7.24
CA LYS K 57 -27.90 -22.60 7.85
C LYS K 57 -28.42 -22.32 9.26
N GLY K 58 -29.65 -21.84 9.38
CA GLY K 58 -30.26 -21.53 10.67
C GLY K 58 -29.49 -20.47 11.43
N SER K 59 -29.95 -19.22 11.31
CA SER K 59 -29.33 -18.06 11.94
C SER K 59 -30.18 -17.47 13.06
N ASN K 60 -29.52 -16.77 14.01
CA ASN K 60 -30.12 -16.10 15.16
C ASN K 60 -29.11 -15.14 15.80
N LYS K 61 -29.58 -13.95 16.25
CA LYS K 61 -28.78 -12.91 16.91
C LYS K 61 -27.53 -12.46 16.11
N GLY K 62 -27.62 -12.52 14.78
CA GLY K 62 -26.53 -12.15 13.90
C GLY K 62 -25.54 -13.27 13.65
N PHE K 63 -25.69 -14.39 14.40
CA PHE K 63 -24.86 -15.59 14.29
C PHE K 63 -25.37 -16.49 13.19
N GLU K 64 -24.44 -17.07 12.40
CA GLU K 64 -24.75 -17.98 11.30
C GLU K 64 -23.88 -19.23 11.40
N ALA K 65 -24.42 -20.41 11.01
CA ALA K 65 -23.68 -21.67 11.04
C ALA K 65 -24.21 -22.69 10.03
N THR K 66 -23.37 -23.09 9.07
CA THR K 66 -23.76 -24.06 8.04
C THR K 66 -23.30 -25.47 8.41
N TYR K 67 -24.20 -26.45 8.24
CA TYR K 67 -23.96 -27.87 8.47
C TYR K 67 -23.17 -28.35 7.24
N ARG K 68 -21.84 -28.49 7.38
CA ARG K 68 -21.00 -28.93 6.27
C ARG K 68 -20.48 -30.34 6.42
N LYS K 69 -20.97 -31.24 5.57
CA LYS K 69 -20.60 -32.66 5.54
C LYS K 69 -19.18 -32.87 5.02
N GLU K 70 -18.77 -32.08 3.99
CA GLU K 70 -17.46 -32.16 3.34
C GLU K 70 -16.26 -31.94 4.29
N THR K 71 -16.49 -31.24 5.43
CA THR K 71 -15.47 -30.94 6.43
C THR K 71 -15.95 -31.33 7.84
N THR K 72 -17.05 -32.12 7.93
CA THR K 72 -17.72 -32.57 9.16
C THR K 72 -17.68 -31.46 10.21
N SER K 73 -18.25 -30.30 9.85
CA SER K 73 -18.22 -29.09 10.67
C SER K 73 -19.55 -28.35 10.79
N PHE K 74 -19.63 -27.46 11.81
CA PHE K 74 -20.76 -26.60 12.14
C PHE K 74 -20.21 -25.33 12.81
N HIS K 75 -19.29 -24.65 12.10
CA HIS K 75 -18.63 -23.43 12.56
C HIS K 75 -19.61 -22.28 12.74
N LEU K 76 -19.53 -21.59 13.89
CA LEU K 76 -20.38 -20.46 14.26
C LEU K 76 -19.73 -19.17 13.77
N GLU K 77 -20.46 -18.38 12.95
CA GLU K 77 -19.96 -17.13 12.38
C GLU K 77 -20.80 -15.92 12.79
N LYS K 78 -20.17 -14.74 12.83
CA LYS K 78 -20.77 -13.44 13.12
C LYS K 78 -19.84 -12.37 12.56
N GLY K 79 -20.33 -11.63 11.56
CA GLY K 79 -19.58 -10.58 10.87
C GLY K 79 -19.19 -9.39 11.71
N SER K 80 -20.06 -8.98 12.66
CA SER K 80 -19.81 -7.83 13.53
C SER K 80 -20.15 -8.15 14.96
N VAL K 81 -19.24 -8.88 15.63
CA VAL K 81 -19.38 -9.29 17.03
C VAL K 81 -19.46 -8.07 17.95
N GLN K 82 -20.38 -8.12 18.92
CA GLN K 82 -20.66 -7.03 19.85
C GLN K 82 -20.25 -7.39 21.28
N VAL K 83 -20.07 -6.36 22.12
CA VAL K 83 -19.70 -6.52 23.54
C VAL K 83 -20.75 -7.38 24.27
N SER K 84 -22.03 -7.26 23.88
CA SER K 84 -23.17 -8.01 24.42
C SER K 84 -23.09 -9.53 24.13
N ASP K 85 -22.34 -9.92 23.08
CA ASP K 85 -22.16 -11.33 22.69
C ASP K 85 -21.21 -12.11 23.60
N SER K 86 -20.54 -11.41 24.56
CA SER K 86 -19.60 -12.01 25.52
C SER K 86 -20.32 -13.03 26.40
N ALA K 87 -20.06 -14.33 26.13
CA ALA K 87 -20.66 -15.48 26.82
C ALA K 87 -19.89 -16.77 26.53
N VAL K 88 -20.39 -17.91 27.08
CA VAL K 88 -19.83 -19.24 26.85
C VAL K 88 -20.66 -19.90 25.74
N TYR K 89 -19.97 -20.42 24.71
CA TYR K 89 -20.63 -21.03 23.56
C TYR K 89 -20.40 -22.53 23.49
N PHE K 90 -21.50 -23.30 23.66
CA PHE K 90 -21.47 -24.76 23.64
C PHE K 90 -22.03 -25.32 22.37
N CYS K 91 -21.29 -26.21 21.73
CA CYS K 91 -21.74 -26.86 20.52
C CYS K 91 -22.20 -28.28 20.85
N ALA K 92 -23.24 -28.77 20.14
CA ALA K 92 -23.80 -30.09 20.40
C ALA K 92 -24.33 -30.82 19.17
N LEU K 93 -24.33 -32.17 19.25
CA LEU K 93 -24.86 -33.06 18.23
C LEU K 93 -25.72 -34.15 18.87
N SER K 94 -26.61 -34.77 18.09
CA SER K 94 -27.47 -35.86 18.58
C SER K 94 -26.80 -37.22 18.38
N ASP K 95 -27.16 -38.18 19.24
CA ASP K 95 -26.67 -39.57 19.21
C ASP K 95 -27.89 -40.50 19.27
N PRO K 96 -28.05 -41.43 18.29
CA PRO K 96 -29.22 -42.33 18.34
C PRO K 96 -29.17 -43.43 19.42
N VAL K 97 -28.12 -43.41 20.26
CA VAL K 97 -27.92 -44.38 21.34
C VAL K 97 -27.48 -43.75 22.68
N ASN K 98 -26.78 -42.59 22.63
CA ASN K 98 -26.28 -41.91 23.82
C ASN K 98 -26.93 -40.53 24.08
N ASP K 99 -27.82 -40.06 23.18
CA ASP K 99 -28.52 -38.76 23.20
C ASP K 99 -27.55 -37.56 23.04
N MET K 100 -28.09 -36.34 22.89
CA MET K 100 -27.35 -35.10 22.71
C MET K 100 -26.08 -34.95 23.55
N ARG K 101 -24.93 -34.94 22.87
CA ARG K 101 -23.61 -34.79 23.47
C ARG K 101 -23.07 -33.38 23.26
N PHE K 102 -22.41 -32.81 24.28
CA PHE K 102 -21.87 -31.45 24.29
C PHE K 102 -20.37 -31.31 24.07
N GLY K 103 -19.97 -30.13 23.62
CA GLY K 103 -18.57 -29.75 23.42
C GLY K 103 -18.02 -29.08 24.65
N ALA K 104 -16.69 -28.86 24.69
CA ALA K 104 -15.95 -28.25 25.80
C ALA K 104 -16.46 -26.85 26.20
N GLY K 105 -16.90 -26.10 25.21
CA GLY K 105 -17.38 -24.74 25.41
C GLY K 105 -16.28 -23.73 25.21
N THR K 106 -16.59 -22.61 24.55
CA THR K 106 -15.65 -21.54 24.29
C THR K 106 -16.11 -20.26 24.94
N ARG K 107 -15.26 -19.66 25.80
N ARG K 107 -15.25 -19.66 25.78
CA ARG K 107 -15.55 -18.41 26.49
CA ARG K 107 -15.52 -18.41 26.48
C ARG K 107 -15.17 -17.25 25.56
C ARG K 107 -15.16 -17.25 25.54
N LEU K 108 -16.16 -16.41 25.23
CA LEU K 108 -15.97 -15.26 24.35
C LEU K 108 -15.94 -13.97 25.15
N THR K 109 -14.93 -13.12 24.89
CA THR K 109 -14.78 -11.83 25.55
C THR K 109 -14.63 -10.79 24.45
N VAL K 110 -15.62 -9.89 24.35
CA VAL K 110 -15.58 -8.84 23.35
C VAL K 110 -15.27 -7.48 23.99
N LYS K 111 -14.03 -7.01 23.78
CA LYS K 111 -13.51 -5.75 24.29
C LYS K 111 -14.13 -4.58 23.53
N PRO K 112 -14.52 -3.48 24.21
CA PRO K 112 -15.04 -2.33 23.47
C PRO K 112 -13.90 -1.53 22.82
N ASN K 113 -14.22 -0.82 21.73
CA ASN K 113 -13.27 0.04 21.05
C ASN K 113 -13.50 1.46 21.56
N ILE K 114 -12.69 1.84 22.56
CA ILE K 114 -12.74 3.16 23.21
C ILE K 114 -12.16 4.18 22.22
N GLN K 115 -13.02 5.07 21.71
CA GLN K 115 -12.67 6.09 20.70
C GLN K 115 -11.76 7.14 21.29
N ASN K 116 -12.21 7.81 22.38
CA ASN K 116 -11.45 8.85 23.06
C ASN K 116 -11.18 8.45 24.53
N PRO K 117 -10.11 7.68 24.80
CA PRO K 117 -9.81 7.32 26.20
C PRO K 117 -9.41 8.54 27.02
N ASP K 118 -10.01 8.69 28.19
CA ASP K 118 -9.72 9.78 29.11
C ASP K 118 -9.47 9.19 30.51
N PRO K 119 -8.33 8.46 30.71
CA PRO K 119 -8.09 7.82 32.02
C PRO K 119 -8.08 8.80 33.19
N ALA K 120 -8.76 8.39 34.29
CA ALA K 120 -8.90 9.16 35.52
C ALA K 120 -9.20 8.26 36.72
N VAL K 121 -8.71 8.66 37.91
CA VAL K 121 -8.92 7.94 39.17
C VAL K 121 -9.65 8.88 40.14
N TYR K 122 -10.93 8.58 40.44
CA TYR K 122 -11.74 9.42 41.32
C TYR K 122 -12.05 8.78 42.65
N GLN K 123 -12.20 9.62 43.69
CA GLN K 123 -12.60 9.20 45.03
C GLN K 123 -14.10 9.43 45.15
N LEU K 124 -14.85 8.39 45.53
CA LEU K 124 -16.29 8.43 45.70
C LEU K 124 -16.64 8.20 47.16
N ARG K 125 -17.34 9.16 47.78
CA ARG K 125 -17.73 9.04 49.18
C ARG K 125 -19.08 8.34 49.34
N ASP K 126 -19.27 7.66 50.48
CA ASP K 126 -20.47 6.91 50.82
C ASP K 126 -21.67 7.84 51.06
N SER K 127 -22.89 7.34 50.75
CA SER K 127 -24.17 8.04 50.93
C SER K 127 -24.53 8.29 52.41
N LYS K 128 -23.78 7.63 53.33
CA LYS K 128 -23.88 7.76 54.78
C LYS K 128 -22.50 7.49 55.44
N SER K 129 -22.47 7.21 56.77
CA SER K 129 -21.31 6.94 57.65
C SER K 129 -20.71 8.14 58.45
N SER K 130 -19.88 9.06 57.88
CA SER K 130 -19.37 9.14 56.50
C SER K 130 -17.83 9.03 56.49
N ASP K 131 -17.34 7.79 56.63
CA ASP K 131 -15.90 7.48 56.64
C ASP K 131 -15.51 6.68 55.41
N LYS K 132 -16.42 5.78 54.95
CA LYS K 132 -16.26 4.89 53.80
C LYS K 132 -16.13 5.64 52.49
N SER K 133 -15.15 5.21 51.65
CA SER K 133 -14.85 5.75 50.32
C SER K 133 -14.15 4.72 49.43
N VAL K 134 -14.49 4.74 48.13
CA VAL K 134 -13.92 3.85 47.11
C VAL K 134 -13.14 4.65 46.06
N CYS K 135 -12.24 3.97 45.32
CA CYS K 135 -11.45 4.57 44.25
C CYS K 135 -11.87 3.99 42.92
N LEU K 136 -12.36 4.86 42.02
CA LEU K 136 -12.81 4.45 40.69
C LEU K 136 -11.83 4.86 39.60
N PHE K 137 -11.22 3.86 38.94
CA PHE K 137 -10.35 4.07 37.79
C PHE K 137 -11.25 3.83 36.59
N THR K 138 -11.48 4.88 35.78
CA THR K 138 -12.40 4.80 34.66
C THR K 138 -11.90 5.46 33.38
N ASP K 139 -12.64 5.28 32.27
CA ASP K 139 -12.39 5.82 30.93
C ASP K 139 -11.03 5.47 30.31
N PHE K 140 -10.45 4.33 30.72
CA PHE K 140 -9.18 3.85 30.17
C PHE K 140 -9.46 2.91 29.00
N ASP K 141 -8.51 2.81 28.05
CA ASP K 141 -8.68 1.93 26.89
C ASP K 141 -8.59 0.44 27.25
N SER K 142 -9.15 -0.42 26.39
CA SER K 142 -9.22 -1.87 26.58
C SER K 142 -7.88 -2.60 26.68
N GLN K 143 -6.81 -2.04 26.09
CA GLN K 143 -5.48 -2.66 26.14
C GLN K 143 -4.81 -2.54 27.53
N THR K 144 -5.26 -1.58 28.35
CA THR K 144 -4.77 -1.35 29.72
C THR K 144 -5.18 -2.51 30.64
N ASN K 145 -4.19 -3.10 31.34
CA ASN K 145 -4.43 -4.22 32.24
C ASN K 145 -4.38 -3.78 33.71
N VAL K 146 -5.51 -3.94 34.42
CA VAL K 146 -5.65 -3.59 35.84
C VAL K 146 -5.11 -4.77 36.67
N SER K 147 -3.94 -4.55 37.28
CA SER K 147 -3.27 -5.55 38.11
C SER K 147 -3.76 -5.57 39.55
N GLN K 148 -3.80 -6.77 40.14
CA GLN K 148 -4.19 -7.01 41.52
C GLN K 148 -3.06 -6.57 42.44
N SER K 149 -3.36 -6.35 43.73
CA SER K 149 -2.34 -5.93 44.69
C SER K 149 -1.86 -7.09 45.57
N LYS K 150 -0.54 -7.08 45.88
CA LYS K 150 0.13 -8.07 46.73
C LYS K 150 -0.43 -7.98 48.16
N ASP K 151 -0.84 -6.77 48.58
CA ASP K 151 -1.43 -6.50 49.88
C ASP K 151 -2.84 -7.10 49.95
N SER K 152 -3.05 -7.98 50.93
CA SER K 152 -4.31 -8.68 51.20
C SER K 152 -5.36 -7.76 51.81
N ASP K 153 -4.91 -6.63 52.42
CA ASP K 153 -5.79 -5.63 53.03
C ASP K 153 -6.47 -4.70 52.01
N VAL K 154 -5.93 -4.63 50.77
CA VAL K 154 -6.49 -3.79 49.68
C VAL K 154 -7.23 -4.64 48.63
N TYR K 155 -8.46 -4.23 48.28
CA TYR K 155 -9.33 -4.96 47.35
C TYR K 155 -9.47 -4.22 46.02
N ILE K 156 -9.13 -4.90 44.93
CA ILE K 156 -9.20 -4.36 43.57
C ILE K 156 -9.99 -5.33 42.68
N THR K 157 -10.97 -4.81 41.93
CA THR K 157 -11.79 -5.58 40.99
C THR K 157 -11.11 -5.57 39.62
N ASP K 158 -11.52 -6.45 38.71
CA ASP K 158 -10.99 -6.47 37.35
C ASP K 158 -11.76 -5.44 36.48
N LYS K 159 -11.23 -5.11 35.27
CA LYS K 159 -11.87 -4.19 34.34
C LYS K 159 -13.24 -4.72 33.92
N CYS K 160 -14.26 -3.88 34.10
CA CYS K 160 -15.64 -4.19 33.78
C CYS K 160 -16.17 -3.23 32.73
N VAL K 161 -16.99 -3.73 31.80
CA VAL K 161 -17.52 -2.92 30.70
C VAL K 161 -18.99 -2.54 30.91
N LEU K 162 -19.31 -1.23 30.75
CA LEU K 162 -20.68 -0.71 30.82
C LEU K 162 -21.06 0.02 29.53
N ASP K 163 -22.31 -0.14 29.10
CA ASP K 163 -22.81 0.50 27.88
C ASP K 163 -23.95 1.45 28.21
N MET K 164 -23.81 2.70 27.78
CA MET K 164 -24.81 3.75 27.95
C MET K 164 -25.61 3.78 26.64
N ARG K 165 -26.41 2.71 26.42
CA ARG K 165 -27.24 2.40 25.24
C ARG K 165 -27.74 3.58 24.39
N SER K 166 -28.39 4.58 25.03
CA SER K 166 -28.93 5.76 24.34
C SER K 166 -27.83 6.71 23.86
N MET K 167 -26.82 6.97 24.71
CA MET K 167 -25.67 7.83 24.40
C MET K 167 -24.67 7.14 23.47
N ASP K 168 -24.82 5.79 23.28
CA ASP K 168 -23.95 4.91 22.50
C ASP K 168 -22.50 5.17 22.93
N PHE K 169 -22.27 5.03 24.25
CA PHE K 169 -20.99 5.24 24.90
C PHE K 169 -20.63 4.04 25.76
N LYS K 170 -19.43 3.49 25.56
CA LYS K 170 -18.92 2.36 26.32
C LYS K 170 -17.66 2.76 27.07
N SER K 171 -17.53 2.31 28.33
CA SER K 171 -16.39 2.63 29.18
C SER K 171 -15.89 1.46 30.03
N ASN K 172 -14.58 1.44 30.30
CA ASN K 172 -13.91 0.44 31.14
C ASN K 172 -13.67 1.06 32.51
N SER K 173 -14.01 0.32 33.58
CA SER K 173 -13.82 0.80 34.95
C SER K 173 -13.42 -0.30 35.93
N ALA K 174 -12.56 0.07 36.91
CA ALA K 174 -12.08 -0.80 37.98
C ALA K 174 -12.28 -0.09 39.32
N VAL K 175 -12.63 -0.85 40.38
CA VAL K 175 -12.86 -0.30 41.73
C VAL K 175 -11.78 -0.80 42.70
N ALA K 176 -11.34 0.10 43.63
CA ALA K 176 -10.38 -0.19 44.67
C ALA K 176 -10.81 0.46 45.99
N TRP K 177 -10.71 -0.30 47.09
CA TRP K 177 -11.08 0.17 48.43
C TRP K 177 -10.30 -0.57 49.51
N SER K 178 -10.18 0.06 50.69
CA SER K 178 -9.50 -0.50 51.85
C SER K 178 -9.88 0.23 53.12
N ASN K 179 -9.80 -0.48 54.27
CA ASN K 179 -10.04 0.08 55.60
C ASN K 179 -8.72 0.67 56.11
N LYS K 180 -7.58 0.25 55.48
CA LYS K 180 -6.19 0.65 55.73
C LYS K 180 -6.04 2.18 55.72
N SER K 181 -5.29 2.70 56.71
CA SER K 181 -5.03 4.14 56.90
C SER K 181 -4.14 4.73 55.80
N ASP K 182 -3.12 3.96 55.36
CA ASP K 182 -2.13 4.37 54.34
C ASP K 182 -2.70 4.40 52.91
N PHE K 183 -3.88 3.79 52.69
CA PHE K 183 -4.55 3.72 51.40
C PHE K 183 -5.14 5.07 50.97
N ALA K 184 -4.93 5.43 49.69
CA ALA K 184 -5.40 6.64 49.04
C ALA K 184 -5.50 6.40 47.53
N CYS K 185 -6.15 7.32 46.79
CA CYS K 185 -6.31 7.27 45.32
C CYS K 185 -4.94 7.24 44.64
N ALA K 186 -3.99 8.01 45.19
CA ALA K 186 -2.62 8.16 44.70
C ALA K 186 -1.88 6.83 44.63
N ASN K 187 -2.11 5.93 45.60
CA ASN K 187 -1.46 4.63 45.67
C ASN K 187 -2.29 3.45 45.15
N ALA K 188 -3.64 3.54 45.25
CA ALA K 188 -4.60 2.51 44.85
C ALA K 188 -4.24 1.61 43.65
N PHE K 189 -3.88 2.23 42.50
CA PHE K 189 -3.58 1.48 41.27
C PHE K 189 -2.08 1.50 40.89
N ASN K 190 -1.19 1.43 41.90
CA ASN K 190 0.26 1.44 41.69
C ASN K 190 0.84 0.10 41.23
N ASN K 191 0.07 -1.00 41.31
CA ASN K 191 0.49 -2.32 40.84
C ASN K 191 0.32 -2.42 39.32
N SER K 192 -0.44 -1.48 38.72
CA SER K 192 -0.77 -1.43 37.29
C SER K 192 0.11 -0.44 36.51
N ILE K 193 0.12 -0.59 35.17
CA ILE K 193 0.81 0.32 34.25
C ILE K 193 -0.27 1.23 33.66
N ILE K 194 -0.56 2.31 34.39
CA ILE K 194 -1.57 3.30 34.02
C ILE K 194 -0.92 4.35 33.11
N PRO K 195 -1.67 4.99 32.17
CA PRO K 195 -1.03 5.96 31.27
C PRO K 195 -0.48 7.20 31.96
N GLU K 196 0.61 7.76 31.41
CA GLU K 196 1.32 8.96 31.87
C GLU K 196 0.35 10.10 32.23
N ASP K 197 -0.62 10.34 31.34
CA ASP K 197 -1.63 11.39 31.44
C ASP K 197 -2.90 11.03 32.24
N THR K 198 -2.86 10.01 33.12
CA THR K 198 -4.04 9.66 33.92
C THR K 198 -4.40 10.86 34.80
N PHE K 199 -5.65 11.29 34.71
CA PHE K 199 -6.14 12.44 35.47
C PHE K 199 -6.32 12.11 36.95
N PHE K 200 -5.62 12.88 37.80
CA PHE K 200 -5.68 12.73 39.25
C PHE K 200 -6.21 14.03 39.85
N PRO K 201 -7.50 14.07 40.25
CA PRO K 201 -8.07 15.29 40.82
C PRO K 201 -7.54 15.58 42.22
N SER K 202 -7.52 16.88 42.59
CA SER K 202 -7.03 17.34 43.89
C SER K 202 -8.11 17.17 44.99
N PRO K 203 -7.81 16.39 46.07
CA PRO K 203 -8.82 16.21 47.13
C PRO K 203 -8.82 17.35 48.15
N GLY L 3 -41.37 -21.54 33.04
CA GLY L 3 -41.38 -22.85 32.39
C GLY L 3 -40.41 -22.94 31.21
N VAL L 4 -39.42 -23.88 31.23
CA VAL L 4 -39.10 -24.90 32.23
C VAL L 4 -38.62 -24.32 33.57
N ALA L 5 -39.35 -24.65 34.67
CA ALA L 5 -39.05 -24.17 36.01
C ALA L 5 -38.26 -25.15 36.86
N GLN L 6 -37.47 -24.61 37.80
CA GLN L 6 -36.65 -25.37 38.73
C GLN L 6 -36.62 -24.67 40.08
N SER L 7 -36.71 -25.47 41.15
CA SER L 7 -36.72 -24.96 42.53
C SER L 7 -35.91 -25.87 43.48
N PRO L 8 -35.07 -25.30 44.37
CA PRO L 8 -34.79 -23.87 44.58
C PRO L 8 -33.84 -23.29 43.53
N ARG L 9 -33.53 -22.00 43.64
CA ARG L 9 -32.62 -21.30 42.73
C ARG L 9 -31.22 -21.47 43.28
N TYR L 10 -31.11 -21.49 44.63
CA TYR L 10 -29.88 -21.62 45.40
C TYR L 10 -30.13 -22.46 46.66
N LYS L 11 -29.24 -23.41 46.97
CA LYS L 11 -29.36 -24.26 48.16
C LYS L 11 -28.05 -24.46 48.93
N ILE L 12 -28.06 -24.08 50.20
CA ILE L 12 -26.90 -24.23 51.10
C ILE L 12 -27.20 -25.38 52.05
N ILE L 13 -26.34 -26.41 52.01
CA ILE L 13 -26.45 -27.58 52.88
C ILE L 13 -25.12 -27.90 53.56
N GLU L 14 -25.19 -28.39 54.81
CA GLU L 14 -24.02 -28.78 55.61
C GLU L 14 -23.46 -30.11 55.11
N LYS L 15 -22.18 -30.40 55.44
CA LYS L 15 -21.46 -31.61 55.08
C LYS L 15 -22.22 -32.88 55.54
N ARG L 16 -22.41 -33.84 54.61
CA ARG L 16 -23.10 -35.13 54.82
C ARG L 16 -24.60 -35.00 55.17
N GLN L 17 -25.31 -34.04 54.54
CA GLN L 17 -26.73 -33.82 54.76
C GLN L 17 -27.55 -34.08 53.49
N SER L 18 -28.86 -34.40 53.65
CA SER L 18 -29.77 -34.69 52.54
C SER L 18 -30.32 -33.44 51.85
N VAL L 19 -30.39 -33.46 50.51
CA VAL L 19 -30.89 -32.36 49.68
C VAL L 19 -31.64 -32.84 48.42
N ALA L 20 -32.78 -32.20 48.11
CA ALA L 20 -33.62 -32.51 46.95
C ALA L 20 -33.88 -31.28 46.07
N PHE L 21 -33.94 -31.50 44.74
CA PHE L 21 -34.20 -30.44 43.74
C PHE L 21 -35.36 -30.82 42.85
N TRP L 22 -36.35 -29.94 42.73
CA TRP L 22 -37.55 -30.19 41.92
C TRP L 22 -37.50 -29.51 40.55
N CYS L 23 -37.95 -30.25 39.53
CA CYS L 23 -38.01 -29.81 38.13
C CYS L 23 -39.35 -30.13 37.47
N ASN L 24 -39.85 -29.18 36.65
CA ASN L 24 -41.08 -29.33 35.89
C ASN L 24 -40.81 -28.98 34.44
N PRO L 25 -40.89 -29.99 33.53
CA PRO L 25 -40.65 -29.73 32.10
C PRO L 25 -41.81 -28.98 31.44
N ILE L 26 -41.63 -28.56 30.19
CA ILE L 26 -42.65 -27.85 29.40
C ILE L 26 -43.84 -28.80 29.15
N SER L 27 -45.08 -28.24 29.17
CA SER L 27 -46.33 -28.97 28.96
C SER L 27 -46.28 -29.79 27.68
N GLY L 28 -46.42 -31.11 27.84
CA GLY L 28 -46.39 -32.05 26.72
C GLY L 28 -45.13 -32.88 26.59
N HIS L 29 -43.97 -32.25 26.90
CA HIS L 29 -42.64 -32.87 26.82
C HIS L 29 -42.53 -34.13 27.68
N ALA L 30 -42.25 -35.27 27.01
CA ALA L 30 -42.17 -36.59 27.63
C ALA L 30 -40.82 -36.92 28.26
N THR L 31 -39.71 -36.64 27.55
CA THR L 31 -38.36 -36.93 28.02
C THR L 31 -37.70 -35.85 28.89
N LEU L 32 -37.15 -36.26 30.04
CA LEU L 32 -36.50 -35.39 31.01
C LEU L 32 -35.03 -35.78 31.20
N TYR L 33 -34.16 -34.78 31.43
CA TYR L 33 -32.72 -34.96 31.64
C TYR L 33 -32.28 -34.21 32.89
N TRP L 34 -31.30 -34.76 33.61
CA TRP L 34 -30.72 -34.13 34.79
C TRP L 34 -29.21 -34.06 34.58
N TYR L 35 -28.66 -32.83 34.53
CA TYR L 35 -27.25 -32.56 34.28
C TYR L 35 -26.53 -31.95 35.49
N GLN L 36 -25.20 -32.10 35.53
CA GLN L 36 -24.35 -31.49 36.55
C GLN L 36 -23.38 -30.56 35.82
N GLN L 37 -23.38 -29.28 36.23
CA GLN L 37 -22.52 -28.26 35.62
C GLN L 37 -21.52 -27.77 36.66
N ILE L 38 -20.26 -28.22 36.51
CA ILE L 38 -19.18 -27.89 37.43
C ILE L 38 -18.36 -26.70 36.93
N LEU L 39 -18.22 -25.66 37.78
CA LEU L 39 -17.49 -24.40 37.54
C LEU L 39 -17.61 -23.77 36.13
N GLY L 40 -18.83 -23.82 35.58
CA GLY L 40 -19.15 -23.28 34.26
C GLY L 40 -18.91 -24.19 33.08
N GLN L 41 -18.15 -25.30 33.28
CA GLN L 41 -17.81 -26.30 32.25
C GLN L 41 -19.06 -27.05 31.72
N GLY L 42 -18.89 -27.80 30.63
CA GLY L 42 -19.95 -28.58 29.97
C GLY L 42 -20.88 -29.33 30.90
N PRO L 43 -22.21 -29.35 30.62
CA PRO L 43 -23.12 -30.09 31.51
C PRO L 43 -23.06 -31.60 31.27
N LYS L 44 -22.62 -32.35 32.29
CA LYS L 44 -22.48 -33.81 32.26
C LYS L 44 -23.76 -34.46 32.80
N LEU L 45 -24.34 -35.39 32.03
CA LEU L 45 -25.59 -36.08 32.34
C LEU L 45 -25.49 -37.03 33.53
N LEU L 46 -26.54 -37.02 34.37
CA LEU L 46 -26.68 -37.85 35.56
C LEU L 46 -27.71 -38.94 35.29
N ILE L 47 -28.98 -38.56 35.06
CA ILE L 47 -30.08 -39.48 34.80
C ILE L 47 -30.95 -38.98 33.63
N GLN L 48 -31.69 -39.89 32.99
CA GLN L 48 -32.59 -39.57 31.88
C GLN L 48 -33.92 -40.32 32.05
N PHE L 49 -35.04 -39.62 31.82
CA PHE L 49 -36.39 -40.16 31.92
C PHE L 49 -37.11 -40.12 30.58
N GLN L 50 -38.01 -41.09 30.35
CA GLN L 50 -38.85 -41.20 29.15
C GLN L 50 -40.22 -41.68 29.64
N ASN L 51 -41.05 -40.72 30.11
CA ASN L 51 -42.39 -40.92 30.69
C ASN L 51 -42.35 -41.86 31.90
N ASN L 52 -42.01 -41.30 33.07
CA ASN L 52 -41.89 -41.99 34.38
C ASN L 52 -41.02 -43.27 34.45
N GLY L 53 -40.11 -43.42 33.49
CA GLY L 53 -39.20 -44.57 33.42
C GLY L 53 -37.77 -44.20 33.06
N VAL L 54 -36.80 -44.74 33.82
CA VAL L 54 -35.37 -44.48 33.63
C VAL L 54 -34.85 -45.20 32.39
N VAL L 55 -34.25 -44.42 31.47
CA VAL L 55 -33.64 -44.91 30.23
C VAL L 55 -32.11 -44.96 30.34
N ASP L 56 -31.51 -44.01 31.08
CA ASP L 56 -30.08 -43.95 31.34
C ASP L 56 -29.80 -43.59 32.79
N ASP L 57 -28.87 -44.33 33.43
CA ASP L 57 -28.46 -44.17 34.83
C ASP L 57 -26.99 -44.58 35.01
N SER L 58 -26.31 -44.90 33.89
CA SER L 58 -24.91 -45.35 33.81
C SER L 58 -23.91 -44.40 34.48
N GLN L 59 -24.14 -43.08 34.36
CA GLN L 59 -23.27 -42.04 34.91
C GLN L 59 -23.83 -41.44 36.22
N LEU L 60 -24.67 -42.20 36.95
CA LEU L 60 -25.29 -41.78 38.20
C LEU L 60 -24.81 -42.62 39.40
N PRO L 61 -24.16 -42.00 40.42
CA PRO L 61 -23.73 -42.77 41.60
C PRO L 61 -24.94 -43.08 42.50
N LYS L 62 -25.36 -44.35 42.51
CA LYS L 62 -26.53 -44.88 43.24
C LYS L 62 -26.46 -44.66 44.76
N ASP L 63 -25.25 -44.70 45.34
CA ASP L 63 -24.99 -44.52 46.77
C ASP L 63 -25.42 -43.14 47.31
N ARG L 64 -25.37 -42.10 46.46
CA ARG L 64 -25.73 -40.73 46.81
C ARG L 64 -26.95 -40.26 46.01
N PHE L 65 -26.79 -40.12 44.68
CA PHE L 65 -27.82 -39.64 43.76
C PHE L 65 -28.90 -40.69 43.49
N SER L 66 -30.16 -40.22 43.49
CA SER L 66 -31.37 -41.01 43.23
C SER L 66 -32.49 -40.07 42.76
N ALA L 67 -33.02 -40.32 41.55
CA ALA L 67 -34.08 -39.51 40.97
C ALA L 67 -35.39 -40.27 40.83
N GLU L 68 -36.51 -39.54 40.91
CA GLU L 68 -37.86 -40.10 40.84
C GLU L 68 -38.74 -39.34 39.84
N ARG L 69 -39.70 -40.05 39.24
CA ARG L 69 -40.71 -39.57 38.31
C ARG L 69 -41.80 -40.65 38.28
N LEU L 70 -43.03 -40.29 38.71
CA LEU L 70 -44.13 -41.26 38.81
C LEU L 70 -45.31 -40.96 37.90
N LYS L 71 -45.69 -39.68 37.75
CA LYS L 71 -46.81 -39.27 36.90
C LYS L 71 -46.37 -39.06 35.44
N GLY L 72 -45.07 -38.98 35.20
CA GLY L 72 -44.49 -38.77 33.88
C GLY L 72 -44.32 -37.32 33.52
N VAL L 73 -44.41 -36.42 34.53
CA VAL L 73 -44.25 -34.96 34.36
C VAL L 73 -43.14 -34.47 35.31
N ASP L 74 -43.48 -34.18 36.59
CA ASP L 74 -42.56 -33.68 37.63
C ASP L 74 -41.49 -34.69 38.00
N SER L 75 -40.25 -34.21 38.18
CA SER L 75 -39.12 -35.05 38.57
C SER L 75 -38.30 -34.42 39.69
N THR L 76 -37.90 -35.23 40.68
CA THR L 76 -37.13 -34.79 41.83
C THR L 76 -35.83 -35.59 41.98
N LEU L 77 -34.70 -34.87 41.91
CA LEU L 77 -33.36 -35.44 42.07
C LEU L 77 -32.96 -35.26 43.53
N LYS L 78 -32.63 -36.36 44.22
CA LYS L 78 -32.26 -36.33 45.64
C LYS L 78 -30.87 -36.91 45.88
N ILE L 79 -30.21 -36.44 46.95
CA ILE L 79 -28.89 -36.89 47.39
C ILE L 79 -28.79 -36.85 48.92
N GLN L 80 -28.65 -38.04 49.56
CA GLN L 80 -28.57 -38.19 51.01
C GLN L 80 -27.15 -37.97 51.58
N PRO L 81 -26.11 -38.79 51.27
CA PRO L 81 -24.78 -38.51 51.83
C PRO L 81 -23.98 -37.57 50.91
N ALA L 82 -24.43 -36.31 50.80
CA ALA L 82 -23.82 -35.29 49.95
C ALA L 82 -22.44 -34.85 50.45
N LYS L 83 -21.40 -35.08 49.61
CA LYS L 83 -20.02 -34.73 49.88
C LYS L 83 -19.66 -33.40 49.20
N LEU L 84 -18.53 -32.77 49.60
CA LEU L 84 -18.05 -31.49 49.06
C LEU L 84 -17.88 -31.46 47.53
N GLU L 85 -17.61 -32.63 46.93
CA GLU L 85 -17.43 -32.83 45.49
C GLU L 85 -18.74 -32.66 44.68
N ASP L 86 -19.87 -32.48 45.37
CA ASP L 86 -21.18 -32.32 44.74
C ASP L 86 -21.62 -30.85 44.62
N SER L 87 -20.75 -29.91 45.03
CA SER L 87 -21.01 -28.48 44.94
C SER L 87 -20.90 -28.03 43.48
N ALA L 88 -22.06 -27.95 42.79
CA ALA L 88 -22.18 -27.58 41.38
C ALA L 88 -23.58 -27.03 41.07
N VAL L 89 -23.86 -26.75 39.79
CA VAL L 89 -25.17 -26.27 39.33
C VAL L 89 -25.91 -27.52 38.82
N TYR L 90 -27.13 -27.73 39.29
CA TYR L 90 -27.93 -28.87 38.86
C TYR L 90 -29.00 -28.44 37.88
N LEU L 91 -28.78 -28.76 36.60
CA LEU L 91 -29.64 -28.40 35.49
C LEU L 91 -30.56 -29.51 35.05
N CYS L 92 -31.69 -29.12 34.46
CA CYS L 92 -32.68 -30.04 33.93
C CYS L 92 -32.98 -29.69 32.49
N ALA L 93 -33.18 -30.71 31.65
CA ALA L 93 -33.51 -30.51 30.26
C ALA L 93 -34.81 -31.19 29.90
N SER L 94 -35.46 -30.70 28.84
CA SER L 94 -36.76 -31.18 28.42
C SER L 94 -36.91 -31.15 26.89
N SER L 95 -37.53 -32.21 26.33
CA SER L 95 -37.84 -32.36 24.91
C SER L 95 -39.10 -33.20 24.70
N LEU L 96 -39.84 -32.95 23.59
CA LEU L 96 -41.09 -33.65 23.25
C LEU L 96 -40.96 -35.17 23.29
N ARG L 97 -39.99 -35.71 22.54
CA ARG L 97 -39.68 -37.14 22.48
C ARG L 97 -38.17 -37.34 22.65
N GLY L 98 -37.42 -36.27 22.40
CA GLY L 98 -35.96 -36.21 22.52
C GLY L 98 -35.25 -37.17 21.59
N ARG L 99 -35.62 -37.12 20.31
CA ARG L 99 -35.03 -37.99 19.31
C ARG L 99 -34.45 -37.22 18.13
N GLY L 100 -33.11 -37.18 18.09
CA GLY L 100 -32.29 -36.55 17.06
C GLY L 100 -32.52 -35.07 16.81
N ASP L 101 -33.40 -34.78 15.82
CA ASP L 101 -33.76 -33.45 15.32
C ASP L 101 -34.36 -32.48 16.35
N GLN L 102 -34.85 -33.00 17.50
CA GLN L 102 -35.48 -32.20 18.55
C GLN L 102 -34.45 -31.65 19.55
N PRO L 103 -34.41 -30.31 19.77
CA PRO L 103 -33.45 -29.76 20.75
C PRO L 103 -33.97 -29.80 22.19
N GLN L 104 -33.04 -29.83 23.16
CA GLN L 104 -33.37 -29.85 24.60
C GLN L 104 -33.55 -28.43 25.12
N HIS L 105 -34.51 -28.25 26.04
CA HIS L 105 -34.81 -26.98 26.68
C HIS L 105 -34.30 -27.02 28.12
N PHE L 106 -33.43 -26.06 28.47
CA PHE L 106 -32.82 -25.98 29.80
C PHE L 106 -33.47 -24.98 30.74
N GLY L 107 -33.53 -25.35 32.01
CA GLY L 107 -34.04 -24.51 33.08
C GLY L 107 -32.94 -23.61 33.62
N ASP L 108 -33.28 -22.72 34.54
CA ASP L 108 -32.33 -21.78 35.13
C ASP L 108 -31.28 -22.46 36.03
N GLY L 109 -31.66 -23.60 36.61
CA GLY L 109 -30.78 -24.42 37.44
C GLY L 109 -30.88 -24.19 38.94
N THR L 110 -30.13 -25.01 39.69
CA THR L 110 -30.03 -24.95 41.16
C THR L 110 -28.57 -24.99 41.57
N ARG L 111 -28.01 -23.85 42.00
CA ARG L 111 -26.62 -23.77 42.47
C ARG L 111 -26.60 -24.31 43.91
N LEU L 112 -25.88 -25.43 44.11
CA LEU L 112 -25.77 -26.07 45.41
C LEU L 112 -24.40 -25.80 46.02
N SER L 113 -24.40 -25.29 47.26
CA SER L 113 -23.18 -24.98 48.01
C SER L 113 -23.07 -25.84 49.25
N ILE L 114 -22.07 -26.74 49.28
CA ILE L 114 -21.82 -27.63 50.41
C ILE L 114 -20.75 -27.00 51.30
N LEU L 115 -21.13 -26.75 52.56
CA LEU L 115 -20.28 -26.14 53.57
C LEU L 115 -19.87 -27.13 54.66
N GLU L 116 -18.68 -26.93 55.23
CA GLU L 116 -18.13 -27.73 56.33
C GLU L 116 -18.92 -27.39 57.62
N ASP L 117 -19.31 -26.11 57.75
CA ASP L 117 -20.06 -25.57 58.89
C ASP L 117 -20.97 -24.43 58.40
N LEU L 118 -22.28 -24.51 58.71
CA LEU L 118 -23.28 -23.50 58.33
C LEU L 118 -23.13 -22.15 59.08
N LYS L 119 -22.22 -22.10 60.08
CA LYS L 119 -21.90 -20.91 60.87
C LYS L 119 -21.14 -19.87 60.00
N ASN L 120 -20.52 -20.34 58.90
CA ASN L 120 -19.77 -19.51 57.93
C ASN L 120 -20.68 -18.68 57.01
N VAL L 121 -22.02 -18.90 57.05
CA VAL L 121 -22.98 -18.17 56.24
C VAL L 121 -23.18 -16.74 56.79
N PHE L 122 -22.90 -15.72 55.96
CA PHE L 122 -23.03 -14.31 56.33
C PHE L 122 -23.80 -13.51 55.28
N PRO L 123 -24.65 -12.54 55.69
CA PRO L 123 -25.36 -11.74 54.70
C PRO L 123 -24.50 -10.58 54.17
N PRO L 124 -24.76 -10.02 52.96
CA PRO L 124 -23.93 -8.91 52.49
C PRO L 124 -24.30 -7.57 53.11
N GLU L 125 -23.32 -6.65 53.15
CA GLU L 125 -23.49 -5.28 53.64
C GLU L 125 -23.44 -4.34 52.44
N VAL L 126 -24.62 -3.94 51.94
CA VAL L 126 -24.77 -3.08 50.77
C VAL L 126 -24.47 -1.60 51.08
N ALA L 127 -23.80 -0.90 50.16
CA ALA L 127 -23.43 0.50 50.29
C ALA L 127 -23.37 1.19 48.93
N VAL L 128 -23.88 2.42 48.84
CA VAL L 128 -23.84 3.19 47.60
C VAL L 128 -22.88 4.36 47.76
N PHE L 129 -21.93 4.48 46.82
CA PHE L 129 -20.92 5.54 46.81
C PHE L 129 -21.30 6.57 45.77
N GLU L 130 -21.64 7.78 46.24
CA GLU L 130 -22.06 8.92 45.43
C GLU L 130 -20.99 9.35 44.42
N PRO L 131 -21.39 9.69 43.17
CA PRO L 131 -20.39 10.10 42.17
C PRO L 131 -19.55 11.29 42.57
N SER L 132 -18.28 11.28 42.15
CA SER L 132 -17.29 12.32 42.40
C SER L 132 -17.65 13.62 41.68
N GLU L 133 -17.42 14.76 42.36
CA GLU L 133 -17.66 16.10 41.82
C GLU L 133 -16.70 16.37 40.64
N ALA L 134 -15.52 15.74 40.66
CA ALA L 134 -14.49 15.85 39.64
C ALA L 134 -14.84 15.11 38.36
N GLU L 135 -15.59 13.98 38.47
CA GLU L 135 -16.02 13.21 37.30
C GLU L 135 -17.05 14.01 36.52
N ILE L 136 -17.99 14.64 37.24
CA ILE L 136 -19.05 15.47 36.70
C ILE L 136 -18.46 16.66 35.93
N SER L 137 -17.41 17.30 36.50
CA SER L 137 -16.75 18.47 35.90
C SER L 137 -15.91 18.12 34.66
N HIS L 138 -15.17 17.00 34.73
CA HIS L 138 -14.26 16.55 33.68
C HIS L 138 -14.94 15.81 32.54
N THR L 139 -15.84 14.86 32.85
CA THR L 139 -16.48 14.01 31.85
C THR L 139 -17.94 14.34 31.50
N GLN L 140 -18.63 15.16 32.33
CA GLN L 140 -20.05 15.54 32.18
C GLN L 140 -20.99 14.32 32.40
N LYS L 141 -20.45 13.27 33.04
CA LYS L 141 -21.11 12.02 33.40
C LYS L 141 -20.90 11.78 34.90
N ALA L 142 -21.71 10.90 35.51
CA ALA L 142 -21.62 10.56 36.92
C ALA L 142 -21.72 9.04 37.11
N THR L 143 -20.79 8.44 37.88
CA THR L 143 -20.77 7.00 38.15
C THR L 143 -21.08 6.73 39.60
N LEU L 144 -22.11 5.90 39.85
CA LEU L 144 -22.51 5.47 41.19
C LEU L 144 -21.94 4.07 41.38
N VAL L 145 -21.31 3.82 42.53
CA VAL L 145 -20.71 2.53 42.80
C VAL L 145 -21.39 1.83 43.98
N CYS L 146 -21.86 0.60 43.76
CA CYS L 146 -22.46 -0.22 44.81
C CYS L 146 -21.45 -1.25 45.27
N LEU L 147 -21.42 -1.49 46.60
CA LEU L 147 -20.50 -2.45 47.18
C LEU L 147 -21.22 -3.41 48.12
N ALA L 148 -21.30 -4.69 47.71
CA ALA L 148 -21.90 -5.78 48.48
C ALA L 148 -20.72 -6.48 49.13
N THR L 149 -20.58 -6.33 50.45
CA THR L 149 -19.42 -6.86 51.19
C THR L 149 -19.73 -7.82 52.34
N GLY L 150 -18.75 -8.69 52.62
CA GLY L 150 -18.77 -9.67 53.71
C GLY L 150 -19.86 -10.71 53.67
N PHE L 151 -20.09 -11.31 52.49
CA PHE L 151 -21.11 -12.34 52.31
C PHE L 151 -20.52 -13.71 52.00
N TYR L 152 -21.20 -14.77 52.45
CA TYR L 152 -20.79 -16.15 52.20
C TYR L 152 -22.00 -17.10 52.20
N PRO L 153 -22.18 -17.96 51.18
CA PRO L 153 -21.34 -18.13 49.97
C PRO L 153 -21.69 -17.15 48.85
N ASP L 154 -21.23 -17.42 47.60
CA ASP L 154 -21.51 -16.58 46.44
C ASP L 154 -22.97 -16.80 45.97
N HIS L 155 -23.92 -16.29 46.76
CA HIS L 155 -25.36 -16.44 46.53
C HIS L 155 -26.06 -15.07 46.45
N VAL L 156 -25.44 -14.13 45.71
CA VAL L 156 -25.96 -12.77 45.53
C VAL L 156 -26.48 -12.51 44.12
N GLU L 157 -27.44 -11.58 44.00
CA GLU L 157 -28.03 -11.14 42.73
C GLU L 157 -28.19 -9.61 42.80
N LEU L 158 -27.21 -8.90 42.26
CA LEU L 158 -27.18 -7.44 42.28
C LEU L 158 -28.02 -6.84 41.15
N SER L 159 -28.77 -5.78 41.47
CA SER L 159 -29.63 -5.03 40.54
C SER L 159 -29.77 -3.56 40.95
N TRP L 160 -29.71 -2.65 39.97
CA TRP L 160 -29.86 -1.21 40.18
C TRP L 160 -31.29 -0.77 39.86
N TRP L 161 -31.87 0.07 40.73
CA TRP L 161 -33.23 0.57 40.57
C TRP L 161 -33.24 2.10 40.56
N VAL L 162 -33.63 2.67 39.41
CA VAL L 162 -33.71 4.11 39.22
C VAL L 162 -35.18 4.48 39.11
N ASN L 163 -35.67 5.29 40.07
CA ASN L 163 -37.06 5.76 40.17
C ASN L 163 -38.07 4.60 40.29
N GLY L 164 -37.74 3.61 41.12
CA GLY L 164 -38.57 2.44 41.38
C GLY L 164 -38.59 1.36 40.32
N LYS L 165 -37.96 1.61 39.16
CA LYS L 165 -37.89 0.65 38.05
C LYS L 165 -36.45 0.18 37.86
N GLU L 166 -36.26 -1.11 37.53
CA GLU L 166 -34.93 -1.72 37.34
C GLU L 166 -34.28 -1.20 36.07
N VAL L 167 -32.94 -1.07 36.08
CA VAL L 167 -32.17 -0.56 34.94
C VAL L 167 -31.01 -1.47 34.56
N HIS L 168 -30.72 -1.53 33.25
CA HIS L 168 -29.62 -2.31 32.68
C HIS L 168 -28.68 -1.42 31.86
N SER L 169 -29.19 -0.30 31.32
CA SER L 169 -28.38 0.65 30.55
C SER L 169 -27.50 1.43 31.53
N GLY L 170 -26.19 1.30 31.35
CA GLY L 170 -25.19 1.94 32.20
C GLY L 170 -24.83 1.11 33.42
N VAL L 171 -25.46 -0.10 33.57
CA VAL L 171 -25.21 -1.02 34.67
C VAL L 171 -23.89 -1.77 34.44
N CYS L 172 -23.18 -2.13 35.54
CA CYS L 172 -21.90 -2.82 35.45
C CYS L 172 -21.49 -3.59 36.69
N THR L 173 -22.00 -4.81 36.84
CA THR L 173 -21.69 -5.69 37.96
C THR L 173 -20.53 -6.61 37.57
N ASP L 174 -19.64 -6.90 38.53
CA ASP L 174 -18.47 -7.77 38.35
C ASP L 174 -18.91 -9.20 38.01
N PRO L 175 -18.23 -9.89 37.04
CA PRO L 175 -18.65 -11.26 36.68
C PRO L 175 -18.41 -12.25 37.81
N GLN L 176 -17.30 -12.05 38.56
CA GLN L 176 -16.89 -12.90 39.69
C GLN L 176 -16.55 -12.03 40.90
N PRO L 177 -17.01 -12.40 42.12
CA PRO L 177 -16.65 -11.60 43.30
C PRO L 177 -15.25 -11.93 43.79
N LEU L 178 -14.72 -11.10 44.71
CA LEU L 178 -13.39 -11.32 45.28
C LEU L 178 -13.45 -11.71 46.75
N LYS L 179 -12.49 -12.54 47.20
CA LYS L 179 -12.37 -12.99 48.59
C LYS L 179 -11.81 -11.85 49.46
N GLU L 180 -12.37 -11.66 50.66
CA GLU L 180 -11.92 -10.62 51.59
C GLU L 180 -10.52 -10.95 52.16
N GLN L 181 -10.20 -12.25 52.25
CA GLN L 181 -8.90 -12.77 52.69
C GLN L 181 -8.62 -14.14 52.06
N PRO L 182 -7.82 -14.20 50.96
CA PRO L 182 -7.55 -15.49 50.28
C PRO L 182 -6.93 -16.60 51.13
N ALA L 183 -6.32 -16.24 52.29
CA ALA L 183 -5.71 -17.18 53.25
C ALA L 183 -6.71 -18.23 53.74
N LEU L 184 -7.96 -17.78 54.01
CA LEU L 184 -9.05 -18.65 54.44
C LEU L 184 -9.75 -19.21 53.19
N ASN L 185 -9.93 -20.55 53.13
CA ASN L 185 -10.58 -21.22 52.00
C ASN L 185 -12.13 -21.05 52.01
N ASP L 186 -12.67 -20.57 53.15
CA ASP L 186 -14.09 -20.30 53.38
C ASP L 186 -14.31 -18.80 53.69
N SER L 187 -13.48 -17.94 53.05
CA SER L 187 -13.47 -16.49 53.22
C SER L 187 -14.69 -15.80 52.66
N ARG L 188 -15.06 -14.66 53.29
CA ARG L 188 -16.19 -13.79 52.91
C ARG L 188 -15.93 -13.18 51.52
N TYR L 189 -16.99 -12.86 50.80
CA TYR L 189 -16.88 -12.29 49.46
C TYR L 189 -17.25 -10.81 49.39
N ALA L 190 -16.79 -10.13 48.33
CA ALA L 190 -17.06 -8.73 48.05
C ALA L 190 -17.34 -8.58 46.56
N LEU L 191 -18.40 -7.85 46.22
CA LEU L 191 -18.83 -7.63 44.84
C LEU L 191 -19.23 -6.17 44.62
N SER L 192 -18.70 -5.57 43.55
CA SER L 192 -19.01 -4.18 43.22
C SER L 192 -19.81 -4.07 41.91
N SER L 193 -20.52 -2.94 41.76
CA SER L 193 -21.31 -2.63 40.58
C SER L 193 -21.28 -1.14 40.29
N ARG L 194 -21.34 -0.78 39.00
CA ARG L 194 -21.30 0.62 38.57
C ARG L 194 -22.57 0.97 37.83
N LEU L 195 -23.05 2.21 38.05
CA LEU L 195 -24.19 2.78 37.35
C LEU L 195 -23.73 4.13 36.86
N ARG L 196 -23.55 4.27 35.55
CA ARG L 196 -23.12 5.54 35.00
C ARG L 196 -24.27 6.24 34.33
N VAL L 197 -24.56 7.46 34.79
CA VAL L 197 -25.62 8.32 34.27
C VAL L 197 -25.00 9.63 33.78
N SER L 198 -25.81 10.51 33.17
CA SER L 198 -25.37 11.83 32.74
C SER L 198 -25.29 12.71 33.99
N ALA L 199 -24.47 13.79 33.95
CA ALA L 199 -24.34 14.69 35.09
C ALA L 199 -25.69 15.33 35.43
N THR L 200 -26.45 15.74 34.38
CA THR L 200 -27.80 16.32 34.45
C THR L 200 -28.78 15.40 35.18
N PHE L 201 -28.69 14.07 34.94
CA PHE L 201 -29.55 13.08 35.59
C PHE L 201 -29.28 13.01 37.09
N TRP L 202 -27.99 12.98 37.49
CA TRP L 202 -27.56 12.94 38.88
C TRP L 202 -27.84 14.26 39.58
N GLN L 203 -27.54 15.40 38.90
CA GLN L 203 -27.76 16.75 39.43
C GLN L 203 -29.23 17.07 39.72
N ASN L 204 -30.16 16.25 39.18
CA ASN L 204 -31.60 16.38 39.40
C ASN L 204 -31.94 15.76 40.79
N PRO L 205 -32.38 16.59 41.77
CA PRO L 205 -32.69 16.04 43.10
C PRO L 205 -33.92 15.14 43.16
N ARG L 206 -34.80 15.25 42.15
CA ARG L 206 -36.03 14.47 42.03
C ARG L 206 -35.78 13.00 41.65
N ASN L 207 -34.52 12.64 41.33
CA ASN L 207 -34.14 11.28 40.95
C ASN L 207 -33.66 10.44 42.13
N HIS L 208 -34.23 9.23 42.26
CA HIS L 208 -33.90 8.27 43.31
C HIS L 208 -33.10 7.07 42.75
N PHE L 209 -31.95 6.77 43.38
CA PHE L 209 -31.05 5.68 43.02
C PHE L 209 -30.99 4.68 44.16
N ARG L 210 -31.31 3.43 43.87
CA ARG L 210 -31.32 2.38 44.87
C ARG L 210 -30.64 1.14 44.33
N CYS L 211 -29.70 0.60 45.10
CA CYS L 211 -29.06 -0.63 44.71
C CYS L 211 -29.44 -1.75 45.64
N GLN L 212 -30.10 -2.75 45.06
CA GLN L 212 -30.66 -3.93 45.70
C GLN L 212 -29.74 -5.14 45.53
N VAL L 213 -29.54 -5.91 46.62
CA VAL L 213 -28.75 -7.14 46.59
C VAL L 213 -29.59 -8.30 47.16
N GLN L 214 -30.01 -9.23 46.28
CA GLN L 214 -30.81 -10.39 46.69
C GLN L 214 -29.87 -11.53 47.06
N PHE L 215 -29.78 -11.81 48.38
CA PHE L 215 -28.97 -12.87 48.95
C PHE L 215 -29.84 -14.08 49.26
N TYR L 216 -29.30 -15.27 49.00
CA TYR L 216 -29.98 -16.54 49.25
C TYR L 216 -29.18 -17.28 50.33
N GLY L 217 -29.76 -17.34 51.52
CA GLY L 217 -29.12 -17.97 52.67
C GLY L 217 -29.76 -19.26 53.13
N LEU L 218 -29.66 -19.53 54.45
CA LEU L 218 -30.24 -20.72 55.08
C LEU L 218 -31.76 -20.62 55.07
N SER L 219 -32.45 -21.76 54.90
CA SER L 219 -33.92 -21.81 54.84
C SER L 219 -34.56 -21.78 56.24
N GLU L 220 -35.91 -21.77 56.28
CA GLU L 220 -36.72 -21.80 57.50
C GLU L 220 -36.46 -23.11 58.27
N ASN L 221 -36.34 -24.23 57.52
CA ASN L 221 -36.08 -25.59 58.03
C ASN L 221 -34.77 -25.70 58.82
N ASP L 222 -33.73 -24.94 58.37
CA ASP L 222 -32.39 -24.91 59.00
C ASP L 222 -32.47 -24.48 60.46
N GLU L 223 -31.66 -25.11 61.31
CA GLU L 223 -31.63 -24.87 62.76
C GLU L 223 -31.17 -23.47 63.17
N TRP L 224 -29.85 -23.17 63.06
CA TRP L 224 -29.22 -21.90 63.41
C TRP L 224 -29.32 -21.52 64.90
N THR L 225 -28.19 -21.63 65.61
CA THR L 225 -28.08 -21.29 67.04
C THR L 225 -26.99 -20.23 67.22
N GLN L 226 -27.34 -18.95 66.93
CA GLN L 226 -26.43 -17.81 67.05
C GLN L 226 -27.13 -16.51 67.45
N ASP L 227 -26.39 -15.66 68.22
CA ASP L 227 -26.82 -14.35 68.74
C ASP L 227 -27.27 -13.39 67.64
N ARG L 228 -26.49 -13.32 66.54
CA ARG L 228 -26.83 -12.49 65.38
C ARG L 228 -27.98 -13.12 64.61
N ALA L 229 -28.77 -12.29 63.91
CA ALA L 229 -29.93 -12.71 63.12
C ALA L 229 -29.58 -13.81 62.12
N LYS L 230 -30.52 -14.75 61.91
CA LYS L 230 -30.39 -15.88 61.00
C LYS L 230 -30.14 -15.37 59.57
N PRO L 231 -29.08 -15.85 58.87
CA PRO L 231 -28.82 -15.35 57.52
C PRO L 231 -29.73 -16.04 56.49
N VAL L 232 -31.00 -15.60 56.46
CA VAL L 232 -32.05 -16.14 55.58
C VAL L 232 -32.01 -15.39 54.23
N THR L 233 -32.76 -15.90 53.23
CA THR L 233 -32.91 -15.31 51.90
C THR L 233 -33.55 -13.91 52.06
N GLN L 234 -32.67 -12.89 52.13
CA GLN L 234 -33.05 -11.49 52.35
C GLN L 234 -32.61 -10.54 51.24
N ILE L 235 -33.27 -9.36 51.17
CA ILE L 235 -32.95 -8.29 50.22
C ILE L 235 -32.35 -7.12 51.01
N VAL L 236 -31.10 -6.73 50.67
CA VAL L 236 -30.41 -5.61 51.31
C VAL L 236 -30.29 -4.48 50.27
N SER L 237 -30.85 -3.30 50.57
CA SER L 237 -30.87 -2.15 49.65
C SER L 237 -30.17 -0.91 50.21
N ALA L 238 -29.38 -0.23 49.35
CA ALA L 238 -28.69 1.02 49.68
C ALA L 238 -29.22 2.11 48.73
N GLU L 239 -29.75 3.20 49.31
CA GLU L 239 -30.38 4.29 48.58
C GLU L 239 -29.53 5.56 48.55
N ALA L 240 -29.79 6.43 47.54
CA ALA L 240 -29.14 7.72 47.31
C ALA L 240 -29.97 8.61 46.36
N TRP L 241 -30.19 9.87 46.76
CA TRP L 241 -30.94 10.85 45.98
C TRP L 241 -29.99 11.78 45.24
N GLY L 242 -30.42 12.24 44.07
CA GLY L 242 -29.66 13.18 43.27
C GLY L 242 -29.48 14.52 43.97
N ARG L 243 -28.47 15.31 43.55
CA ARG L 243 -28.18 16.62 44.16
C ARG L 243 -27.47 17.58 43.22
N ALA L 244 -27.88 18.86 43.28
CA ALA L 244 -27.30 19.95 42.47
C ALA L 244 -25.98 20.42 43.08
N ASP L 245 -25.85 20.36 44.42
CA ASP L 245 -24.67 20.75 45.19
C ASP L 245 -23.58 19.66 45.19
#